data_7D92
#
_entry.id   7D92
#
_cell.length_a   84.234
_cell.length_b   84.234
_cell.length_c   646.262
_cell.angle_alpha   90.000
_cell.angle_beta   90.000
_cell.angle_gamma   90.000
#
_symmetry.space_group_name_H-M   'P 43 21 2'
#
loop_
_entity.id
_entity.type
_entity.pdbx_description
1 polymer 'Sodium/potassium-transporting ATPase subunit alpha-1'
2 polymer 'Sodium/potassium-transporting ATPase subunit beta-1'
3 polymer 'FXYD domain-containing ion transport regulator'
4 branched 2-acetamido-2-deoxy-beta-D-glucopyranose-(1-4)-2-acetamido-2-deoxy-beta-D-glucopyranose
5 non-polymer 'MAGNESIUM ION'
6 non-polymer CHOLESTEROL
7 non-polymer 1,2-DIOLEOYL-SN-GLYCERO-3-PHOSPHOCHOLINE
8 non-polymer '[(2~{R},3~{R},4~{R},5~{S},6~{S})-2-[[(1~{R},3~{S},5~{S},8~{R},9~{S},10~{R},11~{R},13~{R},14~{S},17~{R})-10-(hydroxymethyl)-13-methyl-1,5,11,14-tetrakis(oxidanyl)-17-(5-oxidanylidene-2~{H}-furan-3-yl)-2,3,4,6,7,8,9,11,12,15,16,17-dodecahydro-1~{H}-cyclopenta[a]phenanthren-3-yl]oxy]-6-methyl-3,5-bis(oxidanyl)oxan-4-yl] anthracene-9-carboxylate'
9 non-polymer 2-acetamido-2-deoxy-beta-D-glucopyranose
10 water water
#
loop_
_entity_poly.entity_id
_entity_poly.type
_entity_poly.pdbx_seq_one_letter_code
_entity_poly.pdbx_strand_id
1 'polypeptide(L)'
;GRDKYEPAAVSEHGDKKKAKKERDMDELKKEVSMDDHKLSLDELHRKYGTDLSRGLTPARAAEILARDGPNALTPPPTTP
EWVKFCRQLFGGFSMLLWIGAILCFLAYGIQAATEEEPQNDNLYLGVVLSAVVIITGCFSYYQEAKSSKIMESFKNMVPQ
QALVIRNGEKMSINAEEVVVGDLVEVKGGDRIPADLRIISANGCKVDNSSLTGESEPQTRSPDFTNENPLETRNIAFFST
NCVEGTARGIVVYTGDRTVMGRIATLASGLEGGQTPIAAEIEHFIHIITGVAVFLGVSFFILSLILEYTWLEAVIFLIGI
IVANVPEGLLATVTVCLTLTAKRMARKNCLVKNLEAVETLGSTSTICS(BFD)KTGTLTQNRMTVAHMWSDNQIHEADTT
ENQSGVSFDKTSATWLALSRIAGLCNRAVFQANQENLPILKRAVAGDASESALLKCIELCCGSVKEMRERYTKIVEIPFN
STNKYQLSIHKNPNTAEPRHLLVMKGAPERILDRCSSILIHGKEQPLDEELKDAFQNAYLELGGLGERVLGFCHLFLPDE
QFPEGFQFDTDDVNFPLDNLCFVGLISMIDPPRAAVPDAVGKCRSAGIKVIMVTGDHPITAKAIAKGVGIISEGNETVED
IAARLNIPVSQVNPRDAKACVVHGSDLKDMTSEQLDDILKYHTEIVFARTSPQQKLIIVEGCQRQGAIVAVTGDGVNDSP
ASKKADIGVAMGIAGSDVSKQAADMILLDDNFASIVTGVEEGRLIFDNLKKSIAYTLTSNIPEITPFLIFIIANIPLPLG
TVTILCIDLGTDMVPAISLAYEQAESDIMKRQPRNPKTDKLVNEQLISMAYGQIGMIQALGGFFTYFVILAENGFLPIHL
LGLRVNWDDRWINDVEDSYGQQWTYEQRKIVEFTCHTPFFVTIVVVQWADLVICKTRRNSVFQQGMKNKILIFGLFEETA
LAAFLSYCPGMGVALRMYPLKPTWWFCAFPYSLLIFVYDEVRKLIIRRRPGGWVEKETYY
;
A
2 'polypeptide(L)'
;MARGKAKEEGSWKKFIWNSEKKEFLGRTGGSWFKILLFYVIFYGCLAGIFIGTIQVMLLTISEFKPTYQDRVAPPGLTQI
PQSQKTEISFRPNDPQSYESYVVSIVRFLEKYKDLAQKDDMIFEDCGNVPSELKERGEYNNERGERKVCRFRLEWLGNCS
GLNDETYGYKDGKPCVIIKLNRVLGFKPKPPKNESLETYPVMKYNPYVLPVHCTGKRDEDKEKVGTMEYFGLGGYPGFPL
QYYPYYGKLLQPKYLQPLMAVQFTNLTMDTEIRIECKAYGENIGYSEKDRFQGRFDVKIEVKS
;
B
3 'polypeptide(L)' MAGLSTDDGGSPKGDVDPFYYDYETVRNGGLIFAALAFIVGLIIILSKRLRCGGKKHRPINEDEL G
#
loop_
_chem_comp.id
_chem_comp.type
_chem_comp.name
_chem_comp.formula
CLR non-polymer CHOLESTEROL 'C27 H46 O'
H0C non-polymer '[(2~{R},3~{R},4~{R},5~{S},6~{S})-2-[[(1~{R},3~{S},5~{S},8~{R},9~{S},10~{R},11~{R},13~{R},14~{S},17~{R})-10-(hydroxymethyl)-13-methyl-1,5,11,14-tetrakis(oxidanyl)-17-(5-oxidanylidene-2~{H}-furan-3-yl)-2,3,4,6,7,8,9,11,12,15,16,17-dodecahydro-1~{H}-cyclopenta[a]phenanthren-3-yl]oxy]-6-methyl-3,5-bis(oxidanyl)oxan-4-yl] anthracene-9-carboxylate' 'C44 H52 O13'
MG non-polymer 'MAGNESIUM ION' 'Mg 2'
NAG D-saccharide, beta linking 2-acetamido-2-deoxy-beta-D-glucopyranose 'C8 H15 N O6'
PCW non-polymer 1,2-DIOLEOYL-SN-GLYCERO-3-PHOSPHOCHOLINE 'C44 H85 N O8 P 1'
#
# COMPACT_ATOMS: atom_id res chain seq x y z
N LYS A 21 -17.56 -10.60 31.26
CA LYS A 21 -18.87 -9.97 31.17
C LYS A 21 -18.75 -8.55 30.63
N GLU A 22 -17.69 -8.27 29.85
CA GLU A 22 -17.52 -6.94 29.29
C GLU A 22 -18.55 -6.63 28.23
N ARG A 23 -19.19 -7.67 27.65
CA ARG A 23 -20.22 -7.46 26.64
C ARG A 23 -21.41 -6.70 27.22
N ASP A 24 -21.65 -6.85 28.53
CA ASP A 24 -22.73 -6.15 29.19
C ASP A 24 -22.30 -4.74 29.62
N MET A 25 -21.02 -4.57 29.98
CA MET A 25 -20.54 -3.24 30.35
C MET A 25 -20.61 -2.30 29.15
N ASP A 26 -20.24 -2.82 27.97
CA ASP A 26 -20.31 -2.01 26.77
C ASP A 26 -21.74 -1.56 26.49
N GLU A 27 -22.71 -2.46 26.68
CA GLU A 27 -24.11 -2.10 26.46
C GLU A 27 -24.59 -1.12 27.53
N LEU A 28 -24.12 -1.26 28.77
CA LEU A 28 -24.50 -0.33 29.82
C LEU A 28 -24.02 1.07 29.48
N LYS A 29 -22.84 1.16 28.83
CA LYS A 29 -22.34 2.45 28.40
C LYS A 29 -23.07 2.94 27.16
N LYS A 30 -23.64 2.00 26.38
CA LYS A 30 -24.40 2.36 25.19
C LYS A 30 -25.77 2.94 25.54
N GLU A 31 -26.35 2.51 26.66
CA GLU A 31 -27.66 2.99 27.07
C GLU A 31 -27.61 4.49 27.41
N VAL A 32 -28.72 5.17 27.14
CA VAL A 32 -28.82 6.59 27.43
C VAL A 32 -28.64 6.79 28.94
N SER A 33 -28.11 7.96 29.31
CA SER A 33 -27.86 8.25 30.71
C SER A 33 -29.12 8.78 31.41
N MET A 34 -29.08 8.73 32.74
CA MET A 34 -30.14 9.20 33.62
C MET A 34 -29.50 10.06 34.70
N ASP A 35 -30.32 10.79 35.45
CA ASP A 35 -29.76 11.65 36.48
C ASP A 35 -30.73 11.82 37.64
N ASP A 36 -30.30 12.64 38.59
CA ASP A 36 -31.03 13.03 39.80
C ASP A 36 -31.02 14.55 39.91
N HIS A 37 -31.09 15.22 38.76
CA HIS A 37 -31.09 16.68 38.72
C HIS A 37 -32.36 17.27 39.32
N LYS A 38 -33.51 16.64 39.04
CA LYS A 38 -34.80 17.11 39.53
C LYS A 38 -34.98 16.85 41.02
N LEU A 39 -34.25 17.59 41.86
CA LEU A 39 -34.34 17.46 43.30
C LEU A 39 -34.34 18.85 43.91
N SER A 40 -35.10 19.02 44.99
CA SER A 40 -35.12 20.31 45.65
C SER A 40 -33.73 20.61 46.20
N LEU A 41 -33.43 21.90 46.38
CA LEU A 41 -32.13 22.30 46.89
C LEU A 41 -31.81 21.59 48.22
N ASP A 42 -32.83 21.37 49.04
CA ASP A 42 -32.62 20.66 50.30
C ASP A 42 -32.38 19.19 50.03
N GLU A 43 -33.09 18.61 49.05
CA GLU A 43 -32.90 17.22 48.70
C GLU A 43 -31.53 17.01 48.04
N LEU A 44 -31.11 17.98 47.24
CA LEU A 44 -29.79 17.89 46.59
C LEU A 44 -28.69 17.98 47.64
N HIS A 45 -28.83 18.88 48.61
CA HIS A 45 -27.83 19.00 49.67
C HIS A 45 -27.91 17.81 50.62
N ARG A 46 -29.02 17.07 50.62
CA ARG A 46 -29.19 15.91 51.49
C ARG A 46 -28.52 14.67 50.89
N LYS A 47 -28.63 14.48 49.58
CA LYS A 47 -28.03 13.30 48.96
C LYS A 47 -26.50 13.32 49.06
N TYR A 48 -25.89 14.50 48.91
CA TYR A 48 -24.44 14.62 48.96
C TYR A 48 -23.90 15.13 50.28
N GLY A 49 -24.69 15.88 51.06
CA GLY A 49 -24.20 16.40 52.33
C GLY A 49 -23.20 17.53 52.13
N THR A 50 -23.66 18.63 51.54
CA THR A 50 -22.81 19.79 51.26
C THR A 50 -23.59 21.08 51.51
N ASP A 51 -22.92 22.08 52.07
CA ASP A 51 -23.55 23.36 52.33
C ASP A 51 -23.85 24.07 51.01
N LEU A 52 -25.00 24.74 50.96
CA LEU A 52 -25.39 25.45 49.74
C LEU A 52 -24.64 26.76 49.55
N SER A 53 -24.00 27.30 50.58
CA SER A 53 -23.28 28.55 50.46
C SER A 53 -21.82 28.50 50.89
N ARG A 54 -21.42 27.55 51.74
CA ARG A 54 -20.04 27.45 52.18
C ARG A 54 -19.31 26.22 51.64
N GLY A 55 -19.98 25.39 50.84
CA GLY A 55 -19.36 24.21 50.28
C GLY A 55 -19.09 23.12 51.30
N LEU A 56 -17.84 22.75 51.48
CA LEU A 56 -17.47 21.72 52.44
C LEU A 56 -16.15 22.10 53.09
N THR A 57 -15.90 21.52 54.25
CA THR A 57 -14.66 21.78 54.97
C THR A 57 -13.47 21.25 54.18
N PRO A 58 -12.30 21.88 54.31
CA PRO A 58 -11.11 21.39 53.58
C PRO A 58 -10.76 19.95 53.92
N ALA A 59 -11.02 19.51 55.15
CA ALA A 59 -10.73 18.12 55.51
C ALA A 59 -11.63 17.15 54.76
N ARG A 60 -12.86 17.59 54.44
CA ARG A 60 -13.81 16.77 53.71
C ARG A 60 -13.34 16.52 52.27
N ALA A 61 -12.40 17.34 51.77
CA ALA A 61 -11.90 17.17 50.41
C ALA A 61 -11.02 15.92 50.28
N ALA A 62 -10.12 15.69 51.24
CA ALA A 62 -9.25 14.52 51.20
C ALA A 62 -10.00 13.21 51.42
N GLU A 63 -11.25 13.29 51.89
CA GLU A 63 -12.09 12.13 52.12
C GLU A 63 -12.73 11.64 50.82
N ILE A 64 -12.77 12.49 49.79
CA ILE A 64 -13.37 12.14 48.51
C ILE A 64 -12.31 12.12 47.40
N LEU A 65 -11.24 12.91 47.56
CA LEU A 65 -10.19 12.93 46.54
C LEU A 65 -9.42 11.62 46.52
N ALA A 66 -9.10 11.09 47.69
CA ALA A 66 -8.41 9.82 47.82
C ALA A 66 -9.37 8.65 47.93
N ARG A 67 -10.66 8.88 47.68
CA ARG A 67 -11.66 7.82 47.77
C ARG A 67 -11.99 7.21 46.41
N ASP A 68 -12.44 8.02 45.46
CA ASP A 68 -12.78 7.53 44.13
C ASP A 68 -11.71 7.84 43.09
N GLY A 69 -10.92 8.88 43.29
CA GLY A 69 -9.89 9.24 42.35
C GLY A 69 -9.98 10.69 41.95
N PRO A 70 -8.86 11.27 41.51
CA PRO A 70 -8.86 12.69 41.10
C PRO A 70 -9.82 12.95 39.95
N ASN A 71 -10.31 14.19 39.89
CA ASN A 71 -11.27 14.62 38.86
C ASN A 71 -10.52 14.76 37.54
N ALA A 72 -10.38 13.64 36.85
CA ALA A 72 -9.70 13.56 35.56
C ALA A 72 -10.02 12.21 34.95
N LEU A 73 -10.23 12.20 33.63
CA LEU A 73 -10.52 10.95 32.93
C LEU A 73 -9.31 10.04 32.98
N THR A 74 -9.55 8.74 33.11
CA THR A 74 -8.45 7.80 33.14
C THR A 74 -7.74 7.85 31.79
N PRO A 75 -6.43 8.05 31.75
CA PRO A 75 -5.71 8.11 30.48
C PRO A 75 -6.00 6.87 29.65
N PRO A 76 -6.13 7.02 28.33
CA PRO A 76 -6.44 5.86 27.47
C PRO A 76 -5.41 4.76 27.62
N PRO A 77 -5.76 3.53 27.26
CA PRO A 77 -4.80 2.41 27.41
C PRO A 77 -3.58 2.61 26.54
N THR A 78 -2.42 2.28 27.12
CA THR A 78 -1.14 2.44 26.44
C THR A 78 -0.68 1.14 25.79
N THR A 79 -0.33 1.21 24.51
CA THR A 79 0.16 0.09 23.71
C THR A 79 1.62 0.36 23.41
N PRO A 80 2.57 -0.30 24.14
CA PRO A 80 4.01 -0.04 23.95
C PRO A 80 4.57 -0.07 22.53
N GLU A 81 5.78 0.49 22.41
CA GLU A 81 6.49 0.62 21.14
C GLU A 81 6.63 -0.69 20.38
N TRP A 82 7.24 -1.71 21.00
CA TRP A 82 7.47 -2.98 20.30
C TRP A 82 6.17 -3.67 19.87
N VAL A 83 5.03 -3.29 20.45
CA VAL A 83 3.78 -3.93 20.06
C VAL A 83 3.47 -3.63 18.60
N LYS A 84 3.63 -2.36 18.16
CA LYS A 84 3.36 -2.04 16.76
C LYS A 84 4.35 -2.73 15.84
N PHE A 85 5.60 -2.87 16.29
CA PHE A 85 6.61 -3.57 15.52
C PHE A 85 6.16 -4.99 15.22
N CYS A 86 5.69 -5.69 16.25
CA CYS A 86 5.22 -7.07 16.03
C CYS A 86 3.88 -7.10 15.29
N ARG A 87 3.03 -6.07 15.48
CA ARG A 87 1.74 -6.03 14.78
C ARG A 87 1.98 -6.04 13.28
N GLN A 88 2.90 -5.20 12.81
CA GLN A 88 3.20 -5.19 11.39
C GLN A 88 4.05 -6.38 11.00
N LEU A 89 4.80 -6.95 11.95
CA LEU A 89 5.60 -8.13 11.64
C LEU A 89 4.73 -9.33 11.30
N PHE A 90 3.55 -9.45 11.91
CA PHE A 90 2.67 -10.58 11.60
C PHE A 90 1.69 -10.27 10.47
N GLY A 91 0.79 -9.32 10.68
CA GLY A 91 -0.20 -8.86 9.70
C GLY A 91 -0.93 -9.96 8.95
N GLY A 92 -1.35 -9.65 7.73
CA GLY A 92 -2.05 -10.59 6.88
C GLY A 92 -1.26 -10.96 5.65
N PHE A 93 -0.53 -9.97 5.12
CA PHE A 93 0.31 -10.24 3.94
C PHE A 93 1.63 -10.86 4.37
N SER A 94 2.18 -10.37 5.48
CA SER A 94 3.44 -10.91 5.98
C SER A 94 3.30 -12.37 6.38
N MET A 95 2.08 -12.84 6.64
CA MET A 95 1.90 -14.25 7.00
C MET A 95 2.21 -15.15 5.81
N LEU A 96 1.88 -14.71 4.59
CA LEU A 96 2.18 -15.51 3.42
C LEU A 96 3.69 -15.66 3.25
N LEU A 97 4.44 -14.58 3.50
CA LEU A 97 5.88 -14.68 3.40
C LEU A 97 6.48 -15.46 4.57
N TRP A 98 5.85 -15.38 5.75
CA TRP A 98 6.36 -16.15 6.88
C TRP A 98 6.20 -17.65 6.61
N ILE A 99 5.04 -18.05 6.07
CA ILE A 99 4.85 -19.47 5.76
C ILE A 99 5.76 -19.85 4.60
N GLY A 100 6.07 -18.93 3.69
CA GLY A 100 7.00 -19.26 2.62
C GLY A 100 8.39 -19.53 3.16
N ALA A 101 8.86 -18.68 4.06
CA ALA A 101 10.18 -18.87 4.67
C ALA A 101 10.20 -20.15 5.49
N ILE A 102 9.09 -20.46 6.17
CA ILE A 102 9.01 -21.69 6.95
C ILE A 102 9.10 -22.89 6.02
N LEU A 103 8.39 -22.83 4.89
CA LEU A 103 8.46 -23.90 3.92
C LEU A 103 9.86 -24.01 3.34
N CYS A 104 10.56 -22.89 3.22
CA CYS A 104 11.93 -22.91 2.71
C CYS A 104 12.83 -23.67 3.67
N PHE A 105 12.71 -23.37 4.96
CA PHE A 105 13.53 -24.08 5.95
C PHE A 105 13.15 -25.56 6.02
N LEU A 106 11.86 -25.87 5.88
CA LEU A 106 11.42 -27.27 5.89
C LEU A 106 11.96 -28.01 4.69
N ALA A 107 11.89 -27.39 3.51
CA ALA A 107 12.42 -28.01 2.30
C ALA A 107 13.93 -28.16 2.40
N TYR A 108 14.60 -27.21 3.04
CA TYR A 108 16.05 -27.31 3.19
C TYR A 108 16.42 -28.46 4.11
N GLY A 109 15.63 -28.68 5.17
CA GLY A 109 15.91 -29.80 6.04
C GLY A 109 15.72 -31.12 5.32
N ILE A 110 14.64 -31.21 4.52
CA ILE A 110 14.38 -32.43 3.76
C ILE A 110 15.46 -32.64 2.69
N GLN A 111 16.03 -31.56 2.14
CA GLN A 111 17.07 -31.66 1.13
C GLN A 111 18.44 -31.95 1.75
N ALA A 112 18.67 -31.54 2.98
CA ALA A 112 19.95 -31.77 3.64
C ALA A 112 20.05 -33.19 4.18
N ALA A 113 18.94 -33.72 4.70
CA ALA A 113 19.03 -35.09 5.24
C ALA A 113 19.16 -36.16 4.14
N THR A 114 19.35 -35.86 2.86
CA THR A 114 19.45 -36.92 1.86
C THR A 114 20.70 -36.86 1.00
N GLU A 115 21.24 -35.67 0.77
CA GLU A 115 22.42 -35.52 -0.06
C GLU A 115 23.64 -35.22 0.79
N GLU A 116 24.83 -35.42 0.19
CA GLU A 116 26.14 -35.16 0.78
C GLU A 116 26.26 -33.64 0.74
N GLU A 117 27.45 -33.03 0.48
CA GLU A 117 27.57 -31.57 0.52
C GLU A 117 26.46 -30.85 -0.25
N PRO A 118 25.45 -30.36 0.46
CA PRO A 118 24.29 -29.76 -0.18
C PRO A 118 24.55 -28.35 -0.69
N GLN A 119 23.54 -27.83 -1.37
CA GLN A 119 23.55 -26.50 -1.97
C GLN A 119 22.76 -25.53 -1.10
N ASN A 120 23.32 -24.33 -0.95
CA ASN A 120 22.83 -23.20 -0.13
C ASN A 120 21.67 -22.38 -0.75
N ASP A 121 21.02 -22.86 -1.81
CA ASP A 121 19.95 -22.11 -2.46
C ASP A 121 18.77 -21.82 -1.52
N ASN A 122 18.18 -22.88 -0.96
CA ASN A 122 16.99 -22.73 -0.11
C ASN A 122 17.27 -21.94 1.17
N LEU A 123 18.45 -22.10 1.76
CA LEU A 123 18.76 -21.36 2.99
C LEU A 123 18.75 -19.86 2.71
N TYR A 124 19.38 -19.46 1.59
CA TYR A 124 19.39 -18.05 1.24
C TYR A 124 17.97 -17.55 0.97
N LEU A 125 17.14 -18.38 0.32
CA LEU A 125 15.77 -17.97 0.05
C LEU A 125 14.98 -17.77 1.34
N GLY A 126 15.15 -18.67 2.30
CA GLY A 126 14.42 -18.55 3.56
C GLY A 126 14.81 -17.30 4.33
N VAL A 127 16.12 -17.06 4.45
CA VAL A 127 16.54 -15.86 5.18
C VAL A 127 16.08 -14.61 4.43
N VAL A 128 16.01 -14.67 3.09
CA VAL A 128 15.55 -13.51 2.33
C VAL A 128 14.09 -13.21 2.61
N LEU A 129 13.24 -14.24 2.62
CA LEU A 129 11.81 -14.01 2.90
C LEU A 129 11.62 -13.44 4.31
N SER A 130 12.40 -13.95 5.27
CA SER A 130 12.28 -13.43 6.64
C SER A 130 12.66 -11.95 6.68
N ALA A 131 13.75 -11.59 5.99
CA ALA A 131 14.17 -10.19 5.94
C ALA A 131 13.14 -9.33 5.25
N VAL A 132 12.45 -9.86 4.23
CA VAL A 132 11.43 -9.08 3.54
C VAL A 132 10.31 -8.72 4.51
N VAL A 133 9.86 -9.71 5.29
CA VAL A 133 8.81 -9.44 6.26
C VAL A 133 9.26 -8.39 7.27
N ILE A 134 10.48 -8.55 7.78
CA ILE A 134 10.98 -7.60 8.78
C ILE A 134 11.13 -6.20 8.19
N ILE A 135 11.61 -6.09 6.95
CA ILE A 135 11.77 -4.80 6.30
C ILE A 135 10.43 -4.11 6.13
N THR A 136 9.41 -4.86 5.69
CA THR A 136 8.09 -4.26 5.51
C THR A 136 7.54 -3.78 6.85
N GLY A 137 7.68 -4.59 7.89
CA GLY A 137 7.20 -4.19 9.20
C GLY A 137 7.89 -2.94 9.71
N CYS A 138 9.21 -2.85 9.48
CA CYS A 138 9.98 -1.69 9.92
C CYS A 138 9.53 -0.43 9.20
N PHE A 139 9.38 -0.50 7.87
CA PHE A 139 8.95 0.68 7.12
C PHE A 139 7.55 1.13 7.53
N SER A 140 6.63 0.17 7.69
CA SER A 140 5.27 0.51 8.11
C SER A 140 5.26 1.12 9.50
N TYR A 141 6.06 0.55 10.41
CA TYR A 141 6.13 1.09 11.77
C TYR A 141 6.70 2.49 11.77
N TYR A 142 7.70 2.74 10.93
CA TYR A 142 8.29 4.08 10.85
C TYR A 142 7.27 5.11 10.38
N GLN A 143 6.49 4.76 9.36
CA GLN A 143 5.48 5.71 8.86
C GLN A 143 4.40 5.98 9.91
N GLU A 144 3.85 4.91 10.52
CA GLU A 144 2.80 5.12 11.52
C GLU A 144 3.34 5.85 12.75
N ALA A 145 4.60 5.59 13.13
CA ALA A 145 5.17 6.27 14.28
C ALA A 145 5.39 7.74 13.98
N LYS A 146 5.79 8.07 12.74
CA LYS A 146 5.96 9.47 12.39
C LYS A 146 4.63 10.21 12.48
N SER A 147 3.55 9.54 12.06
CA SER A 147 2.23 10.15 12.15
C SER A 147 1.86 10.42 13.61
N SER A 148 2.07 9.43 14.48
CA SER A 148 1.74 9.63 15.90
C SER A 148 2.62 10.69 16.55
N LYS A 149 3.89 10.80 16.14
CA LYS A 149 4.78 11.81 16.72
C LYS A 149 4.33 13.22 16.36
N ILE A 150 4.07 13.45 15.06
CA ILE A 150 3.62 14.79 14.68
C ILE A 150 2.25 15.07 15.29
N MET A 151 1.46 14.02 15.57
CA MET A 151 0.17 14.26 16.21
C MET A 151 0.38 14.64 17.67
N GLU A 152 1.41 14.09 18.31
CA GLU A 152 1.69 14.44 19.70
C GLU A 152 2.19 15.87 19.80
N SER A 153 2.87 16.36 18.76
CA SER A 153 3.35 17.74 18.80
C SER A 153 2.23 18.78 18.63
N PHE A 154 0.97 18.35 18.54
CA PHE A 154 -0.16 19.25 18.37
C PHE A 154 -1.19 19.18 19.49
N LYS A 155 -1.10 18.19 20.38
CA LYS A 155 -2.06 18.02 21.49
C LYS A 155 -1.50 18.49 22.83
N ASN A 156 -0.76 19.61 22.86
CA ASN A 156 -0.18 20.11 24.10
C ASN A 156 -1.26 20.81 24.94
N MET A 157 -2.11 20.00 25.55
CA MET A 157 -3.18 20.51 26.40
C MET A 157 -2.61 20.91 27.76
N VAL A 158 -3.00 22.08 28.25
CA VAL A 158 -2.53 22.63 29.52
C VAL A 158 -3.61 22.50 30.59
N PRO A 159 -3.26 22.25 31.86
CA PRO A 159 -4.29 22.13 32.90
C PRO A 159 -5.07 23.42 33.11
N GLN A 160 -6.35 23.25 33.46
CA GLN A 160 -7.27 24.35 33.74
C GLN A 160 -7.88 24.10 35.10
N GLN A 161 -7.50 24.92 36.07
CA GLN A 161 -8.01 24.77 37.43
C GLN A 161 -9.41 25.35 37.56
N ALA A 162 -10.08 24.94 38.64
CA ALA A 162 -11.44 25.35 38.98
C ALA A 162 -11.47 26.30 40.17
N LEU A 163 -12.54 27.09 40.23
CA LEU A 163 -12.77 28.06 41.29
C LEU A 163 -13.77 27.41 42.25
N VAL A 164 -13.26 26.79 43.32
CA VAL A 164 -14.09 26.09 44.29
C VAL A 164 -14.23 26.92 45.57
N ILE A 165 -15.41 26.89 46.17
CA ILE A 165 -15.69 27.61 47.40
C ILE A 165 -15.68 26.59 48.53
N ARG A 166 -14.69 26.67 49.40
CA ARG A 166 -14.58 25.73 50.50
C ARG A 166 -14.37 26.49 51.80
N ASN A 167 -15.05 26.03 52.86
CA ASN A 167 -15.00 26.64 54.19
C ASN A 167 -15.46 28.10 54.15
N GLY A 168 -16.30 28.44 53.17
CA GLY A 168 -16.78 29.80 53.02
C GLY A 168 -15.79 30.73 52.35
N GLU A 169 -14.63 30.24 51.94
CA GLU A 169 -13.61 31.04 51.30
C GLU A 169 -13.36 30.53 49.88
N LYS A 170 -13.19 31.48 48.95
CA LYS A 170 -12.93 31.14 47.56
C LYS A 170 -11.49 30.69 47.40
N MET A 171 -11.30 29.62 46.64
CA MET A 171 -9.97 29.09 46.41
C MET A 171 -9.92 28.44 45.04
N SER A 172 -8.89 28.79 44.28
CA SER A 172 -8.70 28.26 42.93
C SER A 172 -7.75 27.07 43.05
N ILE A 173 -8.27 25.87 42.79
CA ILE A 173 -7.49 24.64 42.89
C ILE A 173 -7.58 23.88 41.58
N ASN A 174 -6.59 23.01 41.35
CA ASN A 174 -6.53 22.22 40.12
C ASN A 174 -7.82 21.43 39.90
N ALA A 175 -8.15 21.22 38.62
CA ALA A 175 -9.36 20.48 38.27
C ALA A 175 -9.34 19.07 38.82
N GLU A 176 -8.16 18.44 38.90
CA GLU A 176 -8.06 17.08 39.42
C GLU A 176 -8.28 17.03 40.92
N GLU A 177 -8.16 18.15 41.61
CA GLU A 177 -8.37 18.18 43.06
C GLU A 177 -9.83 18.40 43.43
N VAL A 178 -10.72 18.52 42.44
CA VAL A 178 -12.13 18.72 42.69
C VAL A 178 -12.76 17.38 43.04
N VAL A 179 -13.71 17.38 43.97
CA VAL A 179 -14.37 16.15 44.41
C VAL A 179 -15.86 16.23 44.13
N VAL A 180 -16.60 15.21 44.52
CA VAL A 180 -18.04 15.16 44.31
C VAL A 180 -18.75 15.89 45.44
N GLY A 181 -19.59 16.85 45.09
CA GLY A 181 -20.35 17.59 46.09
C GLY A 181 -19.68 18.74 46.82
N ASP A 182 -19.17 19.72 46.07
CA ASP A 182 -18.56 20.90 46.67
C ASP A 182 -18.89 22.07 45.76
N LEU A 183 -19.39 23.15 46.37
CA LEU A 183 -19.79 24.34 45.63
C LEU A 183 -18.69 24.84 44.70
N VAL A 184 -19.05 25.04 43.44
CA VAL A 184 -18.13 25.53 42.41
C VAL A 184 -18.77 26.72 41.73
N GLU A 185 -18.01 27.80 41.59
CA GLU A 185 -18.44 29.04 40.96
C GLU A 185 -17.77 29.16 39.60
N VAL A 186 -18.57 29.16 38.54
CA VAL A 186 -18.05 29.28 37.18
C VAL A 186 -18.34 30.69 36.69
N LYS A 187 -17.28 31.40 36.35
CA LYS A 187 -17.31 32.76 35.85
C LYS A 187 -17.34 32.74 34.32
N GLY A 188 -17.85 33.83 33.75
CA GLY A 188 -17.92 33.94 32.31
C GLY A 188 -16.54 33.91 31.70
N GLY A 189 -16.19 32.78 31.09
CA GLY A 189 -14.88 32.60 30.48
C GLY A 189 -14.19 31.35 30.97
N ASP A 190 -14.65 30.81 32.10
CA ASP A 190 -14.08 29.61 32.67
C ASP A 190 -14.76 28.37 32.09
N ARG A 191 -13.99 27.29 31.99
CA ARG A 191 -14.49 26.04 31.47
C ARG A 191 -15.08 25.23 32.61
N ILE A 192 -16.26 24.65 32.38
CA ILE A 192 -16.94 23.85 33.40
C ILE A 192 -16.04 22.68 33.77
N PRO A 193 -15.52 22.66 34.99
CA PRO A 193 -14.61 21.58 35.41
C PRO A 193 -15.22 20.19 35.39
N ALA A 194 -16.30 19.99 36.12
CA ALA A 194 -16.97 18.70 36.18
C ALA A 194 -18.46 18.92 36.02
N ASP A 195 -19.22 17.82 36.04
CA ASP A 195 -20.66 17.90 35.90
C ASP A 195 -21.25 18.53 37.16
N LEU A 196 -21.89 19.69 37.00
CA LEU A 196 -22.47 20.42 38.11
C LEU A 196 -23.99 20.44 38.06
N ARG A 197 -24.57 20.81 39.19
CA ARG A 197 -26.00 20.99 39.37
C ARG A 197 -26.13 22.45 39.76
N ILE A 198 -26.61 23.25 38.80
CA ILE A 198 -26.77 24.68 38.98
C ILE A 198 -27.75 24.96 40.11
N ILE A 199 -27.38 25.88 40.99
CA ILE A 199 -28.24 26.28 42.10
C ILE A 199 -28.52 27.77 42.08
N SER A 200 -27.66 28.56 41.46
CA SER A 200 -27.85 30.00 41.37
C SER A 200 -27.07 30.52 40.18
N ALA A 201 -27.79 31.04 39.19
CA ALA A 201 -27.19 31.58 37.98
C ALA A 201 -27.62 33.03 37.78
N ASN A 202 -26.89 33.73 36.91
CA ASN A 202 -27.18 35.12 36.61
C ASN A 202 -27.08 35.37 35.11
N GLY A 203 -27.68 34.46 34.33
CA GLY A 203 -27.65 34.61 32.89
C GLY A 203 -26.44 33.90 32.30
N CYS A 204 -26.11 32.74 32.85
CA CYS A 204 -24.99 31.95 32.37
C CYS A 204 -25.44 31.17 31.15
N LYS A 205 -24.68 31.23 30.06
CA LYS A 205 -25.00 30.52 28.83
C LYS A 205 -23.83 29.58 28.51
N VAL A 206 -23.93 28.33 28.94
CA VAL A 206 -22.86 27.39 28.68
C VAL A 206 -22.89 26.96 27.22
N ASP A 207 -21.71 26.60 26.70
CA ASP A 207 -21.52 26.16 25.32
C ASP A 207 -21.45 24.64 25.30
N ASN A 208 -22.59 24.00 25.08
CA ASN A 208 -22.67 22.53 25.02
C ASN A 208 -22.48 22.06 23.58
N SER A 209 -21.40 22.53 22.97
CA SER A 209 -21.11 22.18 21.57
C SER A 209 -20.38 20.84 21.48
N SER A 210 -19.29 20.70 22.24
CA SER A 210 -18.49 19.48 22.19
C SER A 210 -19.22 18.27 22.75
N LEU A 211 -20.18 18.45 23.67
CA LEU A 211 -20.84 17.30 24.27
C LEU A 211 -22.15 16.91 23.60
N THR A 212 -23.15 17.80 23.56
CA THR A 212 -24.41 17.43 22.96
C THR A 212 -24.55 17.84 21.51
N GLY A 213 -23.96 18.96 21.11
CA GLY A 213 -24.02 19.43 19.74
C GLY A 213 -24.90 20.65 19.52
N GLU A 214 -25.46 21.23 20.58
CA GLU A 214 -26.31 22.42 20.45
C GLU A 214 -25.43 23.59 20.03
N SER A 215 -25.66 24.10 18.82
CA SER A 215 -24.86 25.21 18.29
C SER A 215 -25.03 26.47 19.13
N GLU A 216 -26.25 27.00 19.19
CA GLU A 216 -26.49 28.22 19.96
C GLU A 216 -26.23 27.95 21.44
N PRO A 217 -25.44 28.79 22.12
CA PRO A 217 -25.15 28.57 23.54
C PRO A 217 -26.42 28.49 24.36
N GLN A 218 -26.55 27.42 25.13
CA GLN A 218 -27.75 27.20 25.94
C GLN A 218 -27.58 27.78 27.33
N THR A 219 -28.58 28.55 27.76
CA THR A 219 -28.54 29.15 29.08
C THR A 219 -28.79 28.09 30.15
N ARG A 220 -28.16 28.30 31.30
CA ARG A 220 -28.25 27.41 32.45
C ARG A 220 -29.08 28.09 33.53
N SER A 221 -30.20 27.49 33.87
CA SER A 221 -31.11 27.98 34.88
C SER A 221 -31.13 27.02 36.06
N PRO A 222 -31.07 27.53 37.30
CA PRO A 222 -31.07 26.62 38.47
C PRO A 222 -32.31 25.74 38.59
N ASP A 223 -33.44 26.17 38.02
CA ASP A 223 -34.66 25.38 38.10
C ASP A 223 -34.70 24.30 37.02
N PHE A 224 -35.20 23.13 37.40
CA PHE A 224 -35.31 22.01 36.49
C PHE A 224 -36.28 22.36 35.35
N THR A 225 -35.85 22.13 34.11
CA THR A 225 -36.64 22.44 32.93
C THR A 225 -37.09 21.22 32.14
N ASN A 226 -36.18 20.36 31.70
CA ASN A 226 -36.53 19.19 30.91
C ASN A 226 -36.10 17.91 31.63
N GLU A 227 -36.89 16.85 31.39
CA GLU A 227 -36.60 15.55 32.01
C GLU A 227 -35.26 15.02 31.56
N ASN A 228 -34.90 15.26 30.30
CA ASN A 228 -33.64 14.81 29.75
C ASN A 228 -32.52 15.55 30.47
N PRO A 229 -31.58 14.85 31.11
CA PRO A 229 -30.49 15.54 31.81
C PRO A 229 -29.62 16.40 30.90
N LEU A 230 -29.74 16.28 29.58
CA LEU A 230 -28.96 17.07 28.63
C LEU A 230 -29.70 18.37 28.27
N GLU A 231 -30.94 18.23 27.78
CA GLU A 231 -31.73 19.39 27.40
C GLU A 231 -32.03 20.29 28.58
N THR A 232 -31.98 19.77 29.80
CA THR A 232 -32.26 20.58 30.98
C THR A 232 -31.20 21.66 31.14
N ARG A 233 -31.58 22.75 31.80
CA ARG A 233 -30.69 23.87 32.02
C ARG A 233 -30.06 23.88 33.42
N ASN A 234 -30.47 22.98 34.32
CA ASN A 234 -29.90 22.94 35.65
C ASN A 234 -28.72 21.98 35.76
N ILE A 235 -28.03 21.71 34.66
CA ILE A 235 -26.89 20.79 34.67
C ILE A 235 -25.78 21.35 33.80
N ALA A 236 -24.58 21.46 34.37
CA ALA A 236 -23.39 21.89 33.67
C ALA A 236 -22.62 20.63 33.34
N PHE A 237 -21.97 20.60 32.18
CA PHE A 237 -21.27 19.39 31.75
C PHE A 237 -19.76 19.57 31.64
N PHE A 238 -19.08 18.43 31.71
CA PHE A 238 -17.62 18.40 31.58
C PHE A 238 -17.24 18.76 30.15
N SER A 239 -16.12 19.46 30.01
CA SER A 239 -15.55 19.90 28.73
C SER A 239 -16.41 20.97 28.04
N THR A 240 -17.17 21.74 28.81
CA THR A 240 -17.98 22.80 28.26
C THR A 240 -17.50 24.13 28.84
N ASN A 241 -17.49 25.16 28.00
CA ASN A 241 -17.04 26.49 28.40
C ASN A 241 -18.22 27.39 28.70
N CYS A 242 -18.06 28.24 29.72
CA CYS A 242 -19.09 29.20 30.12
C CYS A 242 -18.92 30.44 29.25
N VAL A 243 -19.79 30.61 28.26
CA VAL A 243 -19.70 31.74 27.33
C VAL A 243 -19.85 33.07 28.07
N GLU A 244 -20.96 33.25 28.77
CA GLU A 244 -21.20 34.49 29.50
C GLU A 244 -21.93 34.18 30.80
N GLY A 245 -22.15 35.23 31.60
CA GLY A 245 -22.83 35.09 32.86
C GLY A 245 -21.99 34.32 33.88
N THR A 246 -22.59 34.14 35.06
CA THR A 246 -21.93 33.42 36.13
C THR A 246 -22.93 32.45 36.74
N ALA A 247 -22.40 31.41 37.39
CA ALA A 247 -23.32 30.43 37.99
C ALA A 247 -22.62 29.67 39.11
N ARG A 248 -23.44 29.08 39.97
CA ARG A 248 -23.01 28.29 41.11
C ARG A 248 -23.55 26.88 40.97
N GLY A 249 -22.83 25.89 41.52
CA GLY A 249 -23.34 24.53 41.41
C GLY A 249 -22.62 23.51 42.26
N ILE A 250 -23.35 22.43 42.55
CA ILE A 250 -22.81 21.32 43.34
C ILE A 250 -22.34 20.23 42.39
N VAL A 251 -21.15 19.68 42.66
CA VAL A 251 -20.60 18.63 41.80
C VAL A 251 -21.42 17.36 41.96
N VAL A 252 -21.91 16.83 40.83
CA VAL A 252 -22.69 15.61 40.81
C VAL A 252 -21.81 14.43 40.42
N TYR A 253 -21.15 14.52 39.27
CA TYR A 253 -20.27 13.48 38.77
C TYR A 253 -18.85 14.02 38.62
N THR A 254 -17.87 13.13 38.79
CA THR A 254 -16.48 13.51 38.67
C THR A 254 -15.72 12.45 37.91
N GLY A 255 -14.56 12.84 37.38
CA GLY A 255 -13.71 11.92 36.64
C GLY A 255 -14.44 11.25 35.49
N ASP A 256 -14.29 9.93 35.41
CA ASP A 256 -14.94 9.15 34.36
C ASP A 256 -16.44 9.04 34.57
N ARG A 257 -16.94 9.30 35.77
CA ARG A 257 -18.37 9.23 36.04
C ARG A 257 -19.15 10.33 35.34
N THR A 258 -18.48 11.29 34.72
CA THR A 258 -19.15 12.38 34.03
C THR A 258 -19.78 11.87 32.73
N VAL A 259 -20.60 12.74 32.12
CA VAL A 259 -21.28 12.38 30.88
C VAL A 259 -20.27 12.13 29.76
N MET A 260 -19.49 13.15 29.42
CA MET A 260 -18.50 12.98 28.38
C MET A 260 -17.44 11.96 28.79
N GLY A 261 -17.26 11.74 30.09
CA GLY A 261 -16.29 10.75 30.53
C GLY A 261 -16.75 9.35 30.16
N ARG A 262 -18.05 9.07 30.38
CA ARG A 262 -18.59 7.78 30.01
C ARG A 262 -18.59 7.62 28.50
N ILE A 263 -18.81 8.71 27.77
CA ILE A 263 -18.80 8.62 26.30
C ILE A 263 -17.38 8.31 25.80
N ALA A 264 -16.37 8.93 26.44
CA ALA A 264 -14.98 8.69 26.03
C ALA A 264 -14.57 7.26 26.33
N THR A 265 -14.90 6.77 27.53
CA THR A 265 -14.56 5.39 27.87
C THR A 265 -15.29 4.43 26.95
N LEU A 266 -16.49 4.80 26.48
CA LEU A 266 -17.19 3.93 25.54
C LEU A 266 -16.46 3.90 24.21
N ALA A 267 -15.90 5.04 23.80
CA ALA A 267 -15.14 5.07 22.56
C ALA A 267 -13.90 4.20 22.67
N SER A 268 -13.29 4.15 23.85
CA SER A 268 -12.10 3.32 24.04
C SER A 268 -12.42 1.82 24.02
N GLY A 269 -13.66 1.45 24.32
CA GLY A 269 -14.04 0.05 24.36
C GLY A 269 -14.77 -0.48 23.15
N LEU A 270 -14.71 0.22 22.02
CA LEU A 270 -15.38 -0.23 20.80
C LEU A 270 -14.39 -0.91 19.85
N GLU A 271 -14.95 -1.73 18.97
CA GLU A 271 -14.16 -2.47 17.99
C GLU A 271 -13.90 -1.62 16.75
N GLY A 272 -12.67 -1.67 16.25
CA GLY A 272 -12.33 -0.90 15.06
C GLY A 272 -12.89 -1.51 13.80
N GLY A 273 -12.88 -2.85 13.71
CA GLY A 273 -13.39 -3.54 12.54
C GLY A 273 -12.34 -3.83 11.49
N GLN A 274 -12.79 -4.45 10.41
CA GLN A 274 -11.94 -4.82 9.29
C GLN A 274 -12.08 -3.77 8.19
N THR A 275 -10.98 -3.10 7.86
CA THR A 275 -11.01 -2.08 6.83
C THR A 275 -11.26 -2.74 5.47
N PRO A 276 -11.87 -2.03 4.52
CA PRO A 276 -12.15 -2.64 3.21
C PRO A 276 -10.88 -3.00 2.44
N ILE A 277 -9.85 -2.16 2.53
CA ILE A 277 -8.61 -2.43 1.79
C ILE A 277 -7.93 -3.68 2.35
N ALA A 278 -7.93 -3.85 3.67
CA ALA A 278 -7.31 -5.04 4.25
C ALA A 278 -8.08 -6.28 3.84
N ALA A 279 -9.40 -6.17 3.74
CA ALA A 279 -10.21 -7.31 3.30
C ALA A 279 -9.86 -7.66 1.85
N GLU A 280 -9.59 -6.64 1.03
CA GLU A 280 -9.22 -6.90 -0.35
C GLU A 280 -7.86 -7.58 -0.43
N ILE A 281 -6.92 -7.15 0.41
CA ILE A 281 -5.59 -7.75 0.44
C ILE A 281 -5.71 -9.22 0.85
N GLU A 282 -6.58 -9.52 1.81
CA GLU A 282 -6.77 -10.90 2.24
C GLU A 282 -7.36 -11.75 1.12
N HIS A 283 -8.37 -11.21 0.40
CA HIS A 283 -8.95 -11.97 -0.71
C HIS A 283 -7.90 -12.25 -1.78
N PHE A 284 -7.02 -11.27 -2.00
CA PHE A 284 -5.93 -11.44 -2.96
C PHE A 284 -5.03 -12.59 -2.54
N ILE A 285 -4.67 -12.62 -1.24
CA ILE A 285 -3.81 -13.69 -0.73
C ILE A 285 -4.51 -15.04 -0.89
N HIS A 286 -5.83 -15.07 -0.67
CA HIS A 286 -6.57 -16.32 -0.81
C HIS A 286 -6.47 -16.86 -2.23
N ILE A 287 -6.62 -15.97 -3.22
CA ILE A 287 -6.52 -16.44 -4.60
C ILE A 287 -5.09 -16.84 -4.95
N ILE A 288 -4.10 -16.10 -4.43
CA ILE A 288 -2.70 -16.42 -4.69
C ILE A 288 -2.38 -17.83 -4.17
N THR A 289 -2.79 -18.11 -2.95
CA THR A 289 -2.56 -19.44 -2.39
C THR A 289 -3.36 -20.48 -3.15
N GLY A 290 -4.53 -20.09 -3.68
CA GLY A 290 -5.32 -21.02 -4.46
C GLY A 290 -4.55 -21.55 -5.64
N VAL A 291 -4.02 -20.65 -6.47
CA VAL A 291 -3.25 -21.11 -7.62
C VAL A 291 -1.93 -21.74 -7.18
N ALA A 292 -1.32 -21.23 -6.11
CA ALA A 292 -0.05 -21.79 -5.64
C ALA A 292 -0.20 -23.27 -5.30
N VAL A 293 -1.15 -23.59 -4.42
CA VAL A 293 -1.36 -24.97 -4.03
C VAL A 293 -1.96 -25.78 -5.16
N PHE A 294 -2.77 -25.17 -6.04
CA PHE A 294 -3.34 -25.93 -7.15
C PHE A 294 -2.24 -26.40 -8.08
N LEU A 295 -1.34 -25.49 -8.46
CA LEU A 295 -0.24 -25.86 -9.33
C LEU A 295 0.72 -26.79 -8.62
N GLY A 296 0.94 -26.59 -7.31
CA GLY A 296 1.84 -27.46 -6.58
C GLY A 296 1.33 -28.89 -6.48
N VAL A 297 0.03 -29.06 -6.22
CA VAL A 297 -0.55 -30.39 -6.11
C VAL A 297 -0.64 -31.06 -7.47
N SER A 298 -1.11 -30.33 -8.50
CA SER A 298 -1.21 -30.90 -9.83
C SER A 298 0.17 -31.31 -10.33
N PHE A 299 1.17 -30.45 -10.15
CA PHE A 299 2.51 -30.80 -10.57
C PHE A 299 3.11 -31.87 -9.67
N PHE A 300 2.65 -31.99 -8.43
CA PHE A 300 3.15 -33.05 -7.56
C PHE A 300 2.72 -34.41 -8.12
N ILE A 301 1.44 -34.50 -8.48
CA ILE A 301 0.93 -35.75 -9.06
C ILE A 301 1.61 -36.02 -10.39
N LEU A 302 1.79 -34.99 -11.22
CA LEU A 302 2.45 -35.19 -12.51
C LEU A 302 3.90 -35.61 -12.35
N SER A 303 4.62 -34.96 -11.42
CA SER A 303 6.02 -35.28 -11.16
C SER A 303 6.16 -36.73 -10.71
N LEU A 304 5.27 -37.18 -9.82
CA LEU A 304 5.33 -38.57 -9.38
C LEU A 304 5.00 -39.51 -10.54
N ILE A 305 3.96 -39.15 -11.32
CA ILE A 305 3.52 -39.95 -12.45
C ILE A 305 4.64 -40.15 -13.47
N LEU A 306 5.55 -39.17 -13.60
CA LEU A 306 6.59 -39.41 -14.60
C LEU A 306 7.70 -40.33 -14.12
N GLU A 307 8.61 -39.86 -13.28
CA GLU A 307 9.67 -40.75 -12.82
C GLU A 307 10.27 -40.38 -11.47
N TYR A 308 9.80 -39.32 -10.83
CA TYR A 308 10.39 -38.89 -9.58
C TYR A 308 9.79 -39.63 -8.39
N THR A 309 10.65 -39.93 -7.42
CA THR A 309 10.25 -40.60 -6.20
C THR A 309 9.45 -39.66 -5.31
N TRP A 310 8.85 -40.22 -4.25
CA TRP A 310 8.07 -39.42 -3.32
C TRP A 310 8.96 -38.37 -2.66
N LEU A 311 10.20 -38.75 -2.33
CA LEU A 311 11.16 -37.86 -1.69
C LEU A 311 11.42 -36.62 -2.54
N GLU A 312 11.54 -36.78 -3.86
CA GLU A 312 11.78 -35.64 -4.72
C GLU A 312 10.50 -34.87 -5.02
N ALA A 313 9.35 -35.57 -5.05
CA ALA A 313 8.08 -34.93 -5.33
C ALA A 313 7.68 -33.95 -4.22
N VAL A 314 7.99 -34.29 -2.95
CA VAL A 314 7.65 -33.36 -1.87
C VAL A 314 8.46 -32.07 -2.03
N ILE A 315 9.73 -32.21 -2.41
CA ILE A 315 10.60 -31.07 -2.65
C ILE A 315 10.01 -30.22 -3.76
N PHE A 316 9.52 -30.88 -4.81
CA PHE A 316 8.91 -30.15 -5.92
C PHE A 316 7.69 -29.37 -5.43
N LEU A 317 6.72 -30.07 -4.82
CA LEU A 317 5.50 -29.48 -4.27
C LEU A 317 5.79 -28.20 -3.50
N ILE A 318 6.77 -28.27 -2.59
CA ILE A 318 7.15 -27.10 -1.82
C ILE A 318 7.72 -26.02 -2.73
N GLY A 319 8.55 -26.41 -3.70
CA GLY A 319 9.13 -25.42 -4.60
C GLY A 319 8.09 -24.71 -5.46
N ILE A 320 7.08 -25.44 -5.92
CA ILE A 320 6.03 -24.84 -6.75
C ILE A 320 5.20 -23.88 -5.93
N ILE A 321 4.86 -24.26 -4.70
CA ILE A 321 4.05 -23.36 -3.88
C ILE A 321 4.84 -22.13 -3.46
N VAL A 322 6.11 -22.31 -3.06
CA VAL A 322 6.92 -21.18 -2.63
C VAL A 322 7.22 -20.25 -3.80
N ALA A 323 7.58 -20.81 -4.96
CA ALA A 323 7.87 -19.99 -6.12
C ALA A 323 6.65 -19.25 -6.64
N ASN A 324 5.46 -19.67 -6.25
CA ASN A 324 4.21 -19.05 -6.68
C ASN A 324 3.75 -17.94 -5.73
N VAL A 325 4.61 -17.51 -4.81
CA VAL A 325 4.26 -16.47 -3.84
C VAL A 325 5.00 -15.18 -4.22
N PRO A 326 4.28 -14.07 -4.42
CA PRO A 326 4.95 -12.81 -4.77
C PRO A 326 5.64 -12.23 -3.55
N GLU A 327 6.97 -12.33 -3.53
CA GLU A 327 7.74 -11.84 -2.39
C GLU A 327 7.83 -10.31 -2.41
N GLY A 328 8.31 -9.75 -3.51
CA GLY A 328 8.46 -8.32 -3.63
C GLY A 328 7.16 -7.54 -3.69
N LEU A 329 6.02 -8.21 -3.83
CA LEU A 329 4.77 -7.47 -3.89
C LEU A 329 4.41 -6.83 -2.55
N LEU A 330 4.92 -7.36 -1.44
CA LEU A 330 4.60 -6.78 -0.14
C LEU A 330 5.18 -5.38 0.00
N ALA A 331 6.49 -5.23 -0.23
CA ALA A 331 7.12 -3.92 -0.12
C ALA A 331 6.53 -2.94 -1.11
N THR A 332 6.20 -3.42 -2.31
CA THR A 332 5.63 -2.54 -3.33
C THR A 332 4.26 -2.01 -2.89
N VAL A 333 3.40 -2.90 -2.41
CA VAL A 333 2.07 -2.47 -1.96
C VAL A 333 2.20 -1.52 -0.77
N THR A 334 3.14 -1.82 0.13
CA THR A 334 3.35 -0.97 1.30
C THR A 334 3.75 0.44 0.90
N VAL A 335 4.80 0.55 0.08
CA VAL A 335 5.24 1.88 -0.36
C VAL A 335 4.17 2.53 -1.22
N CYS A 336 3.37 1.74 -1.94
CA CYS A 336 2.29 2.28 -2.75
C CYS A 336 1.30 3.05 -1.87
N LEU A 337 0.79 2.36 -0.84
CA LEU A 337 -0.14 3.00 0.10
C LEU A 337 0.54 4.16 0.82
N THR A 338 1.84 4.00 1.12
CA THR A 338 2.57 5.06 1.81
C THR A 338 2.70 6.31 0.95
N LEU A 339 3.00 6.16 -0.34
CA LEU A 339 3.13 7.31 -1.22
C LEU A 339 1.82 8.08 -1.30
N THR A 340 0.71 7.35 -1.49
CA THR A 340 -0.57 8.07 -1.54
C THR A 340 -0.86 8.75 -0.21
N ALA A 341 -0.56 8.07 0.91
CA ALA A 341 -0.79 8.66 2.22
C ALA A 341 0.09 9.89 2.43
N LYS A 342 1.28 9.91 1.85
CA LYS A 342 2.15 11.08 1.97
C LYS A 342 1.55 12.25 1.22
N ARG A 343 0.97 11.98 0.04
CA ARG A 343 0.31 13.06 -0.69
C ARG A 343 -0.87 13.59 0.12
N MET A 344 -1.50 12.72 0.91
CA MET A 344 -2.59 13.18 1.78
C MET A 344 -2.06 14.08 2.89
N ALA A 345 -0.95 13.66 3.51
CA ALA A 345 -0.35 14.44 4.59
C ALA A 345 0.11 15.81 4.10
N ARG A 346 0.52 15.91 2.82
CA ARG A 346 0.95 17.20 2.28
C ARG A 346 -0.20 18.19 2.31
N LYS A 347 -1.43 17.71 2.12
CA LYS A 347 -2.62 18.53 2.13
C LYS A 347 -3.31 18.53 3.48
N ASN A 348 -2.56 18.26 4.56
CA ASN A 348 -3.03 18.22 5.94
C ASN A 348 -4.05 17.13 6.19
N CYS A 349 -4.10 16.13 5.32
CA CYS A 349 -5.02 15.00 5.48
C CYS A 349 -4.24 13.87 6.12
N LEU A 350 -3.82 14.08 7.38
CA LEU A 350 -3.04 13.07 8.07
C LEU A 350 -3.86 11.80 8.32
N VAL A 351 -3.19 10.66 8.21
CA VAL A 351 -3.83 9.36 8.41
C VAL A 351 -2.99 8.56 9.41
N LYS A 352 -3.59 8.21 10.54
CA LYS A 352 -2.88 7.43 11.55
C LYS A 352 -2.77 5.97 11.14
N ASN A 353 -3.73 5.49 10.36
CA ASN A 353 -3.75 4.12 9.87
C ASN A 353 -3.25 4.13 8.43
N LEU A 354 -2.11 3.47 8.20
CA LEU A 354 -1.50 3.44 6.86
C LEU A 354 -2.46 2.92 5.80
N GLU A 355 -3.32 1.96 6.13
CA GLU A 355 -4.25 1.43 5.14
C GLU A 355 -5.55 2.23 5.06
N ALA A 356 -5.82 3.13 6.00
CA ALA A 356 -7.05 3.91 5.93
C ALA A 356 -7.03 4.96 4.83
N VAL A 357 -5.93 5.08 4.09
CA VAL A 357 -5.85 6.06 3.02
C VAL A 357 -6.81 5.73 1.89
N GLU A 358 -7.12 4.45 1.69
CA GLU A 358 -8.02 4.04 0.62
C GLU A 358 -9.49 4.02 1.05
N THR A 359 -9.76 3.75 2.32
CA THR A 359 -11.11 3.66 2.89
C THR A 359 -12.08 4.72 2.38
N LEU A 360 -11.60 5.94 2.14
CA LEU A 360 -12.46 6.99 1.62
C LEU A 360 -12.97 6.66 0.21
N GLY A 361 -12.10 6.11 -0.63
CA GLY A 361 -12.49 5.78 -1.99
C GLY A 361 -13.60 4.75 -2.11
N SER A 362 -13.72 3.86 -1.12
CA SER A 362 -14.75 2.83 -1.15
C SER A 362 -16.01 3.24 -0.40
N THR A 363 -16.00 4.39 0.26
CA THR A 363 -17.16 4.84 1.02
C THR A 363 -18.33 5.16 0.09
N SER A 364 -19.54 4.79 0.55
CA SER A 364 -20.76 5.03 -0.21
C SER A 364 -21.83 5.72 0.64
N THR A 365 -21.51 6.11 1.86
CA THR A 365 -22.45 6.79 2.76
C THR A 365 -21.64 7.53 3.81
N ILE A 366 -21.72 8.86 3.81
CA ILE A 366 -20.97 9.68 4.75
C ILE A 366 -21.94 10.23 5.79
N CYS A 367 -21.75 9.85 7.04
CA CYS A 367 -22.58 10.32 8.15
C CYS A 367 -21.81 11.45 8.83
N SER A 368 -22.25 12.68 8.62
CA SER A 368 -21.58 13.83 9.20
C SER A 368 -22.26 14.47 10.41
N BFD A 369 -21.49 15.31 11.09
CA BFD A 369 -21.95 16.03 12.25
C BFD A 369 -22.20 17.42 11.76
O BFD A 369 -21.52 17.86 10.80
CB BFD A 369 -20.90 15.96 13.34
CG BFD A 369 -21.33 16.81 14.51
OD1 BFD A 369 -22.66 16.68 15.06
OD2 BFD A 369 -20.54 17.62 15.00
BE BFD A 369 -23.12 17.72 16.07
F1 BFD A 369 -24.12 17.11 17.03
F2 BFD A 369 -21.91 18.24 16.82
F3 BFD A 369 -23.78 18.87 15.32
N LYS A 370 -23.16 18.13 12.35
CA LYS A 370 -23.47 19.49 11.92
C LYS A 370 -22.66 20.57 12.63
N THR A 371 -22.82 20.66 13.95
CA THR A 371 -22.10 21.67 14.73
C THR A 371 -20.61 21.33 14.82
N GLY A 372 -19.78 22.20 14.26
CA GLY A 372 -18.34 22.02 14.29
C GLY A 372 -17.75 21.40 13.05
N THR A 373 -18.40 20.38 12.51
CA THR A 373 -17.90 19.71 11.31
C THR A 373 -18.36 20.46 10.06
N LEU A 374 -19.67 20.52 9.85
CA LEU A 374 -20.19 21.24 8.69
C LEU A 374 -20.13 22.74 8.93
N THR A 375 -20.53 23.18 10.12
CA THR A 375 -20.50 24.60 10.47
C THR A 375 -19.19 24.94 11.16
N GLN A 376 -18.97 26.23 11.37
CA GLN A 376 -17.77 26.72 12.03
C GLN A 376 -17.93 26.83 13.53
N ASN A 377 -19.13 26.57 14.06
CA ASN A 377 -19.41 26.67 15.50
C ASN A 377 -19.07 28.06 16.01
N ARG A 378 -19.62 29.07 15.33
CA ARG A 378 -19.37 30.46 15.68
C ARG A 378 -20.58 31.28 15.22
N MET A 379 -21.31 31.85 16.17
CA MET A 379 -22.47 32.67 15.85
C MET A 379 -21.99 33.81 14.96
N THR A 380 -22.46 33.86 13.71
CA THR A 380 -22.03 34.90 12.80
C THR A 380 -23.21 35.61 12.16
N VAL A 381 -23.03 36.90 11.90
CA VAL A 381 -24.03 37.74 11.28
C VAL A 381 -24.25 37.25 9.85
N ALA A 382 -25.41 36.67 9.60
CA ALA A 382 -25.72 36.13 8.27
C ALA A 382 -26.47 37.15 7.42
N HIS A 383 -27.62 37.61 7.88
CA HIS A 383 -28.43 38.56 7.14
C HIS A 383 -28.80 39.75 8.01
N MET A 384 -29.11 40.85 7.33
CA MET A 384 -29.52 42.11 7.93
C MET A 384 -30.68 42.65 7.12
N TRP A 385 -31.51 43.47 7.76
CA TRP A 385 -32.66 44.06 7.10
C TRP A 385 -32.58 45.56 7.30
N SER A 386 -32.48 46.29 6.20
CA SER A 386 -32.40 47.74 6.20
C SER A 386 -33.00 48.24 4.90
N ASP A 387 -33.86 49.27 5.02
CA ASP A 387 -34.54 49.88 3.88
C ASP A 387 -35.42 48.88 3.13
N ASN A 388 -36.11 48.02 3.88
CA ASN A 388 -37.01 47.00 3.35
C ASN A 388 -36.31 46.17 2.28
N GLN A 389 -35.11 45.70 2.60
CA GLN A 389 -34.38 44.86 1.66
C GLN A 389 -33.41 43.99 2.43
N ILE A 390 -33.53 42.67 2.29
CA ILE A 390 -32.62 41.78 2.99
C ILE A 390 -31.23 41.87 2.38
N HIS A 391 -30.21 41.92 3.24
CA HIS A 391 -28.80 42.02 2.84
C HIS A 391 -28.07 40.85 3.48
N GLU A 392 -27.60 39.91 2.67
CA GLU A 392 -26.90 38.74 3.15
C GLU A 392 -25.42 39.07 3.32
N ALA A 393 -24.95 39.09 4.57
CA ALA A 393 -23.55 39.35 4.82
C ALA A 393 -22.76 38.09 4.52
N ASP A 394 -21.51 38.27 4.10
CA ASP A 394 -20.68 37.12 3.77
C ASP A 394 -20.48 36.29 5.04
N THR A 395 -20.71 34.98 4.89
CA THR A 395 -20.61 34.05 6.01
C THR A 395 -19.43 33.09 5.87
N THR A 396 -18.38 33.52 5.18
CA THR A 396 -17.21 32.68 4.99
C THR A 396 -16.23 32.84 6.15
N GLU A 397 -15.37 31.84 6.30
CA GLU A 397 -14.38 31.85 7.37
C GLU A 397 -13.11 32.60 6.99
N ASN A 398 -12.76 32.61 5.70
CA ASN A 398 -11.57 33.30 5.21
C ASN A 398 -11.87 34.64 4.58
N GLN A 399 -13.12 35.11 4.70
CA GLN A 399 -13.55 36.39 4.14
C GLN A 399 -13.34 36.43 2.62
N SER A 400 -14.04 35.53 1.94
CA SER A 400 -13.97 35.41 0.48
C SER A 400 -15.36 35.26 -0.12
N GLY A 401 -16.37 35.89 0.48
CA GLY A 401 -17.73 35.84 0.02
C GLY A 401 -18.20 37.15 -0.60
N VAL A 402 -19.42 37.11 -1.12
CA VAL A 402 -20.00 38.29 -1.76
C VAL A 402 -20.19 39.39 -0.71
N SER A 403 -19.77 40.60 -1.05
CA SER A 403 -19.88 41.72 -0.15
C SER A 403 -21.27 42.34 -0.23
N PHE A 404 -21.84 42.62 0.93
CA PHE A 404 -23.14 43.25 1.03
C PHE A 404 -23.08 44.68 0.50
N ASP A 405 -24.22 45.34 0.47
CA ASP A 405 -24.30 46.72 -0.02
C ASP A 405 -24.23 47.68 1.15
N LYS A 406 -23.25 48.59 1.13
CA LYS A 406 -23.08 49.59 2.20
C LYS A 406 -22.82 50.96 1.58
N THR A 407 -23.91 51.65 1.22
CA THR A 407 -23.82 52.99 0.66
C THR A 407 -24.86 53.96 1.23
N SER A 408 -25.97 53.46 1.78
CA SER A 408 -27.01 54.29 2.36
C SER A 408 -26.66 54.66 3.79
N ALA A 409 -27.41 55.63 4.33
CA ALA A 409 -27.20 56.09 5.69
C ALA A 409 -27.79 55.12 6.72
N THR A 410 -28.78 54.32 6.33
CA THR A 410 -29.38 53.36 7.25
C THR A 410 -28.35 52.33 7.68
N TRP A 411 -27.41 52.01 6.80
CA TRP A 411 -26.35 51.07 7.15
C TRP A 411 -25.51 51.63 8.29
N LEU A 412 -25.18 52.92 8.20
CA LEU A 412 -24.39 53.55 9.24
C LEU A 412 -25.17 53.60 10.55
N ALA A 413 -26.48 53.86 10.48
CA ALA A 413 -27.30 53.89 11.69
C ALA A 413 -27.31 52.53 12.37
N LEU A 414 -27.56 51.47 11.59
CA LEU A 414 -27.58 50.12 12.13
C LEU A 414 -26.22 49.75 12.70
N SER A 415 -25.14 50.13 12.01
CA SER A 415 -23.79 49.83 12.47
C SER A 415 -23.51 50.54 13.79
N ARG A 416 -24.03 51.76 13.95
CA ARG A 416 -23.83 52.47 15.21
C ARG A 416 -24.57 51.79 16.34
N ILE A 417 -25.82 51.41 16.10
CA ILE A 417 -26.61 50.75 17.14
C ILE A 417 -25.94 49.45 17.57
N ALA A 418 -25.41 48.69 16.61
CA ALA A 418 -24.78 47.42 16.94
C ALA A 418 -23.42 47.59 17.60
N GLY A 419 -22.55 48.46 17.05
CA GLY A 419 -21.22 48.63 17.61
C GLY A 419 -21.18 49.40 18.91
N LEU A 420 -22.17 50.25 19.17
CA LEU A 420 -22.23 51.05 20.39
C LEU A 420 -22.89 50.30 21.54
N CYS A 421 -24.14 49.86 21.33
CA CYS A 421 -24.90 49.14 22.36
C CYS A 421 -24.44 47.69 22.44
N ASN A 422 -23.22 47.51 22.94
CA ASN A 422 -22.64 46.18 23.09
C ASN A 422 -21.77 46.18 24.34
N ARG A 423 -22.01 45.19 25.20
CA ARG A 423 -21.33 45.06 26.48
C ARG A 423 -19.81 45.07 26.37
N ALA A 424 -19.23 44.06 25.73
CA ALA A 424 -17.77 43.98 25.67
C ALA A 424 -17.22 43.90 24.24
N VAL A 425 -15.90 43.68 24.18
CA VAL A 425 -15.07 43.60 22.98
C VAL A 425 -14.08 42.43 23.06
N PHE A 426 -13.04 42.49 22.21
CA PHE A 426 -11.99 41.49 22.14
C PHE A 426 -11.17 41.48 23.44
N GLN A 427 -10.13 40.64 23.47
CA GLN A 427 -9.26 40.49 24.64
C GLN A 427 -7.87 41.07 24.38
N ALA A 428 -6.97 40.87 25.36
CA ALA A 428 -5.60 41.38 25.32
C ALA A 428 -4.74 40.88 24.16
N ASN A 429 -4.46 39.57 24.12
CA ASN A 429 -3.62 39.01 23.06
C ASN A 429 -4.28 39.05 21.68
N GLN A 430 -5.58 39.32 21.62
CA GLN A 430 -6.31 39.36 20.34
C GLN A 430 -6.01 40.65 19.60
N GLU A 431 -4.77 40.76 19.13
CA GLU A 431 -4.33 41.92 18.36
C GLU A 431 -3.84 41.51 16.98
N ASN A 432 -3.00 40.48 16.90
CA ASN A 432 -2.49 39.99 15.63
C ASN A 432 -3.42 38.98 14.99
N LEU A 433 -4.28 38.34 15.78
CA LEU A 433 -5.21 37.34 15.27
C LEU A 433 -6.19 37.98 14.29
N PRO A 434 -6.70 37.20 13.32
CA PRO A 434 -7.65 37.75 12.36
C PRO A 434 -8.94 38.17 13.05
N ILE A 435 -9.72 39.00 12.35
CA ILE A 435 -10.97 39.53 12.89
C ILE A 435 -11.97 38.43 13.25
N LEU A 436 -11.94 37.30 12.54
CA LEU A 436 -12.90 36.22 12.80
C LEU A 436 -12.41 35.23 13.87
N LYS A 437 -11.24 34.63 13.65
CA LYS A 437 -10.70 33.63 14.58
C LYS A 437 -10.21 34.22 15.92
N ARG A 438 -10.45 35.48 16.26
CA ARG A 438 -9.99 36.04 17.52
C ARG A 438 -11.08 35.94 18.59
N ALA A 439 -10.64 35.73 19.83
CA ALA A 439 -11.56 35.61 20.95
C ALA A 439 -12.18 36.96 21.32
N VAL A 440 -13.39 36.91 21.86
CA VAL A 440 -14.15 38.07 22.29
C VAL A 440 -14.87 37.72 23.58
N ALA A 441 -14.82 38.62 24.56
CA ALA A 441 -15.49 38.35 25.83
C ALA A 441 -16.95 38.78 25.75
N GLY A 442 -17.85 37.92 26.21
CA GLY A 442 -19.26 38.26 26.18
C GLY A 442 -20.10 37.18 25.56
N ASP A 443 -21.31 37.56 25.17
CA ASP A 443 -22.27 36.65 24.57
C ASP A 443 -21.87 36.33 23.12
N ALA A 444 -22.41 35.22 22.60
CA ALA A 444 -22.10 34.79 21.24
C ALA A 444 -22.68 35.75 20.19
N SER A 445 -23.79 36.42 20.53
CA SER A 445 -24.42 37.36 19.60
C SER A 445 -23.64 38.66 19.51
N GLU A 446 -23.25 39.20 20.68
CA GLU A 446 -22.48 40.45 20.72
C GLU A 446 -21.16 40.30 19.99
N SER A 447 -20.54 39.12 20.08
CA SER A 447 -19.28 38.87 19.38
C SER A 447 -19.50 38.93 17.87
N ALA A 448 -20.63 38.37 17.40
CA ALA A 448 -20.93 38.43 15.97
C ALA A 448 -21.10 39.86 15.50
N LEU A 449 -21.84 40.66 16.28
CA LEU A 449 -22.05 42.06 15.92
C LEU A 449 -20.72 42.80 15.86
N LEU A 450 -19.85 42.54 16.84
CA LEU A 450 -18.55 43.19 16.88
C LEU A 450 -17.71 42.85 15.65
N LYS A 451 -17.68 41.58 15.27
CA LYS A 451 -16.90 41.18 14.10
C LYS A 451 -17.48 41.78 12.82
N CYS A 452 -18.81 41.87 12.73
CA CYS A 452 -19.40 42.44 11.53
C CYS A 452 -19.07 43.91 11.39
N ILE A 453 -19.06 44.65 12.51
CA ILE A 453 -18.71 46.06 12.41
C ILE A 453 -17.21 46.22 12.16
N GLU A 454 -16.40 45.34 12.73
CA GLU A 454 -14.95 45.40 12.54
C GLU A 454 -14.55 45.00 11.12
N LEU A 455 -15.44 44.34 10.39
CA LEU A 455 -15.14 43.92 9.02
C LEU A 455 -15.84 44.77 7.97
N CYS A 456 -16.98 45.37 8.28
CA CYS A 456 -17.72 46.15 7.30
C CYS A 456 -17.79 47.64 7.56
N CYS A 457 -17.64 48.09 8.80
CA CYS A 457 -17.72 49.51 9.12
C CYS A 457 -16.44 50.03 9.76
N GLY A 458 -15.30 49.51 9.34
CA GLY A 458 -14.03 49.94 9.90
C GLY A 458 -13.67 49.27 11.21
N SER A 459 -13.62 50.05 12.30
CA SER A 459 -13.28 49.52 13.61
C SER A 459 -14.33 49.93 14.63
N VAL A 460 -14.32 49.22 15.77
CA VAL A 460 -15.24 49.49 16.87
C VAL A 460 -14.53 50.02 18.10
N LYS A 461 -13.20 49.93 18.15
CA LYS A 461 -12.44 50.43 19.30
C LYS A 461 -12.65 51.93 19.45
N GLU A 462 -12.28 52.70 18.42
CA GLU A 462 -12.44 54.14 18.44
C GLU A 462 -13.87 54.59 18.21
N MET A 463 -14.74 53.71 17.70
CA MET A 463 -16.13 54.08 17.45
C MET A 463 -16.97 54.06 18.72
N ARG A 464 -16.61 53.22 19.70
CA ARG A 464 -17.38 53.13 20.93
C ARG A 464 -17.03 54.26 21.90
N GLU A 465 -15.75 54.59 22.04
CA GLU A 465 -15.35 55.67 22.95
C GLU A 465 -15.67 57.04 22.39
N ARG A 466 -15.70 57.19 21.06
CA ARG A 466 -16.02 58.48 20.45
C ARG A 466 -17.41 58.94 20.83
N TYR A 467 -18.29 58.02 21.20
CA TYR A 467 -19.66 58.28 21.63
C TYR A 467 -19.67 57.87 23.10
N THR A 468 -19.26 58.80 23.96
CA THR A 468 -19.18 58.53 25.40
C THR A 468 -20.54 58.07 25.93
N LYS A 469 -20.52 56.98 26.68
CA LYS A 469 -21.71 56.42 27.28
C LYS A 469 -21.90 56.99 28.67
N ILE A 470 -23.15 57.28 29.03
CA ILE A 470 -23.47 57.83 30.34
C ILE A 470 -24.24 56.83 31.18
N VAL A 471 -25.44 56.47 30.75
CA VAL A 471 -26.30 55.53 31.46
C VAL A 471 -26.67 54.41 30.49
N GLU A 472 -26.31 53.19 30.86
CA GLU A 472 -26.61 51.99 30.10
C GLU A 472 -27.56 51.12 30.90
N ILE A 473 -28.52 50.50 30.23
CA ILE A 473 -29.52 49.64 30.84
C ILE A 473 -29.34 48.25 30.23
N PRO A 474 -28.98 47.24 31.02
CA PRO A 474 -28.79 45.89 30.49
C PRO A 474 -30.12 45.16 30.34
N PHE A 475 -30.02 43.95 29.78
CA PHE A 475 -31.17 43.08 29.56
C PHE A 475 -31.95 42.87 30.84
N ASN A 476 -33.26 42.75 30.71
CA ASN A 476 -34.13 42.57 31.86
C ASN A 476 -35.10 41.42 31.62
N SER A 477 -35.52 40.78 32.71
CA SER A 477 -36.47 39.67 32.63
C SER A 477 -37.89 40.18 32.39
N THR A 478 -38.28 41.24 33.10
CA THR A 478 -39.58 41.88 32.95
C THR A 478 -39.35 43.17 32.17
N ASN A 479 -40.26 43.45 31.21
CA ASN A 479 -40.13 44.63 30.34
C ASN A 479 -38.77 44.56 29.62
N LYS A 480 -38.48 43.37 29.08
CA LYS A 480 -37.21 43.04 28.41
C LYS A 480 -36.77 44.10 27.42
N TYR A 481 -35.64 44.72 27.71
CA TYR A 481 -35.06 45.76 26.86
C TYR A 481 -33.57 45.82 27.16
N GLN A 482 -32.82 46.34 26.20
CA GLN A 482 -31.37 46.49 26.32
C GLN A 482 -31.06 47.80 25.59
N LEU A 483 -30.83 48.87 26.35
CA LEU A 483 -30.58 50.18 25.76
C LEU A 483 -29.40 50.87 26.42
N SER A 484 -29.02 52.01 25.83
CA SER A 484 -27.92 52.81 26.34
C SER A 484 -27.91 54.19 25.69
N ILE A 485 -27.74 55.25 26.48
CA ILE A 485 -27.71 56.60 25.93
C ILE A 485 -26.25 57.03 25.84
N HIS A 486 -25.85 57.56 24.68
CA HIS A 486 -24.47 57.98 24.47
C HIS A 486 -24.42 59.46 24.13
N LYS A 487 -23.20 59.97 23.97
CA LYS A 487 -22.99 61.36 23.62
C LYS A 487 -22.94 61.49 22.09
N ASN A 488 -23.10 62.72 21.62
CA ASN A 488 -23.14 62.93 20.18
C ASN A 488 -21.76 63.14 19.56
N PRO A 489 -21.58 62.64 18.32
CA PRO A 489 -20.32 62.79 17.58
C PRO A 489 -20.14 64.17 16.97
N ASN A 490 -19.26 64.23 15.96
CA ASN A 490 -18.90 65.41 15.18
C ASN A 490 -20.10 66.30 14.89
N THR A 491 -19.85 67.60 14.79
CA THR A 491 -20.89 68.61 14.61
C THR A 491 -21.99 68.26 13.61
N ALA A 492 -23.12 67.94 14.15
CA ALA A 492 -24.42 67.66 13.54
C ALA A 492 -25.47 68.30 14.40
N GLU A 493 -25.17 68.40 15.68
CA GLU A 493 -25.78 68.94 16.88
C GLU A 493 -27.12 68.39 17.34
N PRO A 494 -27.38 67.07 17.38
CA PRO A 494 -28.64 66.60 17.95
C PRO A 494 -28.49 66.35 19.45
N ARG A 495 -27.23 66.34 19.93
CA ARG A 495 -26.78 66.22 21.31
C ARG A 495 -27.01 64.88 22.00
N HIS A 496 -27.80 63.98 21.43
CA HIS A 496 -28.01 62.71 22.13
C HIS A 496 -28.38 61.60 21.15
N LEU A 497 -28.05 60.37 21.53
CA LEU A 497 -28.36 59.18 20.76
C LEU A 497 -28.68 58.06 21.73
N LEU A 498 -29.93 57.62 21.74
CA LEU A 498 -30.39 56.55 22.61
C LEU A 498 -30.57 55.31 21.73
N VAL A 499 -29.67 54.31 21.91
CA VAL A 499 -29.73 53.09 21.10
C VAL A 499 -30.36 51.96 21.92
N MET A 500 -31.11 51.10 21.25
CA MET A 500 -31.77 49.98 21.91
C MET A 500 -31.89 48.81 20.95
N LYS A 501 -31.87 47.60 21.50
CA LYS A 501 -32.00 46.39 20.69
C LYS A 501 -32.80 45.35 21.48
N GLY A 502 -33.24 44.32 20.78
CA GLY A 502 -34.00 43.27 21.44
C GLY A 502 -34.75 42.41 20.45
N ALA A 503 -35.79 41.74 20.94
CA ALA A 503 -36.59 40.89 20.08
C ALA A 503 -37.31 41.77 19.04
N PRO A 504 -37.38 41.33 17.78
CA PRO A 504 -38.04 42.16 16.76
C PRO A 504 -39.49 42.52 17.11
N GLU A 505 -40.24 41.56 17.64
CA GLU A 505 -41.63 41.80 18.02
C GLU A 505 -41.77 42.78 19.18
N ARG A 506 -40.75 42.91 20.02
CA ARG A 506 -40.80 43.84 21.14
C ARG A 506 -40.28 45.22 20.76
N ILE A 507 -39.23 45.27 19.94
CA ILE A 507 -38.67 46.56 19.54
C ILE A 507 -39.61 47.26 18.56
N LEU A 508 -40.35 46.50 17.73
CA LEU A 508 -41.27 47.12 16.79
C LEU A 508 -42.40 47.86 17.51
N ASP A 509 -42.89 47.29 18.62
CA ASP A 509 -43.98 47.92 19.36
C ASP A 509 -43.56 49.26 19.94
N ARG A 510 -42.34 49.34 20.47
CA ARG A 510 -41.84 50.58 21.04
C ARG A 510 -41.06 51.40 20.00
N CYS A 511 -41.70 51.63 18.85
CA CYS A 511 -41.09 52.39 17.77
C CYS A 511 -42.18 53.06 16.94
N SER A 512 -41.92 54.30 16.55
CA SER A 512 -42.85 55.06 15.73
C SER A 512 -42.23 55.53 14.43
N SER A 513 -40.96 55.95 14.46
CA SER A 513 -40.27 56.40 13.26
C SER A 513 -39.57 55.22 12.61
N ILE A 514 -39.36 55.32 11.29
CA ILE A 514 -38.72 54.27 10.52
C ILE A 514 -37.75 54.91 9.53
N LEU A 515 -36.48 54.50 9.57
CA LEU A 515 -35.49 55.06 8.67
C LEU A 515 -35.54 54.32 7.34
N ILE A 516 -35.54 55.07 6.24
CA ILE A 516 -35.63 54.50 4.90
C ILE A 516 -34.84 55.38 3.93
N HIS A 517 -33.92 54.76 3.20
CA HIS A 517 -33.07 55.42 2.20
C HIS A 517 -32.36 56.66 2.74
N GLY A 518 -32.34 56.85 4.06
CA GLY A 518 -31.70 57.99 4.68
C GLY A 518 -32.63 58.87 5.50
N LYS A 519 -33.88 59.02 5.07
CA LYS A 519 -34.84 59.88 5.78
C LYS A 519 -35.72 59.07 6.73
N GLU A 520 -36.65 59.75 7.38
CA GLU A 520 -37.55 59.12 8.33
C GLU A 520 -38.97 59.11 7.77
N GLN A 521 -39.74 58.11 8.19
CA GLN A 521 -41.12 57.91 7.77
C GLN A 521 -41.92 57.38 8.95
N PRO A 522 -43.26 57.51 8.91
CA PRO A 522 -44.07 57.02 10.03
C PRO A 522 -44.11 55.49 10.14
N LEU A 523 -44.91 54.99 11.10
CA LEU A 523 -45.08 53.57 11.35
C LEU A 523 -46.22 52.94 10.57
N ASP A 524 -46.52 53.48 9.37
CA ASP A 524 -47.61 52.98 8.52
C ASP A 524 -47.56 51.46 8.42
N GLU A 525 -48.74 50.84 8.58
CA GLU A 525 -48.84 49.38 8.52
C GLU A 525 -48.36 48.80 7.19
N GLU A 526 -48.39 49.59 6.11
CA GLU A 526 -47.93 49.12 4.80
C GLU A 526 -46.49 48.64 4.88
N LEU A 527 -45.59 49.50 5.31
CA LEU A 527 -44.19 49.12 5.45
C LEU A 527 -43.93 48.42 6.78
N LYS A 528 -44.88 48.48 7.71
CA LYS A 528 -44.71 47.81 9.00
C LYS A 528 -44.81 46.30 8.82
N ASP A 529 -45.73 45.83 7.98
CA ASP A 529 -45.85 44.40 7.75
C ASP A 529 -44.69 43.87 6.89
N ALA A 530 -44.04 44.78 6.15
CA ALA A 530 -42.89 44.40 5.34
C ALA A 530 -41.75 43.92 6.23
N PHE A 531 -41.79 44.30 7.50
CA PHE A 531 -40.81 43.88 8.50
C PHE A 531 -41.20 42.52 9.07
N GLN A 532 -42.50 42.28 9.23
CA GLN A 532 -42.98 41.01 9.76
C GLN A 532 -42.64 39.86 8.80
N ASN A 533 -42.87 40.07 7.50
CA ASN A 533 -42.54 38.99 6.58
C ASN A 533 -41.03 38.76 6.55
N ALA A 534 -40.23 39.82 6.74
CA ALA A 534 -38.79 39.64 6.76
C ALA A 534 -38.36 38.90 8.02
N TYR A 535 -39.06 39.12 9.13
CA TYR A 535 -38.75 38.41 10.37
C TYR A 535 -39.04 36.93 10.23
N LEU A 536 -40.21 36.59 9.67
CA LEU A 536 -40.53 35.17 9.49
C LEU A 536 -39.64 34.55 8.42
N GLU A 537 -39.17 35.35 7.46
CA GLU A 537 -38.28 34.83 6.43
C GLU A 537 -36.92 34.49 7.01
N LEU A 538 -36.39 35.37 7.87
CA LEU A 538 -35.10 35.10 8.49
C LEU A 538 -35.21 34.03 9.58
N GLY A 539 -36.39 33.86 10.17
CA GLY A 539 -36.58 32.86 11.19
C GLY A 539 -36.68 31.49 10.55
N GLY A 540 -37.46 31.39 9.47
CA GLY A 540 -37.60 30.14 8.76
C GLY A 540 -36.33 29.71 8.08
N LEU A 541 -35.41 30.64 7.82
CA LEU A 541 -34.13 30.35 7.20
C LEU A 541 -33.15 29.74 8.20
N GLY A 542 -33.53 29.65 9.47
CA GLY A 542 -32.69 29.09 10.50
C GLY A 542 -31.68 30.05 11.10
N GLU A 543 -32.11 31.26 11.43
CA GLU A 543 -31.24 32.27 12.00
C GLU A 543 -31.92 32.91 13.20
N ARG A 544 -31.15 33.69 13.96
CA ARG A 544 -31.63 34.38 15.16
C ARG A 544 -31.67 35.87 14.85
N VAL A 545 -32.87 36.43 14.73
CA VAL A 545 -33.09 37.83 14.39
C VAL A 545 -33.11 38.69 15.65
N LEU A 546 -32.68 39.94 15.49
CA LEU A 546 -32.66 40.94 16.54
C LEU A 546 -32.97 42.30 15.94
N GLY A 547 -33.87 43.04 16.58
CA GLY A 547 -34.26 44.36 16.12
C GLY A 547 -33.42 45.44 16.78
N PHE A 548 -33.04 46.44 15.97
CA PHE A 548 -32.22 47.56 16.40
C PHE A 548 -32.90 48.88 16.08
N CYS A 549 -32.82 49.82 17.02
CA CYS A 549 -33.43 51.13 16.84
C CYS A 549 -32.66 52.18 17.61
N HIS A 550 -32.91 53.44 17.26
CA HIS A 550 -32.25 54.56 17.91
C HIS A 550 -33.18 55.76 17.91
N LEU A 551 -32.84 56.74 18.73
CA LEU A 551 -33.65 57.96 18.80
C LEU A 551 -32.79 59.13 19.23
N PHE A 552 -32.98 60.26 18.54
CA PHE A 552 -32.28 61.50 18.83
C PHE A 552 -33.11 62.27 19.87
N LEU A 553 -32.59 62.37 21.09
CA LEU A 553 -33.31 63.11 22.11
C LEU A 553 -33.18 64.59 21.82
N PRO A 554 -34.28 65.29 21.52
CA PRO A 554 -34.19 66.73 21.22
C PRO A 554 -33.62 67.50 22.39
N ASP A 555 -32.46 68.12 22.16
CA ASP A 555 -31.81 68.88 23.23
C ASP A 555 -32.52 70.19 23.55
N GLU A 556 -33.57 70.56 22.82
CA GLU A 556 -34.28 71.80 23.11
C GLU A 556 -35.31 71.60 24.21
N GLN A 557 -35.81 70.37 24.38
CA GLN A 557 -36.77 70.04 25.41
C GLN A 557 -36.14 69.29 26.57
N PHE A 558 -35.02 68.61 26.33
CA PHE A 558 -34.25 67.86 27.31
C PHE A 558 -32.84 68.44 27.37
N PRO A 559 -32.34 68.77 28.55
CA PRO A 559 -31.00 69.39 28.66
C PRO A 559 -29.88 68.71 27.89
N GLU A 560 -28.91 69.54 27.48
CA GLU A 560 -27.73 69.12 26.75
C GLU A 560 -26.65 68.58 27.67
N GLY A 561 -26.68 68.95 28.94
CA GLY A 561 -25.68 68.50 29.89
C GLY A 561 -26.05 67.22 30.61
N PHE A 562 -26.39 67.33 31.89
CA PHE A 562 -26.72 66.18 32.72
C PHE A 562 -28.24 66.12 32.97
N GLN A 563 -28.92 65.20 32.27
CA GLN A 563 -30.36 65.02 32.46
C GLN A 563 -30.69 63.57 32.11
N PHE A 564 -30.71 62.71 33.13
CA PHE A 564 -31.00 61.30 32.94
C PHE A 564 -31.76 60.77 34.15
N ASP A 565 -32.25 59.53 34.02
CA ASP A 565 -32.98 58.84 35.07
C ASP A 565 -32.77 57.35 34.89
N THR A 566 -32.81 56.61 35.99
CA THR A 566 -32.61 55.18 35.91
C THR A 566 -33.67 54.40 36.68
N ASP A 567 -34.26 55.00 37.73
CA ASP A 567 -35.29 54.35 38.52
C ASP A 567 -36.68 54.61 37.93
N ASP A 568 -36.98 55.87 37.67
CA ASP A 568 -38.23 56.31 37.05
C ASP A 568 -37.77 56.74 35.67
N VAL A 569 -37.83 55.79 34.72
CA VAL A 569 -37.38 55.95 33.35
C VAL A 569 -37.84 57.27 32.72
N ASN A 570 -36.87 58.06 32.25
CA ASN A 570 -37.10 59.35 31.62
C ASN A 570 -36.93 59.29 30.11
N PHE A 571 -35.94 58.54 29.63
CA PHE A 571 -35.74 58.41 28.20
C PHE A 571 -37.01 57.82 27.59
N PRO A 572 -37.49 58.34 26.48
CA PRO A 572 -38.73 57.81 25.89
C PRO A 572 -38.59 56.36 25.43
N LEU A 573 -39.27 55.44 26.12
CA LEU A 573 -39.21 54.03 25.75
C LEU A 573 -39.88 53.79 24.39
N ASP A 574 -40.90 54.58 24.07
CA ASP A 574 -41.63 54.51 22.83
C ASP A 574 -41.18 55.64 21.90
N ASN A 575 -41.86 55.77 20.76
CA ASN A 575 -41.57 56.81 19.75
C ASN A 575 -40.13 56.76 19.25
N LEU A 576 -39.52 55.58 19.25
CA LEU A 576 -38.16 55.43 18.77
C LEU A 576 -38.17 55.23 17.26
N CYS A 577 -36.98 55.31 16.65
CA CYS A 577 -36.83 55.13 15.21
C CYS A 577 -36.21 53.77 14.92
N PHE A 578 -37.00 52.89 14.31
CA PHE A 578 -36.55 51.55 13.96
C PHE A 578 -35.61 51.64 12.76
N VAL A 579 -34.48 50.94 12.82
CA VAL A 579 -33.51 50.97 11.72
C VAL A 579 -33.55 49.69 10.89
N GLY A 580 -33.48 48.54 11.55
CA GLY A 580 -33.51 47.30 10.82
C GLY A 580 -33.31 46.12 11.73
N LEU A 581 -33.22 44.95 11.10
CA LEU A 581 -33.02 43.69 11.79
C LEU A 581 -31.62 43.16 11.50
N ILE A 582 -31.14 42.29 12.39
CA ILE A 582 -29.81 41.69 12.20
C ILE A 582 -29.92 40.24 12.64
N SER A 583 -29.93 39.33 11.67
CA SER A 583 -30.01 37.91 11.98
C SER A 583 -28.61 37.32 12.08
N MET A 584 -28.52 36.15 12.70
CA MET A 584 -27.23 35.51 12.88
C MET A 584 -27.42 34.03 13.19
N ILE A 585 -26.41 33.25 12.81
CA ILE A 585 -26.39 31.81 13.04
C ILE A 585 -24.98 31.33 12.74
N ASP A 586 -24.65 30.13 13.22
CA ASP A 586 -23.34 29.56 12.91
C ASP A 586 -23.37 29.18 11.44
N PRO A 587 -22.58 29.80 10.58
CA PRO A 587 -22.64 29.47 9.16
C PRO A 587 -21.81 28.26 8.84
N PRO A 588 -22.14 27.55 7.77
CA PRO A 588 -21.36 26.37 7.38
C PRO A 588 -19.98 26.80 6.89
N ARG A 589 -19.04 25.86 6.92
CA ARG A 589 -17.69 26.18 6.48
C ARG A 589 -17.69 26.48 4.98
N ALA A 590 -16.72 27.30 4.57
CA ALA A 590 -16.59 27.76 3.19
C ALA A 590 -16.73 26.66 2.15
N ALA A 591 -15.88 25.64 2.22
CA ALA A 591 -15.92 24.57 1.24
C ALA A 591 -16.96 23.48 1.53
N VAL A 592 -17.72 23.58 2.63
CA VAL A 592 -18.70 22.53 2.94
C VAL A 592 -19.78 22.37 1.87
N PRO A 593 -20.45 23.42 1.38
CA PRO A 593 -21.48 23.18 0.34
C PRO A 593 -20.94 22.52 -0.92
N ASP A 594 -19.82 23.03 -1.43
CA ASP A 594 -19.21 22.45 -2.62
C ASP A 594 -18.76 21.03 -2.36
N ALA A 595 -18.27 20.76 -1.14
CA ALA A 595 -17.85 19.40 -0.80
C ALA A 595 -19.02 18.44 -0.81
N VAL A 596 -20.16 18.85 -0.24
CA VAL A 596 -21.34 17.99 -0.24
C VAL A 596 -21.80 17.75 -1.67
N GLY A 597 -21.73 18.78 -2.52
CA GLY A 597 -22.11 18.61 -3.90
C GLY A 597 -21.20 17.63 -4.64
N LYS A 598 -19.89 17.74 -4.40
CA LYS A 598 -18.94 16.82 -5.03
C LYS A 598 -19.15 15.40 -4.54
N CYS A 599 -19.44 15.23 -3.26
CA CYS A 599 -19.68 13.88 -2.72
C CYS A 599 -20.93 13.28 -3.33
N ARG A 600 -21.98 14.08 -3.48
CA ARG A 600 -23.19 13.56 -4.10
C ARG A 600 -22.98 13.31 -5.59
N SER A 601 -21.99 13.96 -6.20
CA SER A 601 -21.71 13.73 -7.61
C SER A 601 -21.13 12.35 -7.84
N ALA A 602 -20.28 11.87 -6.95
CA ALA A 602 -19.68 10.55 -7.06
C ALA A 602 -20.62 9.43 -6.62
N GLY A 603 -21.77 9.77 -6.06
CA GLY A 603 -22.73 8.78 -5.62
C GLY A 603 -22.72 8.50 -4.13
N ILE A 604 -22.15 9.37 -3.32
CA ILE A 604 -22.09 9.17 -1.88
C ILE A 604 -23.34 9.77 -1.25
N LYS A 605 -24.03 8.97 -0.44
CA LYS A 605 -25.23 9.42 0.24
C LYS A 605 -24.85 10.22 1.47
N VAL A 606 -25.20 11.49 1.49
CA VAL A 606 -24.87 12.38 2.60
C VAL A 606 -26.01 12.34 3.62
N ILE A 607 -25.66 12.02 4.87
CA ILE A 607 -26.60 11.95 5.97
C ILE A 607 -26.08 12.80 7.11
N MET A 608 -26.91 13.70 7.62
CA MET A 608 -26.52 14.57 8.73
C MET A 608 -26.91 13.93 10.05
N VAL A 609 -25.96 13.82 10.97
CA VAL A 609 -26.18 13.24 12.30
C VAL A 609 -25.69 14.28 13.30
N THR A 610 -26.61 14.99 13.94
CA THR A 610 -26.29 16.03 14.90
C THR A 610 -27.18 15.90 16.14
N GLY A 611 -26.89 16.74 17.12
CA GLY A 611 -27.64 16.77 18.36
C GLY A 611 -28.28 18.13 18.59
N ASP A 612 -28.29 18.95 17.54
CA ASP A 612 -28.85 20.29 17.58
C ASP A 612 -30.37 20.23 17.37
N HIS A 613 -31.02 21.37 17.61
CA HIS A 613 -32.46 21.47 17.45
C HIS A 613 -32.82 21.27 15.98
N PRO A 614 -33.94 20.61 15.69
CA PRO A 614 -34.32 20.36 14.27
C PRO A 614 -34.50 21.63 13.47
N ILE A 615 -34.92 22.71 14.13
CA ILE A 615 -35.14 23.99 13.45
C ILE A 615 -33.87 24.46 12.75
N THR A 616 -32.72 24.30 13.42
CA THR A 616 -31.45 24.72 12.82
C THR A 616 -30.90 23.66 11.87
N ALA A 617 -31.13 22.39 12.19
CA ALA A 617 -30.62 21.31 11.35
C ALA A 617 -31.23 21.33 9.96
N LYS A 618 -32.55 21.54 9.86
CA LYS A 618 -33.18 21.55 8.54
C LYS A 618 -32.63 22.68 7.67
N ALA A 619 -32.45 23.86 8.27
CA ALA A 619 -31.93 25.00 7.52
C ALA A 619 -30.50 24.76 7.06
N ILE A 620 -29.64 24.26 7.96
CA ILE A 620 -28.26 24.00 7.58
C ILE A 620 -28.21 22.92 6.50
N ALA A 621 -29.09 21.92 6.60
CA ALA A 621 -29.12 20.85 5.61
C ALA A 621 -29.51 21.40 4.24
N LYS A 622 -30.50 22.31 4.20
CA LYS A 622 -30.90 22.89 2.93
C LYS A 622 -29.84 23.85 2.40
N GLY A 623 -29.00 24.40 3.27
CA GLY A 623 -27.96 25.32 2.83
C GLY A 623 -26.67 24.68 2.36
N VAL A 624 -26.35 23.48 2.85
CA VAL A 624 -25.09 22.85 2.45
C VAL A 624 -25.24 21.86 1.29
N GLY A 625 -26.43 21.32 1.05
CA GLY A 625 -26.64 20.37 -0.03
C GLY A 625 -27.22 19.05 0.40
N ILE A 626 -27.34 18.78 1.70
CA ILE A 626 -27.92 17.52 2.16
C ILE A 626 -29.39 17.44 1.78
N ILE A 627 -30.05 18.59 1.60
CA ILE A 627 -31.45 18.67 1.22
C ILE A 627 -31.52 19.68 0.08
N SER A 628 -31.78 19.20 -1.14
CA SER A 628 -31.87 20.08 -2.29
C SER A 628 -33.26 20.69 -2.41
N GLU A 629 -33.39 21.64 -3.33
CA GLU A 629 -34.66 22.32 -3.56
C GLU A 629 -35.61 21.42 -4.35
N GLY A 630 -36.87 21.41 -3.93
CA GLY A 630 -37.88 20.58 -4.58
C GLY A 630 -38.33 19.41 -3.74
N ASN A 631 -37.39 18.79 -3.03
CA ASN A 631 -37.69 17.65 -2.17
C ASN A 631 -38.32 18.15 -0.87
N GLU A 632 -39.52 17.67 -0.56
CA GLU A 632 -40.25 18.05 0.63
C GLU A 632 -40.27 16.89 1.62
N THR A 633 -40.32 17.23 2.91
CA THR A 633 -40.36 16.23 3.96
C THR A 633 -41.80 15.82 4.25
N VAL A 634 -41.98 14.92 5.21
CA VAL A 634 -43.32 14.48 5.56
C VAL A 634 -44.12 15.64 6.14
N GLU A 635 -43.42 16.61 6.75
CA GLU A 635 -44.07 17.78 7.33
C GLU A 635 -44.27 18.89 6.32
N ASP A 636 -43.35 19.06 5.37
CA ASP A 636 -43.47 20.12 4.37
C ASP A 636 -44.68 19.90 3.47
N ILE A 637 -44.94 18.65 3.09
CA ILE A 637 -46.09 18.36 2.23
C ILE A 637 -47.39 18.65 2.98
N ALA A 638 -47.45 18.23 4.26
CA ALA A 638 -48.64 18.47 5.07
C ALA A 638 -48.89 19.96 5.25
N ALA A 639 -47.83 20.75 5.41
CA ALA A 639 -48.00 22.19 5.55
C ALA A 639 -48.43 22.81 4.24
N ARG A 640 -47.96 22.26 3.11
CA ARG A 640 -48.34 22.78 1.81
C ARG A 640 -49.79 22.44 1.47
N LEU A 641 -50.35 21.41 2.09
CA LEU A 641 -51.73 21.01 1.81
C LEU A 641 -52.72 21.35 2.92
N ASN A 642 -52.28 21.98 4.01
CA ASN A 642 -53.15 22.35 5.14
C ASN A 642 -53.90 21.13 5.68
N ILE A 643 -53.18 20.02 5.78
CA ILE A 643 -53.75 18.76 6.26
C ILE A 643 -52.82 18.18 7.32
N PRO A 644 -53.33 17.28 8.17
CA PRO A 644 -52.47 16.67 9.18
C PRO A 644 -51.39 15.82 8.53
N VAL A 645 -50.24 15.73 9.22
CA VAL A 645 -49.10 14.98 8.71
C VAL A 645 -49.39 13.48 8.62
N SER A 646 -50.29 12.97 9.47
CA SER A 646 -50.62 11.54 9.45
C SER A 646 -51.36 11.11 8.19
N GLN A 647 -51.78 12.04 7.34
CA GLN A 647 -52.50 11.71 6.13
C GLN A 647 -51.59 11.48 4.92
N VAL A 648 -50.56 12.31 4.76
CA VAL A 648 -49.66 12.16 3.62
C VAL A 648 -48.95 10.82 3.66
N ASN A 649 -48.56 10.35 2.50
CA ASN A 649 -47.85 9.08 2.35
C ASN A 649 -46.35 9.32 2.46
N PRO A 650 -45.64 8.58 3.31
CA PRO A 650 -44.19 8.78 3.42
C PRO A 650 -43.43 8.53 2.13
N ARG A 651 -44.01 7.77 1.19
CA ARG A 651 -43.34 7.51 -0.07
C ARG A 651 -43.34 8.75 -0.97
N ASP A 652 -44.25 9.69 -0.72
CA ASP A 652 -44.30 10.92 -1.52
C ASP A 652 -43.20 11.89 -1.13
N ALA A 653 -42.63 11.74 0.06
CA ALA A 653 -41.56 12.60 0.55
C ALA A 653 -40.21 11.95 0.32
N LYS A 654 -39.35 12.60 -0.46
CA LYS A 654 -38.03 12.05 -0.73
C LYS A 654 -37.10 12.18 0.47
N ALA A 655 -37.17 13.31 1.17
CA ALA A 655 -36.35 13.59 2.34
C ALA A 655 -37.20 13.55 3.61
N CYS A 656 -36.53 13.42 4.76
CA CYS A 656 -37.26 13.40 6.01
C CYS A 656 -36.35 13.77 7.19
N VAL A 657 -36.97 14.44 8.16
CA VAL A 657 -36.30 14.90 9.37
C VAL A 657 -36.61 13.89 10.47
N VAL A 658 -35.59 13.24 11.00
CA VAL A 658 -35.75 12.24 12.05
C VAL A 658 -35.43 12.88 13.40
N HIS A 659 -36.45 12.99 14.25
CA HIS A 659 -36.29 13.56 15.58
C HIS A 659 -35.61 12.55 16.50
N GLY A 660 -34.66 13.04 17.30
CA GLY A 660 -33.97 12.15 18.22
C GLY A 660 -34.88 11.60 19.30
N SER A 661 -35.92 12.36 19.66
CA SER A 661 -36.87 11.89 20.67
C SER A 661 -37.64 10.67 20.17
N ASP A 662 -37.90 10.61 18.87
CA ASP A 662 -38.61 9.47 18.29
C ASP A 662 -37.68 8.31 17.97
N LEU A 663 -36.37 8.56 17.85
CA LEU A 663 -35.42 7.49 17.54
C LEU A 663 -35.19 6.58 18.74
N LYS A 664 -35.33 7.12 19.96
CA LYS A 664 -35.13 6.31 21.15
C LYS A 664 -36.12 5.15 21.22
N ASP A 665 -37.34 5.35 20.72
CA ASP A 665 -38.38 4.33 20.72
C ASP A 665 -38.46 3.58 19.38
N MET A 666 -37.34 3.45 18.68
CA MET A 666 -37.32 2.77 17.40
C MET A 666 -36.56 1.44 17.49
N THR A 667 -36.96 0.51 16.64
CA THR A 667 -36.35 -0.81 16.58
C THR A 667 -35.30 -0.86 15.46
N SER A 668 -34.73 -2.04 15.27
CA SER A 668 -33.71 -2.21 14.25
C SER A 668 -34.30 -2.24 12.85
N GLU A 669 -35.54 -2.71 12.69
CA GLU A 669 -36.16 -2.80 11.37
C GLU A 669 -36.65 -1.43 10.88
N GLN A 670 -37.22 -0.63 11.78
CA GLN A 670 -37.71 0.69 11.39
C GLN A 670 -36.59 1.59 10.92
N LEU A 671 -35.41 1.49 11.54
CA LEU A 671 -34.27 2.30 11.12
C LEU A 671 -33.89 1.96 9.68
N ASP A 672 -33.91 0.67 9.34
CA ASP A 672 -33.60 0.26 7.98
C ASP A 672 -34.66 0.79 7.02
N ASP A 673 -35.92 0.81 7.46
CA ASP A 673 -36.97 1.35 6.60
C ASP A 673 -36.76 2.85 6.36
N ILE A 674 -36.20 3.56 7.34
CA ILE A 674 -35.95 4.98 7.16
C ILE A 674 -34.78 5.20 6.22
N LEU A 675 -33.75 4.36 6.33
CA LEU A 675 -32.57 4.54 5.47
C LEU A 675 -32.80 4.12 4.02
N LYS A 676 -33.61 3.08 3.78
CA LYS A 676 -33.81 2.59 2.41
C LYS A 676 -34.71 3.50 1.58
N TYR A 677 -35.92 3.76 2.06
CA TYR A 677 -36.91 4.54 1.32
C TYR A 677 -36.67 6.05 1.38
N HIS A 678 -35.58 6.53 1.98
CA HIS A 678 -35.30 7.96 2.05
C HIS A 678 -33.85 8.21 1.67
N THR A 679 -33.66 9.13 0.72
CA THR A 679 -32.33 9.48 0.23
C THR A 679 -31.67 10.56 1.09
N GLU A 680 -32.40 11.62 1.41
CA GLU A 680 -31.89 12.73 2.21
C GLU A 680 -32.50 12.63 3.61
N ILE A 681 -31.67 12.18 4.56
CA ILE A 681 -32.06 11.99 5.94
C ILE A 681 -31.23 12.90 6.83
N VAL A 682 -31.89 13.49 7.83
CA VAL A 682 -31.21 14.37 8.79
C VAL A 682 -31.65 13.96 10.18
N PHE A 683 -30.72 13.43 10.98
CA PHE A 683 -31.00 12.99 12.35
C PHE A 683 -30.70 14.15 13.29
N ALA A 684 -31.72 14.69 13.94
CA ALA A 684 -31.55 15.81 14.86
C ALA A 684 -31.77 15.36 16.30
N ARG A 685 -31.16 16.11 17.22
CA ARG A 685 -31.24 15.85 18.67
C ARG A 685 -30.86 14.42 19.00
N THR A 686 -29.76 13.96 18.40
CA THR A 686 -29.26 12.60 18.60
C THR A 686 -28.15 12.61 19.63
N SER A 687 -28.36 11.87 20.72
CA SER A 687 -27.36 11.78 21.77
C SER A 687 -26.13 11.07 21.21
N PRO A 688 -24.97 11.21 21.87
CA PRO A 688 -23.76 10.52 21.37
C PRO A 688 -23.97 9.02 21.17
N GLN A 689 -24.76 8.41 22.06
CA GLN A 689 -25.03 6.98 21.96
C GLN A 689 -25.92 6.64 20.77
N GLN A 690 -26.84 7.55 20.39
CA GLN A 690 -27.71 7.28 19.25
C GLN A 690 -26.95 7.34 17.93
N LYS A 691 -25.86 8.13 17.89
CA LYS A 691 -25.06 8.21 16.67
C LYS A 691 -24.48 6.84 16.32
N LEU A 692 -24.08 6.08 17.35
CA LEU A 692 -23.55 4.74 17.13
C LEU A 692 -24.61 3.83 16.53
N ILE A 693 -25.86 3.98 17.00
CA ILE A 693 -26.97 3.18 16.48
C ILE A 693 -27.17 3.50 15.01
N ILE A 694 -27.09 4.78 14.66
CA ILE A 694 -27.26 5.19 13.26
C ILE A 694 -26.13 4.61 12.40
N VAL A 695 -24.90 4.65 12.91
CA VAL A 695 -23.77 4.12 12.16
C VAL A 695 -23.95 2.62 11.94
N GLU A 696 -24.38 1.90 12.98
CA GLU A 696 -24.60 0.47 12.84
C GLU A 696 -25.72 0.19 11.85
N GLY A 697 -26.76 1.04 11.84
CA GLY A 697 -27.85 0.85 10.91
C GLY A 697 -27.38 1.05 9.47
N CYS A 698 -26.46 1.99 9.26
CA CYS A 698 -25.93 2.21 7.92
C CYS A 698 -25.02 1.07 7.50
N GLN A 699 -24.34 0.45 8.46
CA GLN A 699 -23.46 -0.67 8.15
C GLN A 699 -24.23 -1.96 7.93
N ARG A 700 -25.46 -2.07 8.45
CA ARG A 700 -26.25 -3.29 8.24
C ARG A 700 -26.59 -3.50 6.78
N GLN A 701 -26.67 -2.43 5.99
CA GLN A 701 -26.98 -2.54 4.58
C GLN A 701 -25.82 -3.10 3.76
N GLY A 702 -24.62 -3.16 4.34
CA GLY A 702 -23.45 -3.65 3.64
C GLY A 702 -22.65 -2.59 2.93
N ALA A 703 -22.96 -1.32 3.17
CA ALA A 703 -22.27 -0.19 2.55
C ALA A 703 -21.18 0.34 3.46
N ILE A 704 -20.17 0.95 2.86
CA ILE A 704 -19.05 1.52 3.60
C ILE A 704 -19.46 2.89 4.14
N VAL A 705 -19.23 3.11 5.42
CA VAL A 705 -19.60 4.36 6.08
C VAL A 705 -18.35 5.11 6.55
N ALA A 706 -18.44 6.43 6.53
CA ALA A 706 -17.39 7.34 6.98
C ALA A 706 -18.05 8.40 7.83
N VAL A 707 -17.57 8.58 9.07
CA VAL A 707 -18.16 9.55 9.98
C VAL A 707 -17.21 10.71 10.17
N THR A 708 -17.71 11.93 9.99
CA THR A 708 -16.92 13.15 10.15
C THR A 708 -17.50 13.93 11.32
N GLY A 709 -16.73 14.02 12.41
CA GLY A 709 -17.20 14.73 13.58
C GLY A 709 -16.09 15.50 14.25
N ASP A 710 -16.48 16.33 15.22
CA ASP A 710 -15.53 17.15 15.95
C ASP A 710 -15.66 17.05 17.46
N GLY A 711 -16.88 17.01 18.00
CA GLY A 711 -17.06 16.93 19.43
C GLY A 711 -16.92 15.54 19.98
N VAL A 712 -16.96 15.46 21.31
CA VAL A 712 -16.85 14.16 21.98
C VAL A 712 -18.05 13.27 21.72
N ASN A 713 -19.15 13.85 21.19
CA ASN A 713 -20.34 13.08 20.86
C ASN A 713 -20.15 12.24 19.60
N ASP A 714 -19.10 12.52 18.83
CA ASP A 714 -18.79 11.80 17.61
C ASP A 714 -17.70 10.78 17.81
N SER A 715 -17.18 10.64 19.03
CA SER A 715 -16.13 9.65 19.28
C SER A 715 -16.60 8.22 19.02
N PRO A 716 -17.74 7.74 19.56
CA PRO A 716 -18.15 6.37 19.23
C PRO A 716 -18.52 6.21 17.77
N ALA A 717 -19.03 7.28 17.15
CA ALA A 717 -19.40 7.24 15.75
C ALA A 717 -18.16 7.23 14.85
N SER A 718 -17.14 8.01 15.22
CA SER A 718 -15.91 8.03 14.44
C SER A 718 -15.04 6.81 14.72
N LYS A 719 -15.33 6.07 15.79
CA LYS A 719 -14.58 4.88 16.15
C LYS A 719 -15.17 3.61 15.50
N LYS A 720 -16.48 3.42 15.62
CA LYS A 720 -17.11 2.24 15.03
C LYS A 720 -17.09 2.28 13.50
N ALA A 721 -17.23 3.47 12.91
CA ALA A 721 -17.25 3.61 11.47
C ALA A 721 -15.96 3.09 10.84
N ASP A 722 -16.06 2.77 9.54
CA ASP A 722 -14.91 2.26 8.80
C ASP A 722 -13.78 3.28 8.80
N ILE A 723 -14.11 4.57 8.86
CA ILE A 723 -13.12 5.62 8.90
C ILE A 723 -13.73 6.85 9.57
N GLY A 724 -13.00 7.40 10.53
CA GLY A 724 -13.42 8.59 11.26
C GLY A 724 -12.58 9.76 10.79
N VAL A 725 -13.24 10.91 10.63
CA VAL A 725 -12.59 12.14 10.19
C VAL A 725 -12.80 13.17 11.26
N ALA A 726 -11.72 13.61 11.88
CA ALA A 726 -11.78 14.61 12.94
C ALA A 726 -11.11 15.90 12.50
N MET A 727 -11.54 17.00 13.11
CA MET A 727 -11.00 18.31 12.83
C MET A 727 -9.74 18.51 13.64
N GLY A 728 -8.69 19.02 13.00
CA GLY A 728 -7.41 19.20 13.68
C GLY A 728 -7.48 20.17 14.85
N ILE A 729 -8.22 21.26 14.70
CA ILE A 729 -8.34 22.26 15.75
C ILE A 729 -9.76 22.33 16.32
N ALA A 730 -10.78 22.24 15.46
CA ALA A 730 -12.15 22.30 15.93
C ALA A 730 -12.66 20.99 16.50
N GLY A 731 -11.84 19.95 16.50
CA GLY A 731 -12.23 18.65 17.03
C GLY A 731 -11.64 18.40 18.40
N SER A 732 -12.46 17.82 19.29
CA SER A 732 -12.00 17.51 20.64
C SER A 732 -10.93 16.43 20.60
N ASP A 733 -10.17 16.32 21.68
CA ASP A 733 -9.08 15.33 21.74
C ASP A 733 -9.59 13.90 21.75
N VAL A 734 -10.71 13.64 22.42
CA VAL A 734 -11.27 12.28 22.49
C VAL A 734 -11.59 11.77 21.10
N SER A 735 -12.46 12.49 20.37
CA SER A 735 -12.82 12.09 19.03
C SER A 735 -11.64 12.19 18.07
N LYS A 736 -10.61 12.98 18.41
CA LYS A 736 -9.43 13.09 17.57
C LYS A 736 -8.57 11.84 17.70
N GLN A 737 -8.61 11.20 18.87
CA GLN A 737 -7.85 9.98 19.10
C GLN A 737 -8.61 8.75 18.62
N ALA A 738 -9.94 8.74 18.78
CA ALA A 738 -10.74 7.61 18.35
C ALA A 738 -10.93 7.55 16.84
N ALA A 739 -10.55 8.60 16.12
CA ALA A 739 -10.71 8.64 14.67
C ALA A 739 -9.53 7.99 13.97
N ASP A 740 -9.63 7.90 12.64
CA ASP A 740 -8.59 7.32 11.80
C ASP A 740 -7.97 8.32 10.84
N MET A 741 -8.51 9.53 10.71
CA MET A 741 -8.00 10.55 9.81
C MET A 741 -8.19 11.92 10.44
N ILE A 742 -7.13 12.72 10.44
CA ILE A 742 -7.11 14.04 11.03
C ILE A 742 -6.98 15.09 9.94
N LEU A 743 -7.80 16.14 10.02
CA LEU A 743 -7.80 17.27 9.09
C LEU A 743 -7.15 18.43 9.84
N LEU A 744 -5.84 18.57 9.67
CA LEU A 744 -5.09 19.62 10.36
C LEU A 744 -5.61 21.01 10.00
N ASP A 745 -5.94 21.24 8.74
CA ASP A 745 -6.42 22.54 8.30
C ASP A 745 -7.93 22.71 8.44
N ASP A 746 -8.65 21.68 8.89
CA ASP A 746 -10.10 21.68 9.02
C ASP A 746 -10.81 21.92 7.70
N ASN A 747 -10.06 21.94 6.60
CA ASN A 747 -10.61 22.15 5.27
C ASN A 747 -11.45 20.94 4.93
N PHE A 748 -12.77 21.11 4.95
CA PHE A 748 -13.67 20.02 4.65
C PHE A 748 -13.45 19.48 3.24
N ALA A 749 -12.80 20.26 2.36
CA ALA A 749 -12.51 19.79 1.02
C ALA A 749 -11.53 18.63 1.05
N SER A 750 -10.82 18.46 2.17
CA SER A 750 -9.89 17.34 2.31
C SER A 750 -10.64 16.03 2.18
N ILE A 751 -11.95 16.04 2.45
CA ILE A 751 -12.76 14.83 2.28
C ILE A 751 -12.84 14.48 0.79
N VAL A 752 -13.02 15.51 -0.05
CA VAL A 752 -13.09 15.28 -1.49
C VAL A 752 -11.74 14.78 -1.98
N THR A 753 -10.66 15.39 -1.48
CA THR A 753 -9.34 14.94 -1.90
C THR A 753 -9.09 13.51 -1.45
N GLY A 754 -9.54 13.17 -0.24
CA GLY A 754 -9.34 11.83 0.29
C GLY A 754 -10.09 10.77 -0.50
N VAL A 755 -11.34 11.06 -0.88
CA VAL A 755 -12.08 10.06 -1.64
C VAL A 755 -11.45 9.90 -3.03
N GLU A 756 -10.98 11.01 -3.62
CA GLU A 756 -10.33 10.92 -4.93
C GLU A 756 -9.08 10.07 -4.85
N GLU A 757 -8.21 10.35 -3.87
CA GLU A 757 -6.97 9.59 -3.72
C GLU A 757 -7.26 8.13 -3.38
N GLY A 758 -8.33 7.85 -2.62
CA GLY A 758 -8.64 6.48 -2.30
C GLY A 758 -8.97 5.67 -3.53
N ARG A 759 -9.87 6.18 -4.38
CA ARG A 759 -10.19 5.42 -5.59
C ARG A 759 -8.99 5.36 -6.55
N LEU A 760 -8.20 6.43 -6.63
CA LEU A 760 -7.04 6.44 -7.51
C LEU A 760 -6.04 5.36 -7.10
N ILE A 761 -5.73 5.29 -5.80
CA ILE A 761 -4.77 4.28 -5.36
C ILE A 761 -5.37 2.90 -5.49
N PHE A 762 -6.70 2.76 -5.42
CA PHE A 762 -7.30 1.44 -5.59
C PHE A 762 -7.01 0.91 -7.01
N ASP A 763 -7.23 1.77 -8.01
CA ASP A 763 -6.96 1.35 -9.38
C ASP A 763 -5.47 1.10 -9.59
N ASN A 764 -4.61 1.98 -9.07
CA ASN A 764 -3.17 1.77 -9.22
C ASN A 764 -2.71 0.51 -8.49
N LEU A 765 -3.44 0.12 -7.44
CA LEU A 765 -3.10 -1.12 -6.73
C LEU A 765 -3.39 -2.30 -7.63
N LYS A 766 -4.53 -2.25 -8.33
CA LYS A 766 -4.84 -3.32 -9.27
C LYS A 766 -3.73 -3.45 -10.32
N LYS A 767 -3.28 -2.30 -10.83
CA LYS A 767 -2.22 -2.30 -11.84
C LYS A 767 -0.91 -2.89 -11.31
N SER A 768 -0.44 -2.38 -10.16
CA SER A 768 0.81 -2.85 -9.57
C SER A 768 0.75 -4.34 -9.26
N ILE A 769 -0.39 -4.81 -8.74
CA ILE A 769 -0.55 -6.22 -8.42
C ILE A 769 -0.46 -7.05 -9.69
N ALA A 770 -1.12 -6.60 -10.77
CA ALA A 770 -1.06 -7.36 -12.02
C ALA A 770 0.36 -7.41 -12.56
N TYR A 771 1.12 -6.33 -12.40
CA TYR A 771 2.49 -6.32 -12.89
C TYR A 771 3.36 -7.32 -12.14
N THR A 772 3.17 -7.43 -10.83
CA THR A 772 3.97 -8.40 -10.09
C THR A 772 3.51 -9.83 -10.33
N LEU A 773 2.21 -10.05 -10.51
CA LEU A 773 1.71 -11.40 -10.74
C LEU A 773 2.02 -11.90 -12.13
N THR A 774 2.25 -11.02 -13.10
CA THR A 774 2.57 -11.48 -14.44
C THR A 774 3.94 -12.13 -14.51
N SER A 775 4.88 -11.65 -13.70
CA SER A 775 6.24 -12.18 -13.69
C SER A 775 6.34 -13.58 -13.09
N ASN A 776 5.29 -14.08 -12.44
CA ASN A 776 5.37 -15.39 -11.83
C ASN A 776 5.41 -16.52 -12.86
N ILE A 777 4.75 -16.35 -14.01
CA ILE A 777 4.73 -17.39 -15.04
C ILE A 777 6.14 -17.63 -15.58
N PRO A 778 6.87 -16.63 -16.10
CA PRO A 778 8.22 -16.92 -16.61
C PRO A 778 9.22 -17.22 -15.51
N GLU A 779 8.80 -17.19 -14.25
CA GLU A 779 9.63 -17.50 -13.11
C GLU A 779 9.50 -18.97 -12.73
N ILE A 780 8.28 -19.50 -12.72
CA ILE A 780 8.08 -20.89 -12.36
C ILE A 780 8.21 -21.82 -13.56
N THR A 781 7.71 -21.41 -14.74
CA THR A 781 7.79 -22.26 -15.92
C THR A 781 9.16 -22.86 -16.21
N PRO A 782 10.30 -22.15 -16.05
CA PRO A 782 11.58 -22.82 -16.32
C PRO A 782 11.79 -24.00 -15.40
N PHE A 783 11.52 -23.84 -14.10
CA PHE A 783 11.68 -24.93 -13.17
C PHE A 783 10.65 -26.04 -13.41
N LEU A 784 9.49 -25.69 -13.97
CA LEU A 784 8.48 -26.69 -14.25
C LEU A 784 8.92 -27.59 -15.40
N ILE A 785 9.25 -27.00 -16.55
CA ILE A 785 9.68 -27.83 -17.67
C ILE A 785 11.05 -28.45 -17.41
N PHE A 786 11.82 -27.89 -16.48
CA PHE A 786 13.12 -28.47 -16.13
C PHE A 786 12.93 -29.87 -15.58
N ILE A 787 11.79 -30.11 -14.95
CA ILE A 787 11.42 -31.40 -14.39
C ILE A 787 10.60 -32.20 -15.39
N ILE A 788 9.76 -31.50 -16.17
CA ILE A 788 8.90 -32.16 -17.14
C ILE A 788 9.71 -32.84 -18.24
N ALA A 789 10.50 -32.06 -19.00
CA ALA A 789 11.27 -32.60 -20.11
C ALA A 789 12.69 -33.01 -19.75
N ASN A 790 13.12 -32.81 -18.50
CA ASN A 790 14.47 -33.17 -18.05
C ASN A 790 15.53 -32.46 -18.88
N ILE A 791 15.40 -31.14 -18.98
CA ILE A 791 16.34 -30.32 -19.73
C ILE A 791 17.13 -29.49 -18.73
N PRO A 792 18.30 -28.95 -19.10
CA PRO A 792 19.06 -28.14 -18.16
C PRO A 792 18.25 -26.94 -17.68
N LEU A 793 18.49 -26.55 -16.42
CA LEU A 793 17.81 -25.46 -15.76
C LEU A 793 17.85 -24.18 -16.57
N PRO A 794 16.71 -23.69 -17.06
CA PRO A 794 16.72 -22.46 -17.86
C PRO A 794 16.86 -21.19 -17.03
N LEU A 795 16.29 -21.17 -15.82
CA LEU A 795 16.36 -20.00 -14.95
C LEU A 795 16.67 -20.42 -13.53
N GLY A 796 17.64 -19.73 -12.90
CA GLY A 796 18.05 -20.04 -11.55
C GLY A 796 17.22 -19.32 -10.49
N THR A 797 17.61 -19.56 -9.24
CA THR A 797 16.94 -18.96 -8.10
C THR A 797 17.42 -17.53 -7.84
N VAL A 798 18.75 -17.34 -7.85
CA VAL A 798 19.33 -16.03 -7.62
C VAL A 798 18.78 -15.02 -8.61
N THR A 799 18.60 -15.44 -9.86
CA THR A 799 18.04 -14.55 -10.88
C THR A 799 16.60 -14.16 -10.54
N ILE A 800 15.79 -15.12 -10.08
CA ILE A 800 14.42 -14.82 -9.71
C ILE A 800 14.40 -13.79 -8.58
N LEU A 801 15.35 -13.91 -7.65
CA LEU A 801 15.42 -12.91 -6.58
C LEU A 801 15.79 -11.55 -7.15
N CYS A 802 16.65 -11.54 -8.17
CA CYS A 802 17.02 -10.28 -8.81
C CYS A 802 15.86 -9.72 -9.63
N ILE A 803 14.80 -10.49 -9.82
CA ILE A 803 13.64 -10.03 -10.57
C ILE A 803 12.56 -9.51 -9.63
N ASP A 804 12.07 -10.36 -8.73
CA ASP A 804 11.01 -9.95 -7.82
C ASP A 804 11.50 -8.92 -6.82
N LEU A 805 12.71 -9.09 -6.29
CA LEU A 805 13.28 -8.17 -5.32
C LEU A 805 14.31 -7.23 -5.93
N GLY A 806 14.50 -7.29 -7.24
CA GLY A 806 15.46 -6.45 -7.91
C GLY A 806 14.91 -5.43 -8.87
N THR A 807 14.92 -5.81 -10.16
CA THR A 807 14.47 -4.94 -11.24
C THR A 807 13.03 -4.47 -11.05
N ASP A 808 12.08 -5.40 -10.93
CA ASP A 808 10.66 -5.08 -10.83
C ASP A 808 10.19 -4.30 -9.60
N MET A 809 11.10 -3.92 -8.70
CA MET A 809 10.66 -3.15 -7.53
C MET A 809 10.22 -1.74 -7.93
N VAL A 810 11.09 -1.05 -8.67
CA VAL A 810 10.78 0.31 -9.12
C VAL A 810 9.58 0.35 -10.06
N PRO A 811 9.43 -0.54 -11.06
CA PRO A 811 8.23 -0.48 -11.91
C PRO A 811 6.94 -0.64 -11.12
N ALA A 812 6.91 -1.55 -10.14
CA ALA A 812 5.71 -1.73 -9.35
C ALA A 812 5.45 -0.53 -8.46
N ILE A 813 6.50 0.18 -8.04
CA ILE A 813 6.29 1.36 -7.19
C ILE A 813 5.80 2.54 -8.03
N SER A 814 6.44 2.76 -9.18
CA SER A 814 6.06 3.87 -10.06
C SER A 814 4.64 3.74 -10.58
N LEU A 815 4.07 2.54 -10.55
CA LEU A 815 2.69 2.36 -11.00
C LEU A 815 1.70 2.99 -10.04
N ALA A 816 2.17 3.51 -8.91
CA ALA A 816 1.34 4.18 -7.93
C ALA A 816 1.15 5.65 -8.25
N TYR A 817 2.06 6.23 -9.03
CA TYR A 817 1.99 7.62 -9.43
C TYR A 817 1.10 7.83 -10.63
N GLU A 818 0.52 6.75 -11.17
CA GLU A 818 -0.38 6.87 -12.31
C GLU A 818 -1.57 7.74 -11.94
N GLN A 819 -2.18 8.34 -12.95
CA GLN A 819 -3.31 9.20 -12.72
C GLN A 819 -4.55 8.66 -13.41
N ALA A 820 -5.69 9.20 -12.96
CA ALA A 820 -7.03 8.85 -13.43
C ALA A 820 -7.12 8.69 -14.93
N GLU A 821 -7.73 7.58 -15.36
CA GLU A 821 -7.95 7.33 -16.78
C GLU A 821 -9.23 8.01 -17.26
N SER A 822 -10.11 8.36 -16.33
CA SER A 822 -11.36 9.04 -16.60
C SER A 822 -11.69 9.88 -15.36
N ASP A 823 -12.92 10.36 -15.27
CA ASP A 823 -13.31 11.16 -14.12
C ASP A 823 -13.72 10.19 -13.03
N ILE A 824 -12.80 9.92 -12.10
CA ILE A 824 -13.10 9.00 -11.01
C ILE A 824 -14.17 9.57 -10.10
N MET A 825 -14.24 10.89 -9.98
CA MET A 825 -15.24 11.53 -9.13
C MET A 825 -16.62 11.54 -9.76
N LYS A 826 -16.80 10.82 -10.88
CA LYS A 826 -18.09 10.72 -11.57
C LYS A 826 -18.71 9.34 -11.43
N ARG A 827 -17.90 8.30 -11.24
CA ARG A 827 -18.40 6.95 -11.09
C ARG A 827 -18.89 6.71 -9.67
N GLN A 828 -19.73 5.70 -9.53
CA GLN A 828 -20.31 5.35 -8.24
C GLN A 828 -19.27 4.63 -7.37
N PRO A 829 -19.45 4.65 -6.05
CA PRO A 829 -18.52 3.95 -5.17
C PRO A 829 -18.51 2.46 -5.49
N ARG A 830 -17.34 1.85 -5.32
CA ARG A 830 -17.20 0.43 -5.60
C ARG A 830 -18.05 -0.41 -4.66
N ASN A 831 -18.54 -1.54 -5.17
CA ASN A 831 -19.36 -2.46 -4.40
C ASN A 831 -18.43 -3.43 -3.68
N PRO A 832 -18.51 -3.57 -2.35
CA PRO A 832 -17.60 -4.50 -1.65
C PRO A 832 -17.77 -5.95 -2.02
N LYS A 833 -18.97 -6.37 -2.41
CA LYS A 833 -19.22 -7.76 -2.78
C LYS A 833 -19.22 -8.00 -4.29
N THR A 834 -19.06 -6.95 -5.10
CA THR A 834 -19.06 -7.10 -6.54
C THR A 834 -17.71 -6.74 -7.17
N ASP A 835 -17.22 -5.52 -6.92
CA ASP A 835 -15.96 -5.06 -7.49
C ASP A 835 -14.82 -5.43 -6.54
N LYS A 836 -14.14 -6.53 -6.83
CA LYS A 836 -13.02 -7.00 -6.02
C LYS A 836 -11.71 -6.42 -6.55
N LEU A 837 -10.75 -6.26 -5.64
CA LEU A 837 -9.45 -5.72 -6.02
C LEU A 837 -8.73 -6.64 -6.99
N VAL A 838 -8.62 -7.91 -6.63
CA VAL A 838 -7.96 -8.91 -7.48
C VAL A 838 -9.02 -9.96 -7.80
N ASN A 839 -9.69 -9.78 -8.94
CA ASN A 839 -10.72 -10.70 -9.39
C ASN A 839 -10.11 -11.77 -10.29
N GLU A 840 -10.96 -12.65 -10.81
CA GLU A 840 -10.49 -13.73 -11.68
C GLU A 840 -10.01 -13.23 -13.04
N GLN A 841 -10.44 -12.03 -13.46
CA GLN A 841 -10.01 -11.50 -14.75
C GLN A 841 -8.54 -11.13 -14.72
N LEU A 842 -8.07 -10.58 -13.59
CA LEU A 842 -6.65 -10.24 -13.46
C LEU A 842 -5.79 -11.49 -13.56
N ILE A 843 -6.24 -12.58 -12.94
CA ILE A 843 -5.49 -13.83 -12.99
C ILE A 843 -5.51 -14.40 -14.41
N SER A 844 -6.64 -14.26 -15.10
CA SER A 844 -6.70 -14.74 -16.47
C SER A 844 -5.76 -13.97 -17.38
N MET A 845 -5.45 -12.72 -17.03
CA MET A 845 -4.55 -11.93 -17.84
C MET A 845 -3.08 -12.18 -17.52
N ALA A 846 -2.71 -12.11 -16.25
CA ALA A 846 -1.31 -12.31 -15.86
C ALA A 846 -0.87 -13.77 -16.02
N TYR A 847 -1.50 -14.67 -15.27
CA TYR A 847 -1.14 -16.08 -15.36
C TYR A 847 -1.55 -16.72 -16.67
N GLY A 848 -2.55 -16.16 -17.34
CA GLY A 848 -3.01 -16.74 -18.58
C GLY A 848 -2.45 -16.22 -19.89
N GLN A 849 -2.49 -14.92 -20.14
CA GLN A 849 -2.04 -14.40 -21.42
C GLN A 849 -0.66 -13.74 -21.45
N ILE A 850 -0.47 -12.68 -20.67
CA ILE A 850 0.80 -11.95 -20.70
C ILE A 850 1.96 -12.79 -20.18
N GLY A 851 1.80 -13.37 -18.99
CA GLY A 851 2.87 -14.19 -18.43
C GLY A 851 3.29 -15.33 -19.34
N MET A 852 2.33 -15.91 -20.08
CA MET A 852 2.65 -17.00 -20.99
C MET A 852 3.59 -16.53 -22.09
N ILE A 853 3.34 -15.34 -22.64
CA ILE A 853 4.22 -14.82 -23.68
C ILE A 853 5.60 -14.54 -23.11
N GLN A 854 5.65 -14.04 -21.86
CA GLN A 854 6.94 -13.78 -21.23
C GLN A 854 7.73 -15.08 -21.08
N ALA A 855 7.05 -16.16 -20.69
CA ALA A 855 7.71 -17.45 -20.55
C ALA A 855 8.23 -17.96 -21.90
N LEU A 856 7.44 -17.76 -22.96
CA LEU A 856 7.89 -18.19 -24.28
C LEU A 856 9.14 -17.44 -24.70
N GLY A 857 9.21 -16.14 -24.41
CA GLY A 857 10.40 -15.38 -24.76
C GLY A 857 11.61 -15.86 -23.99
N GLY A 858 11.41 -16.20 -22.71
CA GLY A 858 12.53 -16.72 -21.92
C GLY A 858 13.06 -18.02 -22.48
N PHE A 859 12.16 -18.94 -22.84
CA PHE A 859 12.59 -20.21 -23.41
C PHE A 859 13.28 -19.99 -24.75
N PHE A 860 12.84 -18.97 -25.50
CA PHE A 860 13.50 -18.68 -26.77
C PHE A 860 14.95 -18.31 -26.53
N THR A 861 15.20 -17.40 -25.59
CA THR A 861 16.58 -17.01 -25.28
C THR A 861 17.39 -18.22 -24.81
N TYR A 862 16.77 -19.09 -24.00
CA TYR A 862 17.44 -20.29 -23.50
C TYR A 862 17.97 -21.15 -24.64
N PHE A 863 17.08 -21.54 -25.55
CA PHE A 863 17.49 -22.37 -26.67
C PHE A 863 18.46 -21.64 -27.58
N VAL A 864 18.30 -20.33 -27.75
CA VAL A 864 19.21 -19.57 -28.59
C VAL A 864 20.64 -19.71 -28.08
N ILE A 865 20.83 -19.46 -26.78
CA ILE A 865 22.16 -19.54 -26.19
C ILE A 865 22.71 -20.96 -26.24
N LEU A 866 21.93 -21.94 -25.77
CA LEU A 866 22.43 -23.31 -25.74
C LEU A 866 22.74 -23.83 -27.14
N ALA A 867 21.84 -23.60 -28.11
CA ALA A 867 22.06 -24.08 -29.46
C ALA A 867 23.24 -23.38 -30.13
N GLU A 868 23.49 -22.11 -29.80
CA GLU A 868 24.62 -21.45 -30.43
C GLU A 868 25.95 -21.94 -29.87
N ASN A 869 25.96 -22.50 -28.67
CA ASN A 869 27.19 -23.04 -28.06
C ASN A 869 27.44 -24.49 -28.44
N GLY A 870 26.58 -25.09 -29.27
CA GLY A 870 26.72 -26.46 -29.70
C GLY A 870 25.64 -27.40 -29.19
N PHE A 871 24.87 -26.99 -28.19
CA PHE A 871 23.80 -27.82 -27.61
C PHE A 871 22.46 -27.42 -28.22
N LEU A 872 22.15 -28.01 -29.39
CA LEU A 872 20.91 -27.74 -30.10
C LEU A 872 19.70 -28.02 -29.20
N PRO A 873 18.56 -27.36 -29.47
CA PRO A 873 17.38 -27.59 -28.62
C PRO A 873 16.90 -29.03 -28.59
N ILE A 874 16.98 -29.74 -29.71
CA ILE A 874 16.53 -31.13 -29.76
C ILE A 874 17.38 -31.99 -28.82
N HIS A 875 18.69 -31.77 -28.82
CA HIS A 875 19.62 -32.54 -28.00
C HIS A 875 19.45 -32.26 -26.51
N LEU A 876 18.75 -31.20 -26.13
CA LEU A 876 18.58 -30.89 -24.72
C LEU A 876 17.55 -31.77 -24.02
N LEU A 877 16.81 -32.59 -24.76
CA LEU A 877 15.81 -33.46 -24.16
C LEU A 877 16.48 -34.56 -23.35
N GLY A 878 16.15 -34.64 -22.06
CA GLY A 878 16.71 -35.66 -21.20
C GLY A 878 18.19 -35.54 -20.92
N LEU A 879 18.75 -34.34 -21.03
CA LEU A 879 20.18 -34.14 -20.79
C LEU A 879 20.48 -33.76 -19.35
N ARG A 880 19.48 -33.32 -18.59
CA ARG A 880 19.67 -32.90 -17.20
C ARG A 880 20.33 -33.98 -16.36
N VAL A 881 19.93 -35.24 -16.56
CA VAL A 881 20.45 -36.38 -15.81
C VAL A 881 21.97 -36.33 -15.72
N ASN A 882 22.64 -36.20 -16.86
CA ASN A 882 24.09 -36.11 -16.88
C ASN A 882 24.59 -34.68 -16.85
N TRP A 883 23.68 -33.70 -16.94
CA TRP A 883 24.08 -32.30 -16.91
C TRP A 883 24.39 -31.84 -15.50
N ASP A 884 23.62 -32.31 -14.52
CA ASP A 884 23.84 -31.93 -13.13
C ASP A 884 24.91 -32.79 -12.46
N ASP A 885 25.39 -33.83 -13.14
CA ASP A 885 26.42 -34.68 -12.56
C ASP A 885 27.75 -33.93 -12.50
N ARG A 886 28.33 -33.87 -11.32
CA ARG A 886 29.60 -33.17 -11.08
C ARG A 886 30.82 -33.98 -11.49
N TRP A 887 30.64 -35.21 -11.97
CA TRP A 887 31.79 -36.03 -12.35
C TRP A 887 31.80 -36.49 -13.81
N ILE A 888 30.69 -36.39 -14.53
CA ILE A 888 30.66 -36.79 -15.94
C ILE A 888 31.15 -35.58 -16.75
N ASN A 889 32.48 -35.50 -16.94
CA ASN A 889 33.09 -34.39 -17.66
C ASN A 889 33.31 -34.66 -19.14
N ASP A 890 32.48 -35.49 -19.76
CA ASP A 890 32.60 -35.80 -21.18
C ASP A 890 31.22 -35.75 -21.84
N VAL A 891 30.42 -34.75 -21.46
CA VAL A 891 29.08 -34.60 -22.01
C VAL A 891 29.19 -34.17 -23.47
N GLU A 892 28.65 -35.00 -24.36
CA GLU A 892 28.69 -34.74 -25.79
C GLU A 892 27.54 -33.85 -26.24
N ASP A 893 27.85 -32.86 -27.09
CA ASP A 893 26.86 -31.95 -27.62
C ASP A 893 26.39 -32.45 -28.99
N SER A 894 25.69 -31.60 -29.74
CA SER A 894 25.19 -31.96 -31.06
C SER A 894 26.29 -32.01 -32.12
N TYR A 895 27.48 -31.50 -31.82
CA TYR A 895 28.60 -31.51 -32.75
C TYR A 895 29.63 -32.58 -32.41
N GLY A 896 29.48 -33.28 -31.29
CA GLY A 896 30.41 -34.30 -30.89
C GLY A 896 31.44 -33.86 -29.88
N GLN A 897 31.43 -32.60 -29.47
CA GLN A 897 32.41 -32.10 -28.51
C GLN A 897 32.06 -32.54 -27.09
N GLN A 898 33.09 -32.76 -26.28
CA GLN A 898 32.94 -33.19 -24.90
C GLN A 898 33.12 -31.99 -23.97
N TRP A 899 32.14 -31.78 -23.09
CA TRP A 899 32.14 -30.68 -22.14
C TRP A 899 32.29 -31.18 -20.71
N THR A 900 33.11 -30.48 -19.92
CA THR A 900 33.32 -30.84 -18.53
C THR A 900 32.17 -30.30 -17.69
N TYR A 901 32.23 -30.54 -16.37
CA TYR A 901 31.17 -30.07 -15.50
C TYR A 901 31.11 -28.55 -15.45
N GLU A 902 32.22 -27.91 -15.07
CA GLU A 902 32.22 -26.45 -14.96
C GLU A 902 32.00 -25.77 -16.31
N GLN A 903 32.41 -26.39 -17.42
CA GLN A 903 32.19 -25.75 -18.72
C GLN A 903 30.70 -25.64 -19.04
N ARG A 904 29.98 -26.77 -19.02
CA ARG A 904 28.56 -26.72 -19.29
C ARG A 904 27.81 -25.98 -18.19
N LYS A 905 28.33 -25.99 -16.96
CA LYS A 905 27.67 -25.26 -15.89
C LYS A 905 27.84 -23.76 -16.08
N ILE A 906 28.98 -23.34 -16.63
CA ILE A 906 29.18 -21.92 -16.93
C ILE A 906 28.20 -21.53 -18.01
N VAL A 907 27.94 -22.45 -18.95
CA VAL A 907 26.96 -22.15 -19.98
C VAL A 907 25.56 -22.05 -19.36
N GLU A 908 25.29 -22.89 -18.35
CA GLU A 908 23.98 -22.84 -17.68
C GLU A 908 23.79 -21.51 -16.95
N PHE A 909 24.82 -21.04 -16.25
CA PHE A 909 24.69 -19.77 -15.54
C PHE A 909 24.62 -18.60 -16.52
N THR A 910 25.38 -18.67 -17.61
CA THR A 910 25.34 -17.64 -18.64
C THR A 910 24.10 -17.79 -19.49
N CYS A 911 23.28 -18.80 -19.18
CA CYS A 911 21.98 -19.03 -19.79
C CYS A 911 20.87 -18.62 -18.84
N HIS A 912 21.19 -18.54 -17.54
CA HIS A 912 20.25 -18.08 -16.51
C HIS A 912 20.20 -16.56 -16.51
N THR A 913 21.37 -15.92 -16.54
CA THR A 913 21.43 -14.46 -16.57
C THR A 913 20.64 -13.88 -17.73
N PRO A 914 20.76 -14.35 -18.98
CA PRO A 914 19.96 -13.79 -20.06
C PRO A 914 18.49 -14.09 -19.88
N PHE A 915 18.14 -15.14 -19.15
CA PHE A 915 16.74 -15.40 -18.90
C PHE A 915 16.18 -14.29 -18.02
N PHE A 916 16.98 -13.87 -17.04
CA PHE A 916 16.60 -12.76 -16.16
C PHE A 916 16.50 -11.47 -16.96
N VAL A 917 17.46 -11.26 -17.87
CA VAL A 917 17.43 -10.09 -18.73
C VAL A 917 16.20 -10.14 -19.63
N THR A 918 15.85 -11.35 -20.08
CA THR A 918 14.67 -11.56 -20.92
C THR A 918 13.42 -11.15 -20.14
N ILE A 919 13.42 -11.46 -18.83
CA ILE A 919 12.30 -11.06 -17.99
C ILE A 919 12.18 -9.55 -17.99
N VAL A 920 13.32 -8.86 -17.90
CA VAL A 920 13.30 -7.40 -17.92
C VAL A 920 12.76 -6.88 -19.26
N VAL A 921 13.20 -7.50 -20.36
CA VAL A 921 12.76 -7.07 -21.70
C VAL A 921 11.24 -7.19 -21.82
N VAL A 922 10.69 -8.33 -21.41
CA VAL A 922 9.23 -8.47 -21.50
C VAL A 922 8.54 -7.58 -20.46
N GLN A 923 9.23 -7.29 -19.35
CA GLN A 923 8.63 -6.43 -18.34
C GLN A 923 8.48 -5.01 -18.83
N TRP A 924 9.27 -4.62 -19.85
CA TRP A 924 9.10 -3.29 -20.42
C TRP A 924 7.67 -3.13 -20.93
N ALA A 925 7.29 -4.03 -21.84
CA ALA A 925 5.96 -4.01 -22.41
C ALA A 925 4.90 -4.30 -21.36
N ASP A 926 5.21 -5.17 -20.39
CA ASP A 926 4.22 -5.45 -19.35
C ASP A 926 3.92 -4.20 -18.52
N LEU A 927 4.96 -3.41 -18.22
CA LEU A 927 4.76 -2.18 -17.46
C LEU A 927 3.97 -1.18 -18.27
N VAL A 928 4.28 -1.08 -19.57
CA VAL A 928 3.55 -0.14 -20.43
C VAL A 928 2.08 -0.52 -20.55
N ILE A 929 1.78 -1.81 -20.72
CA ILE A 929 0.39 -2.23 -20.87
C ILE A 929 -0.37 -2.18 -19.54
N CYS A 930 0.29 -2.48 -18.41
CA CYS A 930 -0.38 -2.43 -17.13
C CYS A 930 -0.54 -1.00 -16.63
N LYS A 931 0.13 -0.04 -17.27
CA LYS A 931 0.00 1.36 -16.88
C LYS A 931 -1.42 1.89 -17.12
N THR A 932 -2.14 1.32 -18.09
CA THR A 932 -3.50 1.72 -18.41
C THR A 932 -4.42 0.51 -18.44
N ARG A 933 -5.62 0.66 -17.91
CA ARG A 933 -6.60 -0.44 -17.87
C ARG A 933 -7.58 -0.41 -19.03
N ARG A 934 -8.06 0.79 -19.42
CA ARG A 934 -9.02 0.93 -20.50
C ARG A 934 -8.50 1.76 -21.65
N ASN A 935 -7.93 2.93 -21.36
CA ASN A 935 -7.43 3.81 -22.40
C ASN A 935 -6.17 3.23 -23.06
N SER A 936 -5.83 3.81 -24.20
CA SER A 936 -4.64 3.43 -24.93
C SER A 936 -3.42 4.12 -24.30
N VAL A 937 -2.24 3.56 -24.53
CA VAL A 937 -1.02 4.14 -23.96
C VAL A 937 -0.80 5.55 -24.50
N PHE A 938 -1.28 5.84 -25.71
CA PHE A 938 -1.12 7.16 -26.28
C PHE A 938 -2.19 8.12 -25.79
N GLN A 939 -3.38 7.61 -25.45
CA GLN A 939 -4.43 8.47 -24.93
C GLN A 939 -4.04 8.97 -23.54
N GLN A 940 -3.41 8.11 -22.75
CA GLN A 940 -2.96 8.48 -21.41
C GLN A 940 -1.60 9.17 -21.46
N GLY A 941 -0.68 8.65 -22.28
CA GLY A 941 0.64 9.22 -22.40
C GLY A 941 1.53 8.78 -21.25
N MET A 942 2.80 8.49 -21.55
CA MET A 942 3.72 8.05 -20.51
C MET A 942 4.34 9.23 -19.78
N LYS A 943 3.49 10.12 -19.25
CA LYS A 943 3.97 11.29 -18.52
C LYS A 943 4.43 10.95 -17.11
N ASN A 944 4.32 9.69 -16.70
CA ASN A 944 4.76 9.28 -15.37
C ASN A 944 6.28 9.25 -15.38
N LYS A 945 6.89 10.35 -14.91
CA LYS A 945 8.34 10.46 -14.86
C LYS A 945 8.96 9.32 -14.05
N ILE A 946 8.26 8.88 -13.00
CA ILE A 946 8.75 7.80 -12.17
C ILE A 946 8.78 6.49 -12.98
N LEU A 947 7.80 6.30 -13.86
CA LEU A 947 7.75 5.08 -14.68
C LEU A 947 8.92 5.03 -15.66
N ILE A 948 9.24 6.16 -16.29
CA ILE A 948 10.35 6.18 -17.23
C ILE A 948 11.65 5.94 -16.47
N PHE A 949 11.76 6.52 -15.26
CA PHE A 949 12.96 6.25 -14.47
C PHE A 949 13.03 4.79 -14.09
N GLY A 950 11.87 4.17 -13.87
CA GLY A 950 11.85 2.75 -13.54
C GLY A 950 12.36 1.90 -14.68
N LEU A 951 12.02 2.28 -15.91
CA LEU A 951 12.51 1.52 -17.06
C LEU A 951 14.01 1.67 -17.22
N PHE A 952 14.52 2.90 -17.11
CA PHE A 952 15.95 3.11 -17.26
C PHE A 952 16.74 2.45 -16.13
N GLU A 953 16.27 2.60 -14.88
CA GLU A 953 16.96 2.01 -13.74
C GLU A 953 16.92 0.49 -13.81
N GLU A 954 15.77 -0.08 -14.19
CA GLU A 954 15.66 -1.53 -14.29
C GLU A 954 16.64 -2.07 -15.34
N THR A 955 16.69 -1.42 -16.50
CA THR A 955 17.59 -1.86 -17.56
C THR A 955 19.05 -1.75 -17.13
N ALA A 956 19.42 -0.60 -16.55
CA ALA A 956 20.80 -0.40 -16.11
C ALA A 956 21.18 -1.38 -15.01
N LEU A 957 20.26 -1.63 -14.07
CA LEU A 957 20.52 -2.57 -12.99
C LEU A 957 20.78 -3.98 -13.54
N ALA A 958 19.96 -4.42 -14.49
CA ALA A 958 20.18 -5.75 -15.08
C ALA A 958 21.53 -5.82 -15.78
N ALA A 959 21.83 -4.79 -16.59
CA ALA A 959 23.11 -4.77 -17.31
C ALA A 959 24.27 -4.81 -16.33
N PHE A 960 24.13 -4.15 -15.17
CA PHE A 960 25.20 -4.18 -14.18
C PHE A 960 25.30 -5.55 -13.53
N LEU A 961 24.15 -6.18 -13.24
CA LEU A 961 24.15 -7.50 -12.64
C LEU A 961 24.80 -8.52 -13.56
N SER A 962 24.91 -8.22 -14.85
CA SER A 962 25.55 -9.17 -15.75
C SER A 962 26.98 -8.83 -16.11
N TYR A 963 27.31 -7.55 -16.32
CA TYR A 963 28.65 -7.17 -16.73
C TYR A 963 29.55 -6.66 -15.60
N CYS A 964 29.17 -6.88 -14.35
CA CYS A 964 30.04 -6.42 -13.27
C CYS A 964 31.16 -7.43 -13.04
N PRO A 965 32.41 -6.98 -12.92
CA PRO A 965 33.51 -7.91 -12.69
C PRO A 965 33.35 -8.68 -11.39
N GLY A 966 33.30 -10.00 -11.49
CA GLY A 966 33.13 -10.86 -10.34
C GLY A 966 31.74 -11.36 -10.12
N MET A 967 30.82 -11.14 -11.05
CA MET A 967 29.45 -11.63 -10.86
C MET A 967 29.36 -13.12 -11.11
N GLY A 968 30.15 -13.65 -12.04
CA GLY A 968 30.12 -15.08 -12.28
C GLY A 968 30.69 -15.88 -11.13
N VAL A 969 31.37 -15.22 -10.20
CA VAL A 969 31.95 -15.86 -9.03
C VAL A 969 31.15 -15.58 -7.77
N ALA A 970 30.48 -14.42 -7.67
CA ALA A 970 29.69 -14.07 -6.50
C ALA A 970 28.27 -14.62 -6.61
N LEU A 971 27.53 -14.21 -7.63
CA LEU A 971 26.17 -14.67 -7.85
C LEU A 971 26.06 -15.63 -9.02
N ARG A 972 27.19 -15.97 -9.65
CA ARG A 972 27.25 -16.87 -10.80
C ARG A 972 26.37 -16.38 -11.94
N MET A 973 26.45 -15.08 -12.21
CA MET A 973 25.71 -14.41 -13.30
C MET A 973 26.79 -13.86 -14.22
N TYR A 974 27.17 -14.67 -15.21
CA TYR A 974 28.21 -14.33 -16.16
C TYR A 974 27.75 -13.29 -17.16
N PRO A 975 28.69 -12.56 -17.79
CA PRO A 975 28.31 -11.56 -18.79
C PRO A 975 27.60 -12.19 -19.98
N LEU A 976 26.85 -11.37 -20.69
CA LEU A 976 26.09 -11.82 -21.85
C LEU A 976 26.64 -11.28 -23.14
N LYS A 977 26.59 -12.10 -24.18
CA LYS A 977 27.03 -11.66 -25.49
C LYS A 977 25.98 -10.66 -25.95
N PRO A 978 26.38 -9.49 -26.48
CA PRO A 978 25.40 -8.45 -26.86
C PRO A 978 24.21 -8.93 -27.66
N THR A 979 24.43 -9.80 -28.64
CA THR A 979 23.36 -10.32 -29.48
C THR A 979 22.25 -11.01 -28.71
N TRP A 980 22.41 -11.22 -27.39
CA TRP A 980 21.36 -11.86 -26.61
C TRP A 980 20.26 -10.88 -26.21
N TRP A 981 20.61 -9.59 -26.03
CA TRP A 981 19.61 -8.62 -25.61
C TRP A 981 18.45 -8.51 -26.59
N PHE A 982 18.70 -8.74 -27.88
CA PHE A 982 17.66 -8.66 -28.89
C PHE A 982 16.88 -9.95 -29.03
N CYS A 983 17.08 -10.94 -28.16
CA CYS A 983 16.34 -12.18 -28.29
C CYS A 983 14.90 -12.04 -27.83
N ALA A 984 14.66 -11.26 -26.79
CA ALA A 984 13.31 -11.07 -26.26
C ALA A 984 12.61 -9.84 -26.80
N PHE A 985 13.25 -9.08 -27.68
CA PHE A 985 12.61 -7.88 -28.24
C PHE A 985 11.31 -8.17 -28.99
N PRO A 986 11.25 -9.13 -29.93
CA PRO A 986 9.97 -9.36 -30.63
C PRO A 986 8.86 -9.77 -29.69
N TYR A 987 9.18 -10.54 -28.65
CA TYR A 987 8.17 -10.97 -27.69
C TYR A 987 7.59 -9.77 -26.93
N SER A 988 8.44 -8.84 -26.51
CA SER A 988 7.96 -7.66 -25.80
C SER A 988 7.08 -6.83 -26.71
N LEU A 989 7.53 -6.62 -27.96
CA LEU A 989 6.73 -5.86 -28.89
C LEU A 989 5.38 -6.54 -29.12
N LEU A 990 5.38 -7.88 -29.13
CA LEU A 990 4.14 -8.62 -29.31
C LEU A 990 3.21 -8.41 -28.14
N ILE A 991 3.76 -8.44 -26.91
CA ILE A 991 2.95 -8.22 -25.73
C ILE A 991 2.27 -6.86 -25.81
N PHE A 992 3.06 -5.85 -26.18
CA PHE A 992 2.53 -4.50 -26.31
C PHE A 992 1.42 -4.42 -27.36
N VAL A 993 1.69 -4.93 -28.56
CA VAL A 993 0.71 -4.88 -29.64
C VAL A 993 -0.57 -5.61 -29.27
N TYR A 994 -0.44 -6.83 -28.73
CA TYR A 994 -1.60 -7.62 -28.37
C TYR A 994 -2.46 -6.94 -27.31
N ASP A 995 -1.84 -6.52 -26.20
CA ASP A 995 -2.64 -5.86 -25.17
C ASP A 995 -3.19 -4.52 -25.66
N GLU A 996 -2.50 -3.87 -26.60
CA GLU A 996 -2.97 -2.61 -27.12
C GLU A 996 -4.25 -2.82 -27.92
N VAL A 997 -4.27 -3.82 -28.80
CA VAL A 997 -5.49 -4.07 -29.56
C VAL A 997 -6.58 -4.56 -28.62
N ARG A 998 -6.19 -5.23 -27.52
CA ARG A 998 -7.19 -5.68 -26.54
C ARG A 998 -7.92 -4.48 -25.93
N LYS A 999 -7.16 -3.53 -25.39
CA LYS A 999 -7.78 -2.34 -24.80
C LYS A 999 -8.51 -1.52 -25.85
N LEU A 1000 -8.05 -1.57 -27.11
CA LEU A 1000 -8.75 -0.82 -28.15
C LEU A 1000 -10.12 -1.44 -28.43
N ILE A 1001 -10.20 -2.78 -28.39
CA ILE A 1001 -11.48 -3.43 -28.61
C ILE A 1001 -12.40 -3.14 -27.43
N ILE A 1002 -11.84 -3.08 -26.21
CA ILE A 1002 -12.69 -2.77 -25.07
C ILE A 1002 -13.17 -1.32 -25.16
N ARG A 1003 -12.37 -0.46 -25.79
CA ARG A 1003 -12.74 0.94 -25.95
C ARG A 1003 -13.86 1.12 -26.99
N ARG A 1004 -13.72 0.48 -28.15
CA ARG A 1004 -14.72 0.59 -29.21
C ARG A 1004 -15.88 -0.39 -29.06
N ARG A 1005 -15.73 -1.47 -28.30
CA ARG A 1005 -16.78 -2.47 -28.10
C ARG A 1005 -16.97 -2.77 -26.62
N PRO A 1006 -17.50 -1.81 -25.84
CA PRO A 1006 -17.72 -2.05 -24.40
C PRO A 1006 -18.98 -2.87 -24.16
N GLY A 1007 -19.05 -4.04 -24.80
CA GLY A 1007 -20.20 -4.90 -24.69
C GLY A 1007 -20.05 -6.03 -23.68
N GLY A 1008 -19.78 -7.24 -24.18
CA GLY A 1008 -19.66 -8.39 -23.31
C GLY A 1008 -18.29 -9.02 -23.13
N TRP A 1009 -18.06 -10.09 -23.88
CA TRP A 1009 -16.84 -10.90 -23.83
C TRP A 1009 -15.53 -10.13 -23.66
N VAL A 1010 -15.26 -9.17 -24.54
CA VAL A 1010 -14.01 -8.41 -24.44
C VAL A 1010 -13.96 -7.53 -23.21
N GLU A 1011 -15.05 -7.42 -22.46
CA GLU A 1011 -15.12 -6.62 -21.25
C GLU A 1011 -15.26 -7.44 -19.99
N LYS A 1012 -15.92 -8.60 -20.06
CA LYS A 1012 -16.13 -9.47 -18.91
C LYS A 1012 -14.98 -10.43 -18.63
N GLU A 1013 -14.00 -10.53 -19.53
CA GLU A 1013 -12.89 -11.46 -19.32
C GLU A 1013 -11.54 -10.77 -19.18
N THR A 1014 -11.19 -9.89 -20.12
CA THR A 1014 -9.89 -9.23 -20.06
C THR A 1014 -9.85 -8.14 -18.99
N TYR A 1015 -10.79 -7.20 -19.04
CA TYR A 1015 -10.86 -6.08 -18.10
C TYR A 1015 -10.79 -6.54 -16.66
N TYR A 1016 -9.75 -6.10 -15.95
CA TYR A 1016 -9.54 -6.47 -14.55
C TYR A 1016 -9.66 -5.27 -13.62
N LYS B 13 -18.89 -23.23 1.92
CA LYS B 13 -18.12 -22.17 1.28
C LYS B 13 -17.47 -22.69 -0.01
N LYS B 14 -17.49 -24.01 -0.17
CA LYS B 14 -16.92 -24.66 -1.35
C LYS B 14 -17.99 -25.35 -2.18
N PHE B 15 -19.24 -24.89 -2.07
CA PHE B 15 -20.37 -25.45 -2.82
C PHE B 15 -20.59 -24.75 -4.15
N ILE B 16 -19.52 -24.30 -4.79
CA ILE B 16 -19.54 -23.63 -6.08
C ILE B 16 -19.89 -24.66 -7.17
N TRP B 17 -20.15 -25.89 -6.73
CA TRP B 17 -20.52 -27.01 -7.60
C TRP B 17 -21.54 -26.62 -8.66
N ASN B 18 -22.72 -26.20 -8.22
CA ASN B 18 -23.78 -25.81 -9.14
C ASN B 18 -24.51 -24.59 -8.62
N SER B 19 -25.41 -24.10 -9.46
CA SER B 19 -26.24 -22.93 -9.20
C SER B 19 -27.43 -23.02 -10.15
N GLU B 20 -28.41 -22.16 -9.93
CA GLU B 20 -29.58 -22.19 -10.81
C GLU B 20 -29.29 -21.59 -12.19
N LYS B 21 -28.12 -20.97 -12.37
CA LYS B 21 -27.72 -20.40 -13.64
C LYS B 21 -26.81 -21.34 -14.43
N LYS B 22 -26.91 -22.65 -14.15
CA LYS B 22 -26.13 -23.69 -14.82
C LYS B 22 -24.63 -23.45 -14.66
N GLU B 23 -24.16 -23.29 -13.43
CA GLU B 23 -22.76 -23.04 -13.14
C GLU B 23 -22.03 -24.32 -12.73
N PHE B 24 -20.82 -24.49 -13.26
CA PHE B 24 -19.97 -25.64 -12.97
C PHE B 24 -18.59 -25.10 -12.62
N LEU B 25 -18.13 -25.41 -11.40
CA LEU B 25 -16.83 -24.97 -10.88
C LEU B 25 -16.74 -23.45 -10.78
N GLY B 26 -17.83 -22.75 -11.08
CA GLY B 26 -17.82 -21.30 -11.01
C GLY B 26 -18.52 -20.55 -12.13
N ARG B 27 -18.50 -21.06 -13.36
CA ARG B 27 -19.14 -20.39 -14.48
C ARG B 27 -20.07 -21.33 -15.22
N THR B 28 -20.82 -20.75 -16.16
CA THR B 28 -21.82 -21.46 -16.94
C THR B 28 -21.18 -22.40 -17.96
N GLY B 29 -22.05 -23.11 -18.70
CA GLY B 29 -21.63 -24.03 -19.73
C GLY B 29 -21.13 -23.31 -20.97
N GLY B 30 -21.97 -22.40 -21.48
CA GLY B 30 -21.60 -21.63 -22.66
C GLY B 30 -20.37 -20.77 -22.44
N SER B 31 -20.00 -20.50 -21.19
CA SER B 31 -18.83 -19.69 -20.87
C SER B 31 -17.55 -20.53 -20.93
N TRP B 32 -17.63 -21.80 -20.52
CA TRP B 32 -16.46 -22.67 -20.54
C TRP B 32 -15.98 -22.89 -21.96
N PHE B 33 -16.92 -23.12 -22.89
CA PHE B 33 -16.49 -23.33 -24.29
C PHE B 33 -15.84 -22.08 -24.86
N LYS B 34 -16.38 -20.90 -24.53
CA LYS B 34 -15.82 -19.66 -25.03
C LYS B 34 -14.39 -19.44 -24.52
N ILE B 35 -14.20 -19.56 -23.20
CA ILE B 35 -12.87 -19.37 -22.62
C ILE B 35 -11.90 -20.43 -23.13
N LEU B 36 -12.33 -21.69 -23.16
CA LEU B 36 -11.46 -22.77 -23.62
C LEU B 36 -11.09 -22.59 -25.09
N LEU B 37 -12.04 -22.18 -25.93
CA LEU B 37 -11.74 -21.96 -27.34
C LEU B 37 -10.77 -20.81 -27.51
N PHE B 38 -10.95 -19.74 -26.74
CA PHE B 38 -10.02 -18.63 -26.87
C PHE B 38 -8.64 -19.03 -26.40
N TYR B 39 -8.55 -19.78 -25.31
CA TYR B 39 -7.24 -20.19 -24.83
C TYR B 39 -6.60 -21.17 -25.80
N VAL B 40 -7.40 -21.99 -26.48
CA VAL B 40 -6.83 -22.91 -27.46
C VAL B 40 -6.27 -22.14 -28.64
N ILE B 41 -7.02 -21.15 -29.14
CA ILE B 41 -6.56 -20.34 -30.26
C ILE B 41 -5.34 -19.51 -29.86
N PHE B 42 -5.43 -18.85 -28.71
CA PHE B 42 -4.35 -18.00 -28.20
C PHE B 42 -3.08 -18.79 -27.98
N TYR B 43 -3.16 -19.90 -27.25
CA TYR B 43 -1.99 -20.72 -26.98
C TYR B 43 -1.49 -21.39 -28.25
N GLY B 44 -2.37 -21.68 -29.22
CA GLY B 44 -1.90 -22.25 -30.47
C GLY B 44 -1.08 -21.24 -31.23
N CYS B 45 -1.54 -19.98 -31.24
CA CYS B 45 -0.78 -18.93 -31.91
C CYS B 45 0.56 -18.73 -31.21
N LEU B 46 0.55 -18.77 -29.87
CA LEU B 46 1.79 -18.61 -29.12
C LEU B 46 2.77 -19.73 -29.43
N ALA B 47 2.28 -20.98 -29.50
CA ALA B 47 3.16 -22.10 -29.81
C ALA B 47 3.70 -21.98 -31.22
N GLY B 48 2.84 -21.63 -32.18
CA GLY B 48 3.31 -21.47 -33.55
C GLY B 48 4.31 -20.34 -33.69
N ILE B 49 4.15 -19.29 -32.89
CA ILE B 49 5.08 -18.16 -32.93
C ILE B 49 6.42 -18.57 -32.33
N PHE B 50 6.39 -19.24 -31.17
CA PHE B 50 7.64 -19.69 -30.55
C PHE B 50 8.38 -20.62 -31.49
N ILE B 51 7.65 -21.53 -32.13
CA ILE B 51 8.26 -22.45 -33.07
C ILE B 51 8.80 -21.69 -34.27
N GLY B 52 8.06 -20.67 -34.74
CA GLY B 52 8.54 -19.88 -35.87
C GLY B 52 9.84 -19.14 -35.57
N THR B 53 9.98 -18.69 -34.32
CA THR B 53 11.21 -18.01 -33.93
C THR B 53 12.34 -19.00 -33.78
N ILE B 54 12.06 -20.14 -33.16
CA ILE B 54 13.08 -21.16 -32.97
C ILE B 54 13.54 -21.73 -34.31
N GLN B 55 12.69 -21.70 -35.34
CA GLN B 55 13.09 -22.21 -36.65
C GLN B 55 14.12 -21.29 -37.28
N VAL B 56 13.83 -19.97 -37.28
CA VAL B 56 14.84 -19.06 -37.84
C VAL B 56 16.11 -19.14 -37.01
N MET B 57 15.98 -19.41 -35.72
CA MET B 57 17.18 -19.57 -34.89
C MET B 57 17.97 -20.78 -35.35
N LEU B 58 17.28 -21.85 -35.73
CA LEU B 58 17.97 -23.04 -36.24
C LEU B 58 18.66 -22.71 -37.56
N LEU B 59 18.10 -21.78 -38.32
CA LEU B 59 18.71 -21.37 -39.58
C LEU B 59 19.92 -20.47 -39.34
N THR B 60 20.03 -19.88 -38.15
CA THR B 60 21.17 -19.01 -37.86
C THR B 60 22.46 -19.82 -37.73
N ILE B 61 22.45 -20.89 -36.94
CA ILE B 61 23.62 -21.72 -36.73
C ILE B 61 23.85 -22.61 -37.94
N SER B 62 25.10 -23.01 -38.13
CA SER B 62 25.47 -23.89 -39.24
C SER B 62 25.46 -25.34 -38.77
N GLU B 63 25.77 -26.26 -39.68
CA GLU B 63 25.80 -27.68 -39.37
C GLU B 63 27.21 -28.20 -39.13
N PHE B 64 28.22 -27.48 -39.58
CA PHE B 64 29.61 -27.91 -39.45
C PHE B 64 30.40 -27.15 -38.39
N LYS B 65 29.79 -26.21 -37.67
CA LYS B 65 30.57 -25.50 -36.67
C LYS B 65 29.71 -24.77 -35.65
N PRO B 66 30.00 -24.93 -34.36
CA PRO B 66 29.23 -24.20 -33.35
C PRO B 66 29.65 -22.74 -33.39
N THR B 67 28.65 -21.86 -33.37
CA THR B 67 28.92 -20.43 -33.44
C THR B 67 29.73 -19.90 -32.26
N TYR B 68 29.88 -20.66 -31.18
CA TYR B 68 30.65 -20.21 -30.03
C TYR B 68 31.41 -21.39 -29.46
N GLN B 69 32.72 -21.21 -29.26
CA GLN B 69 33.57 -22.26 -28.73
C GLN B 69 34.49 -21.76 -27.63
N ASP B 70 34.28 -20.54 -27.14
CA ASP B 70 35.13 -19.99 -26.09
C ASP B 70 34.87 -20.61 -24.73
N ARG B 71 33.70 -21.21 -24.53
CA ARG B 71 33.40 -21.83 -23.25
C ARG B 71 34.06 -23.19 -23.08
N VAL B 72 34.81 -23.65 -24.08
CA VAL B 72 35.52 -24.92 -24.04
C VAL B 72 36.98 -24.69 -24.38
N ALA B 73 37.51 -23.50 -24.02
CA ALA B 73 38.90 -23.18 -24.32
C ALA B 73 39.87 -24.21 -23.75
N PRO B 74 39.95 -24.46 -22.45
CA PRO B 74 40.87 -25.49 -21.95
C PRO B 74 40.21 -26.85 -22.00
N PRO B 75 40.69 -27.75 -22.86
CA PRO B 75 40.07 -29.08 -22.94
C PRO B 75 40.25 -29.86 -21.64
N GLY B 76 39.29 -30.75 -21.38
CA GLY B 76 39.31 -31.56 -20.18
C GLY B 76 40.19 -32.79 -20.32
N LEU B 77 40.19 -33.59 -19.26
CA LEU B 77 40.98 -34.82 -19.19
C LEU B 77 40.14 -35.84 -18.42
N THR B 78 39.48 -36.73 -19.15
CA THR B 78 38.62 -37.72 -18.51
C THR B 78 39.29 -39.10 -18.47
N GLN B 79 38.65 -40.04 -17.80
CA GLN B 79 39.16 -41.39 -17.64
C GLN B 79 38.12 -42.41 -18.09
N ILE B 80 38.54 -43.67 -18.14
CA ILE B 80 37.66 -44.77 -18.53
C ILE B 80 36.76 -45.17 -17.36
N PRO B 81 37.25 -45.39 -16.10
CA PRO B 81 36.31 -45.75 -15.05
C PRO B 81 35.61 -44.52 -14.48
N GLN B 82 34.48 -44.14 -15.07
CA GLN B 82 33.72 -42.97 -14.62
C GLN B 82 33.13 -43.30 -13.25
N SER B 83 33.96 -43.12 -12.23
CA SER B 83 33.59 -43.40 -10.87
C SER B 83 32.58 -42.38 -10.34
N GLN B 84 31.89 -42.77 -9.27
CA GLN B 84 30.89 -41.89 -8.65
C GLN B 84 31.55 -40.65 -8.04
N LYS B 85 32.77 -40.80 -7.53
CA LYS B 85 33.52 -39.70 -6.92
C LYS B 85 34.98 -39.74 -7.35
N THR B 86 35.25 -40.23 -8.57
CA THR B 86 36.59 -40.39 -9.13
C THR B 86 37.48 -41.26 -8.24
N GLU B 87 36.87 -42.22 -7.54
CA GLU B 87 37.59 -43.11 -6.65
C GLU B 87 37.43 -44.56 -7.12
N ILE B 88 38.54 -45.31 -7.08
CA ILE B 88 38.55 -46.71 -7.49
C ILE B 88 38.85 -47.58 -6.28
N SER B 89 37.79 -48.04 -5.62
CA SER B 89 37.89 -48.90 -4.43
C SER B 89 37.30 -50.25 -4.78
N PHE B 90 38.09 -51.30 -4.61
CA PHE B 90 37.67 -52.66 -4.92
C PHE B 90 38.55 -53.63 -4.15
N ARG B 91 38.33 -54.93 -4.40
CA ARG B 91 39.10 -55.99 -3.77
C ARG B 91 39.87 -56.76 -4.84
N PRO B 92 41.17 -57.01 -4.66
CA PRO B 92 41.93 -57.75 -5.68
C PRO B 92 41.46 -59.17 -5.91
N ASN B 93 40.64 -59.72 -5.01
CA ASN B 93 40.14 -61.09 -5.14
C ASN B 93 38.73 -61.17 -5.71
N ASP B 94 37.77 -60.52 -5.05
CA ASP B 94 36.36 -60.50 -5.44
C ASP B 94 36.17 -59.93 -6.84
N PRO B 95 35.72 -60.74 -7.81
CA PRO B 95 35.53 -60.20 -9.17
C PRO B 95 34.35 -59.25 -9.29
N GLN B 96 33.33 -59.38 -8.44
CA GLN B 96 32.18 -58.48 -8.51
C GLN B 96 32.46 -57.11 -7.94
N SER B 97 33.50 -56.97 -7.10
CA SER B 97 33.82 -55.67 -6.52
C SER B 97 34.31 -54.68 -7.58
N TYR B 98 35.01 -55.17 -8.60
CA TYR B 98 35.52 -54.32 -9.68
C TYR B 98 34.75 -54.49 -10.98
N GLU B 99 33.57 -55.13 -10.93
CA GLU B 99 32.78 -55.34 -12.14
C GLU B 99 32.32 -54.01 -12.73
N SER B 100 31.94 -53.07 -11.86
CA SER B 100 31.47 -51.75 -12.33
C SER B 100 32.55 -51.02 -13.11
N TYR B 101 33.83 -51.28 -12.82
CA TYR B 101 34.90 -50.62 -13.55
C TYR B 101 35.12 -51.29 -14.90
N VAL B 102 35.40 -52.60 -14.87
CA VAL B 102 35.67 -53.37 -16.09
C VAL B 102 34.55 -53.24 -17.11
N VAL B 103 33.29 -53.24 -16.65
CA VAL B 103 32.17 -53.10 -17.58
C VAL B 103 32.29 -51.80 -18.36
N SER B 104 32.60 -50.71 -17.66
CA SER B 104 32.75 -49.42 -18.32
C SER B 104 33.95 -49.41 -19.26
N ILE B 105 35.04 -50.07 -18.88
CA ILE B 105 36.22 -50.06 -19.75
C ILE B 105 35.93 -50.82 -21.03
N VAL B 106 35.28 -51.98 -20.93
CA VAL B 106 34.98 -52.78 -22.11
C VAL B 106 33.99 -52.05 -23.01
N ARG B 107 32.95 -51.44 -22.44
CA ARG B 107 32.02 -50.71 -23.29
C ARG B 107 32.69 -49.51 -23.94
N PHE B 108 33.65 -48.90 -23.26
CA PHE B 108 34.36 -47.76 -23.83
C PHE B 108 35.20 -48.20 -25.02
N LEU B 109 35.99 -49.25 -24.85
CA LEU B 109 36.86 -49.75 -25.90
C LEU B 109 36.15 -50.68 -26.88
N GLU B 110 34.83 -50.81 -26.79
CA GLU B 110 34.10 -51.68 -27.71
C GLU B 110 34.11 -51.14 -29.14
N LYS B 111 34.26 -49.82 -29.30
CA LYS B 111 34.29 -49.20 -30.62
C LYS B 111 35.70 -49.07 -31.16
N TYR B 112 36.69 -49.63 -30.46
CA TYR B 112 38.08 -49.58 -30.87
C TYR B 112 38.61 -50.92 -31.35
N LYS B 113 37.79 -51.96 -31.34
CA LYS B 113 38.25 -53.28 -31.78
C LYS B 113 38.56 -53.25 -33.27
N ASP B 114 39.46 -54.16 -33.67
CA ASP B 114 39.85 -54.25 -35.07
C ASP B 114 38.66 -54.55 -35.98
N LEU B 115 37.64 -55.24 -35.46
CA LEU B 115 36.46 -55.55 -36.26
C LEU B 115 35.55 -54.33 -36.40
N ALA B 116 35.59 -53.40 -35.44
CA ALA B 116 34.76 -52.21 -35.54
C ALA B 116 35.29 -51.27 -36.61
N GLN B 117 36.62 -51.12 -36.70
CA GLN B 117 37.26 -50.26 -37.68
C GLN B 117 37.78 -51.15 -38.80
N LYS B 118 36.87 -51.55 -39.69
CA LYS B 118 37.22 -52.40 -40.81
C LYS B 118 36.99 -51.76 -42.17
N ASP B 119 36.06 -50.82 -42.28
CA ASP B 119 35.79 -50.16 -43.55
C ASP B 119 36.94 -49.21 -43.89
N ASP B 120 37.50 -49.37 -45.09
CA ASP B 120 38.60 -48.53 -45.52
C ASP B 120 38.14 -47.23 -46.17
N MET B 121 36.84 -47.09 -46.43
CA MET B 121 36.31 -45.86 -47.03
C MET B 121 36.08 -44.77 -46.00
N ILE B 122 36.20 -45.10 -44.71
CA ILE B 122 36.00 -44.13 -43.63
C ILE B 122 37.15 -44.14 -42.63
N PHE B 123 38.08 -45.08 -42.78
CA PHE B 123 39.22 -45.19 -41.87
C PHE B 123 40.52 -45.04 -42.65
N GLU B 124 41.53 -44.49 -41.99
CA GLU B 124 42.85 -44.25 -42.59
C GLU B 124 43.94 -44.68 -41.62
N ASP B 125 44.85 -45.54 -42.08
CA ASP B 125 45.95 -46.02 -41.23
C ASP B 125 47.00 -44.91 -41.11
N CYS B 126 46.98 -44.21 -39.98
CA CYS B 126 47.89 -43.10 -39.72
C CYS B 126 49.36 -43.56 -39.72
N GLY B 127 49.72 -44.40 -38.77
CA GLY B 127 51.09 -44.89 -38.69
C GLY B 127 51.46 -45.29 -37.28
N ASN B 128 52.57 -46.04 -37.18
CA ASN B 128 53.10 -46.52 -35.92
C ASN B 128 53.92 -45.49 -35.16
N VAL B 129 54.13 -44.32 -35.73
CA VAL B 129 54.91 -43.26 -35.09
C VAL B 129 54.07 -41.98 -35.11
N PRO B 130 54.01 -41.23 -34.00
CA PRO B 130 53.23 -39.99 -34.00
C PRO B 130 53.79 -38.99 -34.99
N SER B 131 52.91 -38.46 -35.85
CA SER B 131 53.30 -37.50 -36.88
C SER B 131 52.60 -36.17 -36.66
N GLU B 132 52.84 -35.25 -37.60
CA GLU B 132 52.28 -33.91 -37.55
C GLU B 132 50.75 -33.95 -37.72
N LEU B 133 50.15 -32.78 -37.51
CA LEU B 133 48.70 -32.65 -37.62
C LEU B 133 48.24 -32.93 -39.04
N LYS B 134 47.06 -33.54 -39.16
CA LYS B 134 46.47 -33.91 -40.45
C LYS B 134 45.21 -33.08 -40.67
N GLU B 135 45.34 -32.01 -41.45
CA GLU B 135 44.21 -31.13 -41.75
C GLU B 135 43.55 -31.58 -43.05
N ARG B 136 42.28 -31.93 -42.96
CA ARG B 136 41.52 -32.39 -44.13
C ARG B 136 40.70 -31.24 -44.71
N GLY B 137 41.42 -30.28 -45.27
CA GLY B 137 40.80 -29.11 -45.90
C GLY B 137 40.05 -28.24 -44.91
N GLU B 138 39.02 -27.56 -45.42
CA GLU B 138 38.19 -26.68 -44.60
C GLU B 138 37.06 -27.47 -43.97
N TYR B 139 36.27 -26.79 -43.13
CA TYR B 139 35.16 -27.42 -42.43
C TYR B 139 33.85 -27.40 -43.20
N ASN B 140 33.83 -26.90 -44.43
CA ASN B 140 32.59 -26.87 -45.20
C ASN B 140 32.21 -28.27 -45.66
N ASN B 141 31.10 -28.35 -46.38
CA ASN B 141 30.63 -29.62 -46.92
C ASN B 141 31.04 -29.81 -48.38
N GLU B 142 31.92 -28.95 -48.88
CA GLU B 142 32.36 -29.07 -50.27
C GLU B 142 33.06 -30.40 -50.49
N ARG B 143 33.77 -30.88 -49.48
CA ARG B 143 34.43 -32.18 -49.55
C ARG B 143 33.49 -33.23 -48.97
N GLY B 144 33.78 -34.49 -49.28
CA GLY B 144 32.94 -35.56 -48.78
C GLY B 144 33.13 -35.81 -47.29
N GLU B 145 32.69 -36.97 -46.83
CA GLU B 145 32.85 -37.32 -45.43
C GLU B 145 34.32 -37.60 -45.14
N ARG B 146 34.92 -36.81 -44.26
CA ARG B 146 36.34 -36.93 -43.92
C ARG B 146 36.67 -38.32 -43.36
N LYS B 147 37.95 -38.66 -43.46
CA LYS B 147 38.44 -39.96 -42.95
C LYS B 147 38.90 -39.82 -41.52
N VAL B 148 38.77 -40.90 -40.76
CA VAL B 148 39.15 -40.94 -39.35
C VAL B 148 40.31 -41.91 -39.20
N CYS B 149 41.39 -41.44 -38.57
CA CYS B 149 42.54 -42.30 -38.38
C CYS B 149 42.24 -43.39 -37.35
N ARG B 150 42.68 -44.60 -37.66
CA ARG B 150 42.46 -45.75 -36.78
C ARG B 150 43.33 -45.65 -35.53
N PHE B 151 42.89 -46.37 -34.49
CA PHE B 151 43.60 -46.42 -33.22
C PHE B 151 43.31 -47.78 -32.61
N ARG B 152 44.20 -48.74 -32.82
CA ARG B 152 44.03 -50.09 -32.32
C ARG B 152 44.32 -50.18 -30.82
N LEU B 153 43.70 -51.17 -30.16
CA LEU B 153 43.88 -51.36 -28.72
C LEU B 153 45.28 -51.82 -28.38
N GLU B 154 46.04 -52.33 -29.35
CA GLU B 154 47.40 -52.79 -29.11
C GLU B 154 48.34 -51.67 -28.70
N TRP B 155 48.03 -50.42 -29.07
CA TRP B 155 48.90 -49.30 -28.70
C TRP B 155 48.99 -49.15 -27.19
N LEU B 156 47.90 -49.43 -26.47
CA LEU B 156 47.90 -49.34 -25.02
C LEU B 156 48.43 -50.68 -24.52
N GLY B 157 49.75 -50.77 -24.42
CA GLY B 157 50.36 -52.00 -23.97
C GLY B 157 50.02 -52.29 -22.52
N ASN B 158 49.85 -53.59 -22.23
CA ASN B 158 49.54 -54.14 -20.91
C ASN B 158 48.19 -53.71 -20.36
N CYS B 159 47.51 -52.82 -21.07
CA CYS B 159 46.18 -52.35 -20.71
C CYS B 159 45.29 -52.46 -21.94
N SER B 160 45.65 -53.38 -22.84
CA SER B 160 44.91 -53.63 -24.07
C SER B 160 43.53 -54.19 -23.74
N GLY B 161 42.68 -54.29 -24.75
CA GLY B 161 41.34 -54.79 -24.53
C GLY B 161 41.26 -56.30 -24.54
N LEU B 162 40.46 -56.84 -25.46
CA LEU B 162 40.27 -58.28 -25.59
C LEU B 162 41.12 -58.79 -26.76
N ASN B 163 42.42 -58.97 -26.49
CA ASN B 163 43.36 -59.46 -27.51
C ASN B 163 43.96 -60.81 -27.13
N ASP B 164 44.68 -60.86 -26.00
CA ASP B 164 45.30 -62.07 -25.48
C ASP B 164 44.99 -62.24 -24.01
N GLU B 165 44.89 -61.12 -23.29
CA GLU B 165 44.62 -61.13 -21.86
C GLU B 165 43.48 -60.16 -21.54
N THR B 166 42.26 -60.69 -21.39
CA THR B 166 41.14 -59.85 -21.00
C THR B 166 41.24 -59.75 -19.49
N TYR B 167 42.43 -59.35 -19.03
CA TYR B 167 42.78 -59.23 -17.62
C TYR B 167 41.78 -58.44 -16.79
N GLY B 168 40.95 -57.62 -17.42
CA GLY B 168 40.07 -56.80 -16.63
C GLY B 168 40.84 -55.72 -15.90
N TYR B 169 42.16 -55.66 -16.12
CA TYR B 169 43.10 -54.71 -15.54
C TYR B 169 43.09 -54.74 -14.03
N LYS B 170 42.56 -55.80 -13.41
CA LYS B 170 42.52 -55.81 -11.95
C LYS B 170 42.69 -57.22 -11.38
N ASP B 171 43.95 -57.53 -11.06
CA ASP B 171 44.43 -58.74 -10.39
C ASP B 171 45.55 -58.26 -9.49
N GLY B 172 45.49 -57.01 -9.10
CA GLY B 172 46.40 -56.18 -8.38
C GLY B 172 47.04 -55.29 -9.42
N LYS B 173 47.38 -54.04 -9.02
CA LYS B 173 47.98 -53.08 -9.96
C LYS B 173 47.07 -52.71 -11.14
N PRO B 174 46.04 -51.90 -10.91
CA PRO B 174 45.10 -51.56 -11.99
C PRO B 174 45.62 -50.58 -13.04
N CYS B 175 44.78 -50.42 -14.08
CA CYS B 175 45.00 -49.53 -15.23
C CYS B 175 43.91 -48.47 -15.28
N VAL B 176 44.29 -47.24 -15.64
CA VAL B 176 43.35 -46.13 -15.79
C VAL B 176 43.80 -45.29 -16.99
N ILE B 177 43.13 -45.45 -18.14
CA ILE B 177 43.51 -44.68 -19.32
C ILE B 177 42.87 -43.30 -19.24
N ILE B 178 43.52 -42.34 -19.88
CA ILE B 178 43.05 -40.96 -19.93
C ILE B 178 42.70 -40.62 -21.36
N LYS B 179 41.77 -39.67 -21.51
CA LYS B 179 41.31 -39.24 -22.82
C LYS B 179 41.17 -37.72 -22.84
N LEU B 180 41.59 -37.14 -23.97
CA LEU B 180 41.51 -35.70 -24.17
C LEU B 180 40.12 -35.34 -24.69
N ASN B 181 39.54 -34.29 -24.11
CA ASN B 181 38.21 -33.85 -24.51
C ASN B 181 38.18 -33.47 -25.98
N ARG B 182 37.37 -34.21 -26.73
CA ARG B 182 37.19 -34.01 -28.16
C ARG B 182 36.64 -32.61 -28.43
N VAL B 183 37.42 -31.76 -29.07
CA VAL B 183 37.01 -30.39 -29.38
C VAL B 183 37.16 -30.16 -30.88
N LEU B 184 36.14 -29.57 -31.48
CA LEU B 184 36.15 -29.31 -32.92
C LEU B 184 37.16 -28.23 -33.27
N GLY B 185 37.93 -28.48 -34.34
CA GLY B 185 38.92 -27.54 -34.82
C GLY B 185 40.07 -27.24 -33.87
N PHE B 186 40.14 -27.96 -32.76
CA PHE B 186 41.19 -27.74 -31.79
C PHE B 186 42.48 -28.41 -32.26
N LYS B 187 43.56 -27.62 -32.30
CA LYS B 187 44.87 -28.11 -32.72
C LYS B 187 45.80 -28.09 -31.50
N PRO B 188 46.08 -29.24 -30.89
CA PRO B 188 46.96 -29.27 -29.72
C PRO B 188 48.36 -28.78 -30.03
N LYS B 189 48.91 -28.00 -29.11
CA LYS B 189 50.26 -27.44 -29.23
C LYS B 189 51.08 -27.83 -28.00
N PRO B 190 51.97 -28.81 -28.12
CA PRO B 190 52.79 -29.23 -26.96
C PRO B 190 53.76 -28.13 -26.55
N PRO B 191 54.34 -28.21 -25.34
CA PRO B 191 55.27 -27.17 -24.90
C PRO B 191 56.61 -27.15 -25.64
N LYS B 192 57.49 -26.23 -25.21
CA LYS B 192 58.82 -26.04 -25.81
C LYS B 192 59.83 -25.58 -24.77
N ASN B 193 60.85 -24.81 -25.20
CA ASN B 193 61.97 -24.30 -24.40
C ASN B 193 61.70 -24.01 -22.92
N GLU B 194 60.67 -23.21 -22.61
CA GLU B 194 60.38 -22.91 -21.20
C GLU B 194 59.77 -24.13 -20.52
N SER B 195 60.63 -25.00 -19.98
CA SER B 195 60.22 -26.25 -19.33
C SER B 195 60.60 -26.26 -17.84
N LEU B 196 59.69 -25.76 -16.99
CA LEU B 196 59.87 -25.76 -15.55
C LEU B 196 59.22 -26.99 -14.90
N GLU B 197 58.40 -27.71 -15.67
CA GLU B 197 57.71 -28.90 -15.21
C GLU B 197 57.82 -30.07 -16.18
N THR B 198 58.23 -29.86 -17.42
CA THR B 198 58.35 -30.93 -18.41
C THR B 198 59.46 -31.88 -17.97
N TYR B 199 59.07 -33.04 -17.47
CA TYR B 199 60.05 -34.00 -17.03
C TYR B 199 60.54 -34.83 -18.22
N PRO B 200 61.70 -35.49 -18.08
CA PRO B 200 62.24 -36.28 -19.19
C PRO B 200 61.56 -37.61 -19.47
N VAL B 201 60.30 -37.77 -19.04
CA VAL B 201 59.50 -38.99 -19.20
C VAL B 201 59.70 -39.63 -20.58
N MET B 202 59.61 -38.85 -21.65
CA MET B 202 59.83 -39.41 -22.97
C MET B 202 60.43 -38.36 -23.91
N LYS B 203 61.30 -38.85 -24.80
CA LYS B 203 62.00 -38.02 -25.76
C LYS B 203 61.07 -37.30 -26.74
N TYR B 204 59.99 -37.95 -27.16
CA TYR B 204 59.09 -37.37 -28.16
C TYR B 204 58.33 -36.16 -27.62
N ASN B 205 58.87 -34.98 -27.87
CA ASN B 205 58.29 -33.67 -27.53
C ASN B 205 57.46 -32.98 -28.63
N PRO B 206 57.82 -33.02 -29.96
CA PRO B 206 57.06 -32.24 -30.95
C PRO B 206 55.74 -32.74 -31.53
N TYR B 207 55.49 -34.05 -31.65
CA TYR B 207 54.24 -34.49 -32.26
C TYR B 207 53.40 -35.34 -31.32
N VAL B 208 53.34 -34.93 -30.06
CA VAL B 208 52.53 -35.65 -29.07
C VAL B 208 52.29 -34.71 -27.91
N LEU B 209 51.07 -34.73 -27.41
CA LEU B 209 50.68 -33.91 -26.28
C LEU B 209 51.06 -34.69 -25.03
N PRO B 210 52.01 -34.23 -24.23
CA PRO B 210 52.41 -34.97 -23.04
C PRO B 210 51.43 -34.83 -21.89
N VAL B 211 51.33 -35.92 -21.12
CA VAL B 211 50.46 -36.01 -19.95
C VAL B 211 51.25 -36.76 -18.88
N HIS B 212 51.40 -36.14 -17.70
CA HIS B 212 52.16 -36.76 -16.62
C HIS B 212 51.30 -36.83 -15.36
N CYS B 213 51.28 -37.99 -14.73
CA CYS B 213 50.53 -38.21 -13.51
C CYS B 213 51.48 -38.13 -12.33
N THR B 214 50.93 -37.77 -11.16
CA THR B 214 51.72 -37.66 -9.94
C THR B 214 50.78 -37.70 -8.75
N GLY B 215 51.34 -37.57 -7.55
CA GLY B 215 50.54 -37.55 -6.36
C GLY B 215 49.93 -36.17 -6.22
N LYS B 216 49.57 -35.81 -4.99
CA LYS B 216 49.02 -34.47 -4.80
C LYS B 216 49.78 -33.75 -3.69
N ARG B 217 50.31 -34.51 -2.73
CA ARG B 217 51.05 -33.94 -1.62
C ARG B 217 52.22 -34.86 -1.30
N ASP B 218 52.96 -34.49 -0.25
CA ASP B 218 54.12 -35.27 0.17
C ASP B 218 53.78 -36.70 0.58
N GLU B 219 52.51 -36.98 0.89
CA GLU B 219 52.08 -38.31 1.29
C GLU B 219 51.70 -39.19 0.09
N ASP B 220 50.81 -38.68 -0.77
CA ASP B 220 50.39 -39.43 -1.93
C ASP B 220 51.55 -39.73 -2.86
N LYS B 221 52.46 -38.77 -3.02
CA LYS B 221 53.61 -38.98 -3.91
C LYS B 221 54.50 -40.12 -3.42
N GLU B 222 54.57 -40.35 -2.11
CA GLU B 222 55.39 -41.46 -1.61
C GLU B 222 54.63 -42.78 -1.68
N LYS B 223 53.33 -42.76 -1.38
CA LYS B 223 52.55 -43.99 -1.42
C LYS B 223 52.53 -44.60 -2.83
N VAL B 224 52.41 -43.77 -3.85
CA VAL B 224 52.39 -44.23 -5.24
C VAL B 224 53.83 -44.56 -5.64
N GLY B 225 54.13 -45.85 -5.74
CA GLY B 225 55.48 -46.26 -6.09
C GLY B 225 55.94 -46.03 -7.50
N THR B 226 55.37 -46.76 -8.47
CA THR B 226 55.78 -46.65 -9.85
C THR B 226 54.58 -46.58 -10.78
N MET B 227 54.72 -45.76 -11.82
CA MET B 227 53.68 -45.56 -12.83
C MET B 227 54.27 -45.85 -14.20
N GLU B 228 53.57 -46.64 -15.00
CA GLU B 228 53.99 -47.01 -16.35
C GLU B 228 52.93 -46.51 -17.32
N TYR B 229 53.34 -45.67 -18.26
CA TYR B 229 52.44 -45.10 -19.26
C TYR B 229 52.55 -45.86 -20.58
N PHE B 230 51.45 -45.84 -21.35
CA PHE B 230 51.40 -46.53 -22.63
C PHE B 230 50.64 -45.66 -23.63
N GLY B 231 51.21 -45.50 -24.82
CA GLY B 231 50.58 -44.71 -25.85
C GLY B 231 50.99 -45.14 -27.24
N LEU B 232 50.76 -44.29 -28.24
CA LEU B 232 51.11 -44.60 -29.63
C LEU B 232 52.63 -44.69 -29.74
N GLY B 233 53.13 -45.88 -30.02
CA GLY B 233 54.56 -46.07 -30.13
C GLY B 233 55.29 -46.04 -28.81
N GLY B 234 54.58 -45.93 -27.69
CA GLY B 234 55.19 -45.89 -26.38
C GLY B 234 55.35 -44.52 -25.78
N TYR B 235 54.64 -43.51 -26.27
CA TYR B 235 54.81 -42.18 -25.71
C TYR B 235 53.62 -41.82 -24.85
N PRO B 236 53.84 -41.29 -23.65
CA PRO B 236 52.74 -40.92 -22.76
C PRO B 236 52.05 -39.63 -23.18
N GLY B 237 51.21 -39.73 -24.20
CA GLY B 237 50.51 -38.55 -24.67
C GLY B 237 49.57 -38.88 -25.80
N PHE B 238 49.19 -37.83 -26.53
CA PHE B 238 48.29 -38.00 -27.66
C PHE B 238 48.98 -37.58 -28.96
N PRO B 239 48.94 -38.41 -29.99
CA PRO B 239 49.59 -38.05 -31.26
C PRO B 239 48.87 -36.91 -31.96
N LEU B 240 49.66 -36.01 -32.54
CA LEU B 240 49.09 -34.86 -33.25
C LEU B 240 48.45 -35.26 -34.57
N GLN B 241 48.65 -36.49 -35.04
CA GLN B 241 48.09 -36.96 -36.31
C GLN B 241 46.59 -37.22 -36.24
N TYR B 242 45.97 -37.13 -35.06
CA TYR B 242 44.54 -37.38 -34.92
C TYR B 242 43.72 -36.10 -34.77
N TYR B 243 44.33 -34.94 -34.88
CA TYR B 243 43.64 -33.66 -34.73
C TYR B 243 43.83 -32.80 -35.97
N PRO B 244 42.93 -31.82 -36.20
CA PRO B 244 41.75 -31.43 -35.42
C PRO B 244 40.49 -32.23 -35.70
N TYR B 245 39.48 -32.01 -34.87
CA TYR B 245 38.18 -32.67 -35.01
C TYR B 245 37.32 -31.87 -35.98
N TYR B 246 36.56 -32.59 -36.81
CA TYR B 246 35.70 -31.96 -37.81
C TYR B 246 34.21 -32.19 -37.53
N GLY B 247 33.84 -32.25 -36.27
CA GLY B 247 32.44 -32.44 -35.89
C GLY B 247 31.89 -33.83 -36.10
N LYS B 248 30.78 -34.13 -35.41
CA LYS B 248 30.15 -35.44 -35.52
C LYS B 248 29.46 -35.61 -36.87
N LEU B 249 29.03 -34.51 -37.49
CA LEU B 249 28.36 -34.59 -38.78
C LEU B 249 29.34 -34.98 -39.89
N LEU B 250 30.49 -34.33 -39.96
CA LEU B 250 31.47 -34.64 -41.00
C LEU B 250 32.39 -35.80 -40.64
N GLN B 251 32.56 -36.10 -39.35
CA GLN B 251 33.44 -37.20 -38.93
C GLN B 251 32.72 -38.13 -37.95
N PRO B 252 31.81 -38.96 -38.44
CA PRO B 252 31.14 -39.90 -37.56
C PRO B 252 32.06 -41.09 -37.28
N LYS B 253 31.82 -41.74 -36.14
CA LYS B 253 32.61 -42.88 -35.70
C LYS B 253 34.09 -42.51 -35.50
N TYR B 254 34.33 -41.26 -35.10
CA TYR B 254 35.69 -40.78 -34.88
C TYR B 254 36.23 -41.34 -33.57
N LEU B 255 37.52 -41.70 -33.58
CA LEU B 255 38.18 -42.28 -32.41
C LEU B 255 39.31 -41.35 -31.96
N GLN B 256 39.07 -40.61 -30.87
CA GLN B 256 40.08 -39.72 -30.35
C GLN B 256 41.22 -40.56 -29.75
N PRO B 257 42.44 -40.00 -29.67
CA PRO B 257 43.55 -40.78 -29.12
C PRO B 257 43.33 -41.17 -27.67
N LEU B 258 43.99 -42.26 -27.27
CA LEU B 258 43.92 -42.79 -25.91
C LEU B 258 45.33 -42.97 -25.38
N MET B 259 45.45 -43.00 -24.06
CA MET B 259 46.74 -43.16 -23.39
C MET B 259 46.48 -43.80 -22.03
N ALA B 260 47.05 -44.98 -21.81
CA ALA B 260 46.86 -45.72 -20.56
C ALA B 260 47.94 -45.40 -19.53
N VAL B 261 47.56 -45.55 -18.26
CA VAL B 261 48.44 -45.30 -17.11
C VAL B 261 48.19 -46.41 -16.09
N GLN B 262 49.26 -47.12 -15.71
CA GLN B 262 49.18 -48.20 -14.74
C GLN B 262 50.03 -47.86 -13.53
N PHE B 263 49.54 -48.19 -12.34
CA PHE B 263 50.24 -47.91 -11.09
C PHE B 263 50.66 -49.24 -10.48
N THR B 264 51.91 -49.64 -10.73
CA THR B 264 52.40 -50.93 -10.24
C THR B 264 52.65 -51.00 -8.72
N ASN B 265 53.59 -50.25 -8.17
CA ASN B 265 53.85 -50.38 -6.73
C ASN B 265 52.96 -49.46 -5.91
N LEU B 266 51.70 -49.87 -5.75
CA LEU B 266 50.77 -49.10 -4.96
C LEU B 266 50.74 -49.65 -3.54
N THR B 267 50.29 -48.81 -2.61
CA THR B 267 50.19 -49.20 -1.21
C THR B 267 48.76 -49.71 -1.02
N MET B 268 48.61 -51.05 -1.05
CA MET B 268 47.30 -51.65 -0.89
C MET B 268 46.69 -51.27 0.45
N ASP B 269 45.35 -51.23 0.49
CA ASP B 269 44.58 -50.87 1.68
C ASP B 269 44.91 -49.44 2.13
N THR B 270 45.07 -48.54 1.16
CA THR B 270 45.38 -47.15 1.44
C THR B 270 44.86 -46.29 0.30
N GLU B 271 44.00 -45.33 0.63
CA GLU B 271 43.42 -44.44 -0.37
C GLU B 271 44.42 -43.32 -0.65
N ILE B 272 44.94 -43.28 -1.88
CA ILE B 272 45.90 -42.28 -2.27
C ILE B 272 45.37 -41.49 -3.46
N ARG B 273 45.73 -40.21 -3.49
CA ARG B 273 45.28 -39.27 -4.52
C ARG B 273 46.33 -39.11 -5.61
N ILE B 274 45.86 -39.12 -6.86
CA ILE B 274 46.70 -38.99 -8.04
C ILE B 274 46.13 -37.87 -8.90
N GLU B 275 47.02 -37.01 -9.41
CA GLU B 275 46.67 -35.89 -10.27
C GLU B 275 47.41 -36.08 -11.59
N CYS B 276 46.67 -36.35 -12.65
CA CYS B 276 47.23 -36.52 -13.99
C CYS B 276 47.06 -35.19 -14.71
N LYS B 277 48.16 -34.45 -14.85
CA LYS B 277 48.15 -33.15 -15.48
C LYS B 277 48.66 -33.23 -16.91
N ALA B 278 47.88 -32.69 -17.84
CA ALA B 278 48.25 -32.66 -19.24
C ALA B 278 48.93 -31.32 -19.50
N TYR B 279 50.12 -31.36 -20.08
CA TYR B 279 50.87 -30.15 -20.34
C TYR B 279 50.81 -29.73 -21.80
N GLY B 280 50.88 -28.43 -22.02
CA GLY B 280 50.84 -27.86 -23.35
C GLY B 280 50.52 -26.38 -23.29
N GLU B 281 50.72 -25.72 -24.43
CA GLU B 281 50.45 -24.29 -24.51
C GLU B 281 48.96 -24.01 -24.67
N ASN B 282 48.29 -24.80 -25.51
CA ASN B 282 46.86 -24.65 -25.73
C ASN B 282 46.03 -25.36 -24.67
N ILE B 283 46.67 -25.83 -23.61
CA ILE B 283 46.00 -26.56 -22.53
C ILE B 283 46.00 -25.66 -21.30
N GLY B 284 44.82 -25.16 -20.95
CA GLY B 284 44.67 -24.32 -19.79
C GLY B 284 44.22 -25.14 -18.59
N TYR B 285 44.23 -24.48 -17.44
CA TYR B 285 43.83 -25.09 -16.19
C TYR B 285 42.85 -24.16 -15.48
N SER B 286 42.31 -24.64 -14.36
CA SER B 286 41.34 -23.84 -13.60
C SER B 286 41.27 -24.37 -12.18
N GLU B 287 41.38 -23.47 -11.21
CA GLU B 287 41.29 -23.86 -9.81
C GLU B 287 39.86 -24.19 -9.40
N LYS B 288 38.89 -23.87 -10.24
CA LYS B 288 37.48 -24.16 -9.99
C LYS B 288 37.03 -25.44 -10.66
N ASP B 289 37.65 -25.79 -11.80
CA ASP B 289 37.34 -27.02 -12.53
C ASP B 289 38.58 -27.90 -12.45
N ARG B 290 38.52 -28.91 -11.59
CA ARG B 290 39.64 -29.83 -11.43
C ARG B 290 39.81 -30.76 -12.63
N PHE B 291 38.95 -30.66 -13.65
CA PHE B 291 39.05 -31.50 -14.85
C PHE B 291 39.63 -30.75 -16.05
N GLN B 292 39.60 -29.42 -16.06
CA GLN B 292 40.14 -28.65 -17.17
C GLN B 292 41.65 -28.76 -17.20
N GLY B 293 42.17 -29.53 -18.15
CA GLY B 293 43.61 -29.71 -18.27
C GLY B 293 44.14 -30.83 -17.40
N ARG B 294 43.87 -30.78 -16.09
CA ARG B 294 44.35 -31.80 -15.18
C ARG B 294 43.29 -32.89 -15.01
N PHE B 295 43.55 -33.83 -14.10
CA PHE B 295 42.66 -34.95 -13.84
C PHE B 295 43.05 -35.58 -12.50
N ASP B 296 42.05 -35.94 -11.68
CA ASP B 296 42.28 -36.52 -10.37
C ASP B 296 41.64 -37.89 -10.22
N VAL B 297 42.19 -38.68 -9.30
CA VAL B 297 41.71 -40.04 -9.03
C VAL B 297 42.11 -40.41 -7.60
N LYS B 298 41.23 -41.15 -6.91
CA LYS B 298 41.46 -41.62 -5.54
C LYS B 298 41.47 -43.15 -5.58
N ILE B 299 42.64 -43.76 -5.69
CA ILE B 299 42.71 -45.21 -5.78
C ILE B 299 42.99 -45.83 -4.42
N GLU B 300 42.33 -46.98 -4.16
CA GLU B 300 42.48 -47.70 -2.90
C GLU B 300 42.24 -49.18 -3.19
N VAL B 301 43.33 -49.95 -3.30
CA VAL B 301 43.24 -51.39 -3.58
C VAL B 301 43.25 -52.08 -2.22
N LYS B 302 42.07 -52.20 -1.62
CA LYS B 302 41.92 -52.83 -0.30
C LYS B 302 41.72 -54.33 -0.48
N SER B 303 42.63 -55.12 0.09
CA SER B 303 42.57 -56.58 0.01
C SER B 303 41.76 -57.20 1.15
N ASP C 17 42.47 -17.84 -33.03
CA ASP C 17 41.71 -19.06 -32.78
C ASP C 17 40.24 -18.74 -32.50
N PRO C 18 39.33 -19.59 -33.00
CA PRO C 18 37.90 -19.36 -32.76
C PRO C 18 37.44 -19.71 -31.35
N PHE C 19 38.35 -20.14 -30.47
CA PHE C 19 38.04 -20.52 -29.11
C PHE C 19 38.34 -19.40 -28.11
N TYR C 20 38.28 -18.15 -28.55
CA TYR C 20 38.57 -17.02 -27.67
C TYR C 20 37.55 -15.91 -27.94
N TYR C 21 36.92 -15.42 -26.88
CA TYR C 21 35.94 -14.35 -26.96
C TYR C 21 36.47 -13.15 -26.19
N ASP C 22 36.45 -11.98 -26.83
CA ASP C 22 36.89 -10.75 -26.20
C ASP C 22 35.85 -10.35 -25.17
N TYR C 23 35.78 -11.10 -24.06
CA TYR C 23 34.80 -10.81 -23.02
C TYR C 23 35.05 -9.46 -22.37
N GLU C 24 36.29 -8.98 -22.37
CA GLU C 24 36.58 -7.69 -21.75
C GLU C 24 35.90 -6.54 -22.50
N THR C 25 35.90 -6.59 -23.83
CA THR C 25 35.27 -5.51 -24.60
C THR C 25 33.76 -5.47 -24.38
N VAL C 26 33.10 -6.63 -24.43
CA VAL C 26 31.66 -6.68 -24.23
C VAL C 26 31.31 -6.31 -22.79
N ARG C 27 32.11 -6.79 -21.83
CA ARG C 27 31.86 -6.47 -20.42
C ARG C 27 31.99 -4.97 -20.19
N ASN C 28 33.01 -4.35 -20.81
CA ASN C 28 33.19 -2.92 -20.67
C ASN C 28 32.05 -2.15 -21.32
N GLY C 29 31.58 -2.63 -22.48
CA GLY C 29 30.46 -1.97 -23.13
C GLY C 29 29.20 -2.04 -22.29
N GLY C 30 29.00 -3.17 -21.61
CA GLY C 30 27.85 -3.31 -20.75
C GLY C 30 27.93 -2.38 -19.56
N LEU C 31 29.14 -2.24 -18.98
CA LEU C 31 29.30 -1.32 -17.85
C LEU C 31 29.05 0.12 -18.27
N ILE C 32 29.57 0.50 -19.44
CA ILE C 32 29.37 1.86 -19.94
C ILE C 32 27.88 2.11 -20.18
N PHE C 33 27.20 1.13 -20.78
CA PHE C 33 25.78 1.29 -21.02
C PHE C 33 25.02 1.46 -19.73
N ALA C 34 25.33 0.61 -18.72
CA ALA C 34 24.64 0.70 -17.45
C ALA C 34 24.83 2.08 -16.82
N ALA C 35 26.06 2.59 -16.86
CA ALA C 35 26.33 3.91 -16.29
C ALA C 35 25.53 5.00 -17.01
N LEU C 36 25.56 4.98 -18.34
CA LEU C 36 24.84 5.98 -19.12
C LEU C 36 23.33 5.90 -18.88
N ALA C 37 22.76 4.69 -18.92
CA ALA C 37 21.32 4.53 -18.72
C ALA C 37 20.91 4.97 -17.33
N PHE C 38 21.73 4.70 -16.32
CA PHE C 38 21.37 5.10 -14.96
C PHE C 38 21.39 6.62 -14.82
N ILE C 39 22.46 7.26 -15.30
CA ILE C 39 22.51 8.72 -15.17
C ILE C 39 21.41 9.38 -16.00
N VAL C 40 21.04 8.79 -17.14
CA VAL C 40 19.97 9.37 -17.95
C VAL C 40 18.64 9.25 -17.21
N GLY C 41 18.41 8.09 -16.57
CA GLY C 41 17.19 7.94 -15.80
C GLY C 41 17.14 8.94 -14.66
N LEU C 42 18.30 9.17 -14.02
CA LEU C 42 18.36 10.15 -12.94
C LEU C 42 18.03 11.54 -13.46
N ILE C 43 18.50 11.85 -14.69
CA ILE C 43 18.22 13.14 -15.28
C ILE C 43 16.72 13.29 -15.49
N ILE C 44 16.06 12.21 -15.93
CA ILE C 44 14.62 12.26 -16.14
C ILE C 44 13.87 12.39 -14.83
N ILE C 45 14.33 11.73 -13.77
CA ILE C 45 13.63 11.83 -12.50
C ILE C 45 13.94 13.14 -11.78
N LEU C 46 15.13 13.69 -11.97
CA LEU C 46 15.54 14.96 -11.35
C LEU C 46 15.40 16.11 -12.33
N SER C 47 14.35 16.07 -13.16
CA SER C 47 14.09 17.08 -14.18
C SER C 47 14.00 18.49 -13.59
N LYS C 48 14.56 19.44 -14.34
CA LYS C 48 14.57 20.85 -13.97
C LYS C 48 14.48 21.70 -15.24
C1 NAG D . 53.44 -56.21 -19.56
C2 NAG D . 54.39 -55.43 -18.66
C3 NAG D . 55.61 -56.26 -18.29
C4 NAG D . 55.14 -57.53 -17.60
C5 NAG D . 54.28 -58.31 -18.59
C6 NAG D . 53.72 -59.61 -18.03
C7 NAG D . 55.55 -53.98 -20.33
C8 NAG D . 55.84 -52.57 -20.71
N2 NAG D . 54.80 -54.14 -19.23
O3 NAG D . 56.44 -55.41 -17.52
O4 NAG D . 56.18 -58.38 -17.10
O5 NAG D . 53.14 -57.51 -18.97
O6 NAG D . 53.64 -60.61 -19.03
O7 NAG D . 55.96 -54.93 -21.00
C1 NAG D . 56.89 -57.80 -15.94
C2 NAG D . 56.32 -58.18 -14.55
C3 NAG D . 57.18 -57.54 -13.45
C4 NAG D . 58.66 -57.82 -13.66
C5 NAG D . 59.10 -57.47 -15.09
C6 NAG D . 60.54 -57.82 -15.38
C7 NAG D . 53.92 -58.63 -14.21
C8 NAG D . 52.55 -58.02 -14.10
N2 NAG D . 54.93 -57.77 -14.41
O3 NAG D . 56.75 -57.99 -12.18
O4 NAG D . 59.43 -57.04 -12.75
O5 NAG D . 58.30 -58.19 -16.02
O6 NAG D . 60.83 -59.19 -15.12
O7 NAG D . 54.10 -59.85 -14.12
MG MG E . -19.66 18.66 16.45
MG MG F . -12.12 3.43 12.80
MG MG G . 8.43 -13.92 -7.79
C1 CLR H . 17.33 -12.81 -31.78
C2 CLR H . 18.84 -12.72 -31.48
C3 CLR H . 19.67 -13.92 -32.04
C4 CLR H . 19.32 -14.12 -33.55
C5 CLR H . 17.82 -14.11 -33.86
C6 CLR H . 17.25 -15.16 -34.50
C7 CLR H . 15.74 -15.24 -34.69
C8 CLR H . 15.16 -13.82 -34.81
C9 CLR H . 15.49 -13.00 -33.54
C10 CLR H . 17.06 -12.86 -33.29
C11 CLR H . 14.74 -11.62 -33.54
C12 CLR H . 13.23 -11.71 -33.94
C13 CLR H . 13.06 -12.49 -35.29
C14 CLR H . 13.67 -13.89 -35.00
C15 CLR H . 13.14 -14.86 -36.12
C16 CLR H . 11.77 -14.20 -36.57
C17 CLR H . 11.58 -12.89 -35.68
C18 CLR H . 13.78 -11.84 -36.49
C19 CLR H . 17.56 -11.56 -33.94
C20 CLR H . 10.78 -11.82 -36.49
C21 CLR H . 10.15 -10.68 -35.65
C22 CLR H . 9.61 -12.62 -37.20
C23 CLR H . 9.01 -11.84 -38.39
C24 CLR H . 7.45 -11.88 -38.15
C25 CLR H . 6.78 -10.66 -38.85
C26 CLR H . 5.46 -10.99 -39.60
C27 CLR H . 6.66 -9.54 -37.79
O1 CLR H . 21.06 -13.82 -31.82
C1 PCW I . 11.94 -28.11 -32.20
C2 PCW I . 10.59 -27.69 -31.59
C3 PCW I . 9.77 -28.88 -31.10
C4 PCW I . 12.33 -30.00 -36.65
C5 PCW I . 12.15 -29.46 -38.07
C6 PCW I . 13.01 -31.49 -39.03
C7 PCW I . 10.66 -31.29 -38.56
C8 PCW I . 11.63 -30.02 -40.35
C11 PCW I . 7.79 -29.42 -30.08
C12 PCW I . 6.47 -29.01 -29.42
C31 PCW I . 11.47 -27.24 -29.40
C32 PCW I . 11.61 -26.22 -28.28
N PCW I . 11.86 -30.57 -39.01
O2 PCW I . 10.81 -26.77 -30.50
O3 PCW I . 8.54 -28.40 -30.54
O11 PCW I . 8.10 -30.60 -30.17
O31 PCW I . 11.98 -28.35 -29.28
O1P PCW I . 13.40 -30.77 -34.15
O2P PCW I . 14.20 -28.51 -33.78
O3P PCW I . 11.80 -29.04 -33.27
O4P PCW I . 12.66 -28.95 -35.73
P PCW I . 13.05 -29.34 -34.21
C1 PCW J . 12.70 6.31 4.59
C2 PCW J . 12.70 4.94 5.26
C3 PCW J . 13.76 4.06 4.60
C4 PCW J . 11.27 10.71 5.64
C5 PCW J . 12.17 11.90 5.99
C6 PCW J . 10.37 13.49 5.79
C7 PCW J . 10.78 12.41 7.89
C8 PCW J . 12.32 14.05 7.07
C11 PCW J . 14.39 3.16 2.58
C12 PCW J . 14.50 1.73 3.12
C31 PCW J . 13.04 3.87 7.27
C32 PCW J . 11.71 3.09 7.28
N PCW J . 11.41 12.96 6.68
O2 PCW J . 13.00 5.09 6.66
O3 PCW J . 13.45 3.93 3.20
O11 PCW J . 15.10 3.55 1.67
O31 PCW J . 14.05 3.40 7.80
O1P PCW J . 9.80 8.65 4.36
O2P PCW J . 11.68 8.29 2.85
O3P PCW J . 11.68 7.17 5.10
O4P PCW J . 12.02 9.75 4.88
P PCW J . 11.28 8.46 4.27
C1 PCW K . -11.28 -19.63 -9.22
C2 PCW K . -10.09 -19.82 -10.17
C3 PCW K . -9.26 -21.03 -9.71
C4 PCW K . -14.30 -15.70 -8.04
C5 PCW K . -14.35 -14.25 -8.52
C6 PCW K . -16.73 -14.23 -8.16
C7 PCW K . -15.24 -13.51 -6.41
C8 PCW K . -15.54 -12.16 -8.38
C11 PCW K . -7.85 -21.91 -8.17
C12 PCW K . -8.43 -23.31 -8.26
C31 PCW K . -9.49 -20.07 -12.40
C32 PCW K . -9.24 -21.45 -13.01
N PCW K . -15.46 -13.54 -7.87
O2 PCW K . -10.54 -19.98 -11.52
O3 PCW K . -8.73 -20.89 -8.40
O11 PCW K . -6.65 -21.74 -7.94
O31 PCW K . -8.77 -19.11 -12.68
O1P PCW K . -12.95 -18.55 -7.24
O2P PCW K . -14.61 -18.48 -8.99
O3P PCW K . -12.19 -18.61 -9.63
O4P PCW K . -13.19 -16.43 -8.58
P PCW K . -13.25 -18.04 -8.60
C1 PCW L . 11.96 7.96 -2.67
C2 PCW L . 12.88 7.24 -3.65
C3 PCW L . 13.88 8.22 -4.28
C4 PCW L . 10.18 12.35 -3.06
C5 PCW L . 10.67 13.69 -2.51
C6 PCW L . 10.55 14.69 -4.69
C7 PCW L . 8.68 14.85 -3.19
C8 PCW L . 10.69 16.08 -2.74
C11 PCW L . 16.07 7.82 -4.80
C12 PCW L . 17.14 7.17 -5.67
C31 PCW L . 13.98 5.21 -3.91
C32 PCW L . 14.87 4.11 -3.33
N PCW L . 10.16 14.83 -3.28
O2 PCW L . 13.55 6.14 -3.01
O3 PCW L . 14.79 7.59 -5.19
O11 PCW L . 16.38 8.52 -3.83
O31 PCW L . 13.56 5.13 -5.06
O1P PCW L . 9.85 9.13 -1.19
O2P PCW L . 8.81 9.86 -3.25
O3P PCW L . 11.15 8.94 -3.32
O4P PCW L . 10.66 11.27 -2.26
P PCW L . 10.09 9.79 -2.50
C1 PCW M . -13.19 -3.98 -36.24
C2 PCW M . -11.80 -4.63 -36.31
C3 PCW M . -11.88 -6.16 -36.49
C4 PCW M . -17.26 -3.05 -35.29
C5 PCW M . -18.71 -3.58 -35.14
C6 PCW M . -19.70 -1.39 -35.17
C7 PCW M . -19.37 -2.58 -37.22
C8 PCW M . -21.03 -3.32 -35.67
C11 PCW M . -12.14 -8.09 -35.32
C12 PCW M . -12.71 -8.88 -34.14
C31 PCW M . -9.72 -4.54 -37.23
C32 PCW M . -8.99 -4.20 -35.93
N PCW M . -19.70 -2.72 -35.80
O2 PCW M . -10.98 -4.07 -37.33
O3 PCW M . -12.51 -6.78 -35.36
O11 PCW M . -11.41 -8.63 -36.15
O31 PCW M . -9.16 -5.20 -38.11
O1P PCW M . -14.64 -2.10 -34.69
O2P PCW M . -14.58 -3.64 -32.81
O3P PCW M . -13.89 -4.46 -35.08
O4P PCW M . -16.40 -3.92 -34.55
P PCW M . -14.87 -3.50 -34.27
C1 PCW N . 5.85 12.17 -23.21
C2 PCW N . 6.26 10.72 -22.87
C3 PCW N . 5.63 9.68 -23.80
C4 PCW N . 1.38 14.72 -22.96
C5 PCW N . -0.08 14.28 -22.94
C6 PCW N . -0.50 16.02 -21.31
C7 PCW N . -0.89 16.43 -23.64
C8 PCW N . -2.33 14.95 -22.43
C11 PCW N . 3.66 9.06 -24.79
C12 PCW N . 4.09 7.60 -24.98
C31 PCW N . 8.53 10.66 -23.68
C32 PCW N . 8.85 9.33 -24.39
N PCW N . -0.95 15.42 -22.58
O2 PCW N . 7.68 10.60 -22.62
O3 PCW N . 4.20 9.70 -23.72
O11 PCW N . 2.86 9.57 -25.57
O31 PCW N . 9.07 11.69 -24.03
O1P PCW N . 4.37 14.28 -24.62
O2P PCW N . 4.15 14.80 -22.25
O3P PCW N . 4.46 12.40 -22.95
O4P PCW N . 2.22 13.66 -23.44
P PCW N . 3.82 13.81 -23.32
C1 PCW O . -10.62 0.50 -40.04
C2 PCW O . -9.10 0.55 -39.91
C3 PCW O . -8.59 -0.15 -38.65
C4 PCW O . -14.73 1.92 -38.46
C5 PCW O . -16.09 1.83 -39.14
C6 PCW O . -17.25 2.60 -37.18
C7 PCW O . -16.49 4.17 -38.82
C8 PCW O . -18.32 2.72 -39.32
C11 PCW O . -6.67 -0.88 -37.62
C12 PCW O . -5.15 -0.91 -37.50
C31 PCW O . -8.51 -1.21 -41.42
C32 PCW O . -7.70 -1.62 -42.66
N PCW O . -17.03 2.83 -38.61
O2 PCW O . -8.41 0.11 -41.10
O3 PCW O . -7.16 -0.08 -38.61
O11 PCW O . -7.39 -1.54 -36.85
O31 PCW O . -9.20 -2.05 -40.85
O1P PCW O . -12.57 0.97 -36.81
O2P PCW O . -12.35 -0.99 -38.23
O3P PCW O . -11.28 1.16 -38.96
O4P PCW O . -13.87 0.89 -38.98
P PCW O . -12.51 0.49 -38.23
C1 PCW P . -16.37 -10.43 -30.88
C2 PCW P . -14.91 -10.67 -31.31
C3 PCW P . -14.26 -11.84 -30.54
C4 PCW P . -19.71 -10.89 -28.61
C5 PCW P . -20.51 -11.53 -27.49
C6 PCW P . -22.60 -11.16 -28.63
C7 PCW P . -21.41 -13.22 -28.95
C8 PCW P . -22.48 -12.76 -26.85
C11 PCW P . -12.40 -13.18 -30.54
C12 PCW P . -10.94 -13.45 -30.95
C31 PCW P . -15.26 -11.87 -33.34
C32 PCW P . -14.94 -11.95 -34.84
N PCW P . -21.75 -12.17 -27.98
O2 PCW P . -14.74 -10.76 -32.73
O3 PCW P . -12.91 -12.00 -30.99
O11 PCW P . -13.02 -14.00 -29.87
O31 PCW P . -15.99 -12.71 -32.83
O1P PCW P . -18.45 -8.70 -30.01
O2P PCW P . -17.17 -8.16 -28.02
O3P PCW P . -16.39 -10.03 -29.50
O4P PCW P . -18.54 -10.28 -28.05
P PCW P . -17.64 -9.26 -28.90
C1 H0C Q . 16.10 -29.05 -6.08
C2 H0C Q . 15.64 -29.44 -7.51
O1 H0C Q . 19.93 -32.79 -5.39
C3 H0C Q . 16.79 -29.25 -8.52
O2 H0C Q . 17.81 -30.22 -8.19
C4 H0C Q . 21.27 -34.72 -5.59
C5 H0C Q . 22.60 -34.60 -6.04
C6 H0C Q . 23.56 -35.50 -5.58
C7 H0C Q . 21.55 -37.66 -3.35
C8 H0C Q . 21.89 -36.64 -4.24
C9 H0C Q . 23.21 -36.51 -4.70
C10 H0C Q . 24.90 -35.39 -6.02
C11 H0C Q . 16.56 -27.54 -5.94
C12 H0C Q . 14.22 -26.41 -5.15
C13 H0C Q . 13.11 -25.45 -5.61
C14 H0C Q . 17.20 -27.36 -4.52
C15 H0C Q . 20.21 -33.75 -6.09
C16 H0C Q . 11.19 -20.18 -5.08
C17 H0C Q . 11.17 -21.64 -5.20
C18 H0C Q . 12.70 -20.58 -6.64
C19 H0C Q . 12.07 -21.87 -6.15
C20 H0C Q . 13.59 -23.98 -5.88
C21 H0C Q . 13.92 -23.29 -4.52
C22 H0C Q . 12.49 -23.22 -6.70
C23 H0C Q . 12.97 -23.21 -8.19
C24 H0C Q . 14.14 -24.22 -8.23
C25 H0C Q . 14.81 -23.98 -6.84
C26 H0C Q . 15.41 -26.46 -6.20
C27 H0C Q . 15.92 -24.99 -6.43
C28 H0C Q . 17.13 -24.91 -7.39
C29 H0C Q . 18.24 -25.93 -7.00
C30 H0C Q . 17.70 -27.37 -6.99
O3 H0C Q . 17.14 -29.99 -5.74
C31 H0C Q . 17.26 -27.77 -8.43
C32 H0C Q . 18.21 -31.09 -9.26
C33 H0C Q . 19.29 -32.05 -8.72
C34 H0C Q . 18.66 -33.01 -7.67
C35 H0C Q . 20.91 -35.74 -4.70
C36 H0C Q . 19.59 -35.89 -4.23
C37 H0C Q . 19.26 -36.91 -3.35
C38 H0C Q . 20.23 -37.80 -2.90
C39 H0C Q . 17.48 -33.75 -8.33
C40 H0C Q . 25.27 -34.38 -6.91
C41 H0C Q . 24.32 -33.49 -7.37
C42 H0C Q . 22.98 -33.59 -6.94
C43 H0C Q . 16.46 -32.72 -8.87
C44 H0C Q . 15.30 -33.41 -9.60
O4 H0C Q . 13.60 -27.69 -4.98
O5 H0C Q . 15.31 -22.63 -6.80
O6 H0C Q . 16.93 -26.07 -3.92
O7 H0C Q . 19.82 -32.87 -9.78
O8 H0C Q . 12.04 -19.55 -5.87
O9 H0C Q . 10.48 -19.58 -4.29
O10 H0C Q . 19.62 -33.99 -7.27
O11 H0C Q . 16.82 -34.59 -7.36
O12 H0C Q . 18.87 -28.16 -6.65
O13 H0C Q . 17.11 -31.84 -9.83
C1 CLR R . -9.18 -21.18 -16.74
C2 CLR R . -10.45 -20.30 -16.57
C3 CLR R . -10.28 -19.16 -15.53
C4 CLR R . -9.03 -18.33 -15.91
C5 CLR R . -7.77 -19.16 -16.09
C6 CLR R . -6.75 -19.00 -15.24
C7 CLR R . -5.61 -19.98 -15.17
C8 CLR R . -5.38 -20.59 -16.56
C9 CLR R . -6.64 -21.32 -17.04
C10 CLR R . -7.92 -20.37 -17.13
C11 CLR R . -6.37 -22.15 -18.35
C12 CLR R . -5.05 -23.00 -18.29
C13 CLR R . -3.83 -22.10 -17.85
C14 CLR R . -4.23 -21.56 -16.46
C15 CLR R . -2.93 -21.04 -15.78
C16 CLR R . -1.78 -21.90 -16.43
C17 CLR R . -2.49 -22.88 -17.47
C18 CLR R . -3.53 -20.95 -18.81
C19 CLR R . -8.07 -19.83 -18.57
C20 CLR R . -1.51 -23.17 -18.65
C21 CLR R . -1.92 -24.33 -19.59
C22 CLR R . -0.15 -23.55 -17.96
C23 CLR R . 1.04 -23.55 -18.95
C24 CLR R . 1.53 -25.07 -18.99
C25 CLR R . 2.25 -25.34 -20.34
C26 CLR R . 3.69 -25.93 -20.20
C27 CLR R . 1.29 -26.19 -21.22
O1 CLR R . -11.43 -18.37 -15.33
C1 NAG S . 57.83 -49.43 -5.20
C2 NAG S . 58.75 -48.73 -4.18
C3 NAG S . 59.94 -48.08 -4.89
C4 NAG S . 60.65 -49.08 -5.78
C5 NAG S . 59.66 -49.69 -6.76
C6 NAG S . 60.27 -50.75 -7.65
C7 NAG S . 57.29 -48.01 -2.32
C8 NAG S . 56.61 -46.85 -1.66
N2 NAG S . 58.00 -47.73 -3.42
O3 NAG S . 60.84 -47.57 -3.91
O4 NAG S . 61.70 -48.44 -6.51
O5 NAG S . 58.61 -50.32 -6.02
O6 NAG S . 61.28 -50.21 -8.48
O7 NAG S . 57.22 -49.15 -1.87
C1 CLR T . 24.90 -2.88 -25.98
C2 CLR T . 26.12 -3.81 -25.83
C3 CLR T . 26.35 -4.30 -24.39
C4 CLR T . 25.04 -4.96 -23.88
C5 CLR T . 23.81 -4.10 -24.04
C6 CLR T . 23.07 -3.78 -22.97
C7 CLR T . 21.92 -2.77 -23.07
C8 CLR T . 21.33 -2.80 -24.48
C9 CLR T . 22.43 -2.46 -25.52
C10 CLR T . 23.59 -3.55 -25.52
C11 CLR T . 21.83 -2.18 -26.94
C12 CLR T . 20.62 -1.18 -26.91
C13 CLR T . 19.52 -1.70 -25.93
C14 CLR T . 20.22 -1.75 -24.53
C15 CLR T . 19.07 -1.89 -23.48
C16 CLR T . 17.83 -1.16 -24.17
C17 CLR T . 18.34 -0.68 -25.61
C18 CLR T . 18.96 -3.07 -26.29
C19 CLR T . 23.22 -4.71 -26.50
C20 CLR T . 17.17 -0.69 -26.62
C21 CLR T . 17.35 0.21 -27.87
C22 CLR T . 15.88 -0.19 -25.84
C23 CLR T . 14.60 -0.56 -26.61
C24 CLR T . 13.46 0.40 -26.05
C25 CLR T . 12.10 -0.09 -26.63
C26 CLR T . 10.89 0.84 -26.33
C27 CLR T . 12.32 -0.41 -28.14
O1 CLR T . 27.49 -5.14 -24.23
#